data_8PVU
#
_entry.id   8PVU
#
_cell.length_a   1.00
_cell.length_b   1.00
_cell.length_c   1.00
_cell.angle_alpha   90.00
_cell.angle_beta   90.00
_cell.angle_gamma   90.00
#
_symmetry.space_group_name_H-M   'P 1'
#
loop_
_entity.id
_entity.type
_entity.pdbx_description
1 polymer 'Mitogen-activated protein kinase 1'
2 polymer 'Deoxyhypusine synthase'
#
loop_
_entity_poly.entity_id
_entity_poly.type
_entity_poly.pdbx_seq_one_letter_code
_entity_poly.pdbx_strand_id
1 'polypeptide(L)'
;SMAAAAAAGAGPEMVRGQVFDVGPRYTNLSYIGEGAYGMVCSAYDNVNKVRVAIKKISPFEHQTYCQRTLREIKILLRFR
HENIIGINDIIRAPTIEQMKDVYIVQDLMETDLYKLLKTQHLSNDHICYFLYQILRGLKYIHSANVLHRDLKPSNLLLNT
TCDLKICDFGLARVADPDHDHTGFLTEYVATRWYRAPEIMLNSKGYTKSIDIWSVGCILAEMLSNRPIFPGKHYLDQLNH
ILGILGSPSQEDLNCIINLKARNYLLSLPHKNKVPWNRLFPNADSKALDLLDKMLTFNPHKRIEVEQALAHPYLEQYYDP
SDEPIAEAPFKFDMELDDLPKEKLKELIFEETARFQPGYRS
;
E
2 'polypeptide(L)'
;SMEGSLEREAPAGALAAVLKHSSTLPPESTQVRGYDFNRGVNYRALLEAFGTTGFQATNFGRAVQQVNAMIEKKLEPLSQ
DEDQHADLTQSRRPLTSCTIFLGYTSNLISSGIRETIRYLVQHNMVDVLVTTAGGVEEDLIKCLAPTYLGEFSLRGKELR
ENGINRIGNLLVPNENYCKFEDWLMPILDQMVMEQNTEGVKWTPSKMIARLGKEINNPESVYYWAQKNHIPVFSPALTDG
SLGDMIFFHSYKNPGLVLDIVEDLRLINTQAIFAKCTGMIILGGGVVKHHIANANLMRNGADYAVYINTAQEFDGSDSGA
RPDEAVSWGKIRVDAQPVKVYADASLVFPLLVAETFAQKMDAFMHEKNED
;
A,B,C,D
#
# COMPACT_ATOMS: atom_id res chain seq x y z
N ARG A 25 -49.30 40.05 1.89
CA ARG A 25 -49.63 38.74 1.37
C ARG A 25 -48.62 37.69 1.80
N TYR A 26 -47.37 37.89 1.37
CA TYR A 26 -46.31 36.93 1.65
C TYR A 26 -45.89 37.03 3.11
N THR A 27 -45.87 35.89 3.79
CA THR A 27 -45.45 35.79 5.18
C THR A 27 -44.88 34.40 5.39
N ASN A 28 -44.59 34.07 6.66
CA ASN A 28 -44.03 32.77 7.01
C ASN A 28 -42.75 32.49 6.23
N LEU A 29 -41.89 33.49 6.15
CA LEU A 29 -40.65 33.36 5.38
C LEU A 29 -39.73 32.36 6.06
N SER A 30 -39.18 31.44 5.27
CA SER A 30 -38.30 30.40 5.78
C SER A 30 -37.27 30.06 4.71
N TYR A 31 -36.58 28.94 4.89
CA TYR A 31 -35.50 28.52 4.01
C TYR A 31 -35.78 27.13 3.47
N ILE A 32 -35.48 26.93 2.18
CA ILE A 32 -35.62 25.62 1.55
C ILE A 32 -34.28 25.18 0.97
N GLY A 33 -33.77 25.95 0.01
CA GLY A 33 -32.51 25.60 -0.62
C GLY A 33 -32.17 26.56 -1.72
N GLU A 34 -31.05 26.28 -2.39
CA GLU A 34 -30.57 27.14 -3.47
C GLU A 34 -29.72 26.36 -4.47
N GLY A 38 -30.56 29.51 -8.73
CA GLY A 38 -31.18 30.48 -7.85
C GLY A 38 -31.38 29.95 -6.44
N MET A 39 -32.43 30.44 -5.78
CA MET A 39 -32.74 30.07 -4.41
C MET A 39 -34.24 29.86 -4.26
N VAL A 40 -34.63 28.84 -3.52
CA VAL A 40 -36.03 28.55 -3.22
C VAL A 40 -36.24 28.68 -1.72
N CYS A 41 -37.32 29.36 -1.33
CA CYS A 41 -37.61 29.60 0.07
C CYS A 41 -39.09 29.36 0.34
N SER A 42 -39.41 29.05 1.58
CA SER A 42 -40.79 28.85 2.00
C SER A 42 -41.50 30.19 2.16
N ALA A 43 -42.79 30.20 1.82
CA ALA A 43 -43.59 31.41 1.91
C ALA A 43 -45.06 31.03 2.05
N TYR A 44 -45.86 32.00 2.48
CA TYR A 44 -47.29 31.81 2.68
C TYR A 44 -48.02 33.06 2.20
N ASP A 45 -49.04 32.86 1.37
CA ASP A 45 -49.83 33.96 0.85
C ASP A 45 -51.00 34.22 1.80
N ASN A 46 -51.05 35.43 2.37
CA ASN A 46 -52.15 35.78 3.25
C ASN A 46 -53.48 35.80 2.50
N VAL A 47 -53.49 36.36 1.30
CA VAL A 47 -54.73 36.46 0.53
C VAL A 47 -55.19 35.08 0.07
N ASN A 48 -54.25 34.30 -0.49
CA ASN A 48 -54.60 32.97 -0.99
C ASN A 48 -54.77 31.95 0.12
N LYS A 49 -54.24 32.22 1.31
CA LYS A 49 -54.35 31.32 2.46
C LYS A 49 -53.78 29.93 2.16
N VAL A 50 -52.79 29.86 1.28
CA VAL A 50 -52.21 28.60 0.85
C VAL A 50 -50.70 28.68 1.01
N ARG A 51 -50.06 27.51 1.09
CA ARG A 51 -48.62 27.40 1.28
C ARG A 51 -47.97 26.98 -0.03
N VAL A 52 -46.98 27.75 -0.47
CA VAL A 52 -46.28 27.51 -1.73
C VAL A 52 -44.81 27.88 -1.54
N ALA A 53 -44.03 27.64 -2.58
CA ALA A 53 -42.61 27.96 -2.60
C ALA A 53 -42.29 28.96 -3.71
N ILE A 54 -41.25 29.75 -3.50
CA ILE A 54 -40.84 30.80 -4.42
C ILE A 54 -39.38 30.58 -4.77
N LYS A 55 -39.06 30.61 -6.06
CA LYS A 55 -37.71 30.40 -6.55
C LYS A 55 -37.23 31.65 -7.30
N LYS A 56 -35.99 32.05 -7.04
CA LYS A 56 -35.41 33.21 -7.69
C LYS A 56 -34.71 32.80 -8.97
N ILE A 57 -35.05 33.48 -10.06
CA ILE A 57 -34.48 33.22 -11.38
C ILE A 57 -33.76 34.48 -11.85
N SER A 58 -32.51 34.34 -12.29
CA SER A 58 -31.75 35.49 -12.83
C SER A 58 -31.02 35.06 -14.10
N PRO A 59 -31.70 34.95 -15.26
CA PRO A 59 -31.07 34.47 -16.49
C PRO A 59 -30.53 35.60 -17.37
N PHE A 60 -30.66 36.84 -16.94
CA PHE A 60 -30.25 38.00 -17.78
C PHE A 60 -28.75 37.95 -18.07
N GLU A 61 -27.95 37.41 -17.15
CA GLU A 61 -26.47 37.46 -17.32
C GLU A 61 -26.04 36.80 -18.63
N HIS A 62 -26.63 35.65 -18.97
CA HIS A 62 -26.19 34.92 -20.18
C HIS A 62 -27.41 34.66 -21.08
N GLN A 63 -27.23 34.82 -22.40
CA GLN A 63 -28.34 34.53 -23.35
C GLN A 63 -28.71 33.05 -23.19
N THR A 64 -27.69 32.20 -22.97
CA THR A 64 -27.95 30.74 -22.86
C THR A 64 -28.89 30.52 -21.68
N TYR A 65 -28.65 31.21 -20.56
CA TYR A 65 -29.55 31.08 -19.40
C TYR A 65 -30.94 31.60 -19.77
N CYS A 66 -30.99 32.66 -20.58
CA CYS A 66 -32.29 33.26 -20.98
C CYS A 66 -33.05 32.29 -21.90
N GLN A 67 -32.33 31.52 -22.71
CA GLN A 67 -32.99 30.56 -23.62
C GLN A 67 -33.75 29.56 -22.76
N ARG A 68 -33.11 29.11 -21.68
CA ARG A 68 -33.78 28.18 -20.75
C ARG A 68 -34.97 28.90 -20.14
N THR A 69 -34.78 30.16 -19.74
CA THR A 69 -35.88 30.86 -19.05
C THR A 69 -37.06 31.02 -20.02
N LEU A 70 -36.78 31.38 -21.27
CA LEU A 70 -37.89 31.67 -22.21
C LEU A 70 -38.72 30.40 -22.41
N ARG A 71 -38.03 29.29 -22.62
CA ARG A 71 -38.75 28.03 -22.89
C ARG A 71 -39.54 27.66 -21.63
N GLU A 72 -38.93 27.80 -20.46
CA GLU A 72 -39.62 27.31 -19.25
C GLU A 72 -40.93 28.08 -19.05
N ILE A 73 -40.90 29.42 -19.15
CA ILE A 73 -42.16 30.13 -18.89
C ILE A 73 -43.15 29.72 -19.97
N LYS A 74 -42.70 29.68 -21.23
CA LYS A 74 -43.63 29.37 -22.35
C LYS A 74 -44.16 27.94 -22.23
N ILE A 75 -43.29 26.97 -21.98
CA ILE A 75 -43.75 25.55 -21.98
C ILE A 75 -44.72 25.31 -20.83
N LEU A 76 -44.40 25.79 -19.62
CA LEU A 76 -45.27 25.45 -18.47
C LEU A 76 -46.62 26.13 -18.67
N LEU A 77 -46.61 27.41 -19.03
CA LEU A 77 -47.85 28.15 -19.07
C LEU A 77 -48.83 27.54 -20.06
N ARG A 78 -48.34 27.13 -21.25
CA ARG A 78 -49.30 26.62 -22.23
C ARG A 78 -49.84 25.25 -21.86
N PHE A 79 -49.04 24.42 -21.18
CA PHE A 79 -49.50 23.09 -20.80
C PHE A 79 -50.59 23.17 -19.73
N ARG A 80 -51.31 22.06 -19.56
CA ARG A 80 -52.30 21.96 -18.50
C ARG A 80 -52.62 20.48 -18.27
N HIS A 81 -52.50 20.04 -17.02
CA HIS A 81 -52.79 18.66 -16.64
C HIS A 81 -52.61 18.52 -15.13
N GLU A 82 -53.19 17.45 -14.59
CA GLU A 82 -53.10 17.18 -13.15
C GLU A 82 -51.69 16.77 -12.74
N ASN A 83 -51.10 15.81 -13.46
CA ASN A 83 -49.80 15.27 -13.07
C ASN A 83 -48.67 16.26 -13.31
N ILE A 84 -48.69 16.98 -14.41
CA ILE A 84 -47.64 17.94 -14.73
C ILE A 84 -47.78 19.16 -13.84
N ILE A 85 -46.66 19.61 -13.26
CA ILE A 85 -46.69 20.73 -12.34
C ILE A 85 -47.16 21.99 -13.07
N GLY A 86 -47.67 22.96 -12.30
CA GLY A 86 -48.24 24.15 -12.87
C GLY A 86 -47.76 25.40 -12.17
N ILE A 87 -47.97 26.52 -12.85
CA ILE A 87 -47.60 27.86 -12.37
C ILE A 87 -48.87 28.67 -12.23
N ASN A 88 -49.05 29.28 -11.06
CA ASN A 88 -50.24 30.08 -10.77
C ASN A 88 -49.97 31.59 -10.75
N ASP A 89 -48.78 32.01 -10.34
CA ASP A 89 -48.46 33.43 -10.31
C ASP A 89 -46.97 33.62 -10.48
N ILE A 90 -46.59 34.77 -11.00
CA ILE A 90 -45.19 35.17 -11.14
C ILE A 90 -45.04 36.58 -10.56
N ILE A 91 -44.09 36.74 -9.64
CA ILE A 91 -43.85 38.05 -9.00
C ILE A 91 -42.83 38.77 -9.86
N ARG A 92 -43.33 39.41 -10.92
CA ARG A 92 -42.51 40.14 -11.88
C ARG A 92 -41.35 39.29 -12.42
N TYR A 103 -38.71 34.38 -8.02
CA TYR A 103 -39.97 35.11 -7.90
C TYR A 103 -41.08 34.39 -8.67
N ILE A 104 -41.09 33.06 -8.57
CA ILE A 104 -42.05 32.21 -9.27
C ILE A 104 -42.85 31.46 -8.22
N VAL A 105 -44.17 31.48 -8.34
CA VAL A 105 -45.07 30.91 -7.35
C VAL A 105 -45.56 29.56 -7.86
N GLN A 106 -45.14 28.48 -7.20
CA GLN A 106 -45.56 27.13 -7.54
C GLN A 106 -45.77 26.35 -6.25
N ASP A 107 -46.55 25.28 -6.35
CA ASP A 107 -46.81 24.44 -5.20
C ASP A 107 -45.53 23.71 -4.77
N LEU A 108 -45.53 23.22 -3.53
CA LEU A 108 -44.37 22.58 -2.95
C LEU A 108 -44.70 21.16 -2.53
N MET A 109 -43.73 20.27 -2.71
CA MET A 109 -43.83 18.88 -2.28
C MET A 109 -42.83 18.62 -1.15
N GLU A 110 -43.07 17.52 -0.44
CA GLU A 110 -42.25 17.19 0.72
C GLU A 110 -40.84 16.78 0.30
N THR A 111 -40.72 15.87 -0.66
CA THR A 111 -39.42 15.35 -1.04
C THR A 111 -39.51 14.74 -2.43
N ASP A 112 -38.36 14.55 -3.05
CA ASP A 112 -38.26 13.96 -4.37
C ASP A 112 -37.98 12.47 -4.26
N LEU A 113 -37.82 11.82 -5.42
CA LEU A 113 -37.56 10.39 -5.43
C LEU A 113 -36.16 10.05 -4.94
N TYR A 114 -35.23 11.00 -5.02
CA TYR A 114 -33.85 10.72 -4.64
C TYR A 114 -33.75 10.30 -3.18
N LYS A 115 -34.33 11.10 -2.28
CA LYS A 115 -34.23 10.80 -0.85
C LYS A 115 -34.98 9.52 -0.49
N LEU A 116 -36.17 9.33 -1.06
CA LEU A 116 -36.94 8.13 -0.75
C LEU A 116 -36.21 6.88 -1.21
N LEU A 117 -35.63 6.91 -2.42
CA LEU A 117 -34.85 5.77 -2.88
C LEU A 117 -33.59 5.58 -2.06
N LYS A 118 -33.03 6.68 -1.54
CA LYS A 118 -31.84 6.54 -0.71
C LYS A 118 -32.16 5.86 0.62
N THR A 119 -33.31 6.18 1.22
CA THR A 119 -33.59 5.68 2.56
C THR A 119 -34.39 4.38 2.54
N GLN A 120 -35.60 4.41 1.99
CA GLN A 120 -36.54 3.30 2.15
C GLN A 120 -36.59 2.44 0.89
N HIS A 121 -36.56 1.13 1.10
CA HIS A 121 -36.76 0.22 -0.02
C HIS A 121 -38.22 0.19 -0.44
N LEU A 122 -38.45 -0.20 -1.68
CA LEU A 122 -39.78 -0.18 -2.28
C LEU A 122 -40.38 -1.57 -2.30
N SER A 123 -41.68 -1.62 -2.56
CA SER A 123 -42.43 -2.87 -2.64
C SER A 123 -43.14 -2.94 -3.99
N ASN A 124 -43.75 -4.10 -4.25
CA ASN A 124 -44.32 -4.37 -5.56
C ASN A 124 -45.45 -3.41 -5.90
N ASP A 125 -46.39 -3.22 -4.97
CA ASP A 125 -47.53 -2.35 -5.24
C ASP A 125 -47.09 -0.91 -5.44
N HIS A 126 -46.18 -0.43 -4.60
CA HIS A 126 -45.70 0.94 -4.74
C HIS A 126 -44.97 1.16 -6.05
N ILE A 127 -44.13 0.20 -6.45
CA ILE A 127 -43.45 0.31 -7.74
C ILE A 127 -44.46 0.35 -8.87
N CYS A 128 -45.48 -0.52 -8.80
CA CYS A 128 -46.52 -0.54 -9.82
C CYS A 128 -47.20 0.82 -9.95
N TYR A 129 -47.62 1.39 -8.82
CA TYR A 129 -48.33 2.67 -8.86
C TYR A 129 -47.44 3.77 -9.40
N PHE A 130 -46.19 3.84 -8.94
CA PHE A 130 -45.29 4.88 -9.42
C PHE A 130 -45.06 4.77 -10.92
N LEU A 131 -44.95 3.54 -11.44
CA LEU A 131 -44.71 3.34 -12.89
C LEU A 131 -45.95 3.75 -13.70
N TYR A 132 -47.14 3.42 -13.22
CA TYR A 132 -48.37 3.73 -13.99
C TYR A 132 -48.50 5.24 -14.14
N GLN A 133 -48.09 5.98 -13.11
CA GLN A 133 -48.30 7.45 -13.15
C GLN A 133 -47.19 8.07 -13.98
N ILE A 134 -45.92 7.67 -13.80
CA ILE A 134 -44.87 8.36 -14.61
C ILE A 134 -45.24 8.22 -16.07
N LEU A 135 -45.74 7.04 -16.44
CA LEU A 135 -46.12 6.79 -17.86
C LEU A 135 -47.29 7.69 -18.24
N ARG A 136 -48.23 7.90 -17.32
CA ARG A 136 -49.44 8.69 -17.71
C ARG A 136 -48.98 10.09 -18.11
N GLY A 137 -48.04 10.64 -17.35
CA GLY A 137 -47.50 11.96 -17.70
C GLY A 137 -46.80 11.90 -19.04
N LEU A 138 -46.06 10.83 -19.29
CA LEU A 138 -45.27 10.76 -20.54
C LEU A 138 -46.25 10.80 -21.69
N LYS A 139 -47.40 10.16 -21.55
CA LYS A 139 -48.34 10.10 -22.70
C LYS A 139 -48.74 11.53 -23.06
N TYR A 140 -49.07 12.37 -22.08
CA TYR A 140 -49.56 13.74 -22.43
C TYR A 140 -48.43 14.53 -23.09
N ILE A 141 -47.22 14.47 -22.54
CA ILE A 141 -46.12 15.31 -23.11
C ILE A 141 -45.84 14.86 -24.53
N HIS A 142 -45.79 13.55 -24.74
CA HIS A 142 -45.53 13.00 -26.10
C HIS A 142 -46.70 13.33 -27.03
N SER A 143 -47.93 13.22 -26.53
CA SER A 143 -49.13 13.57 -27.35
C SER A 143 -49.02 15.05 -27.68
N ALA A 144 -48.51 15.83 -26.74
CA ALA A 144 -48.39 17.29 -26.94
C ALA A 144 -47.32 17.52 -27.99
N ASN A 145 -46.64 16.46 -28.44
CA ASN A 145 -45.70 16.62 -29.55
C ASN A 145 -44.53 17.52 -29.16
N VAL A 146 -44.06 17.39 -27.92
CA VAL A 146 -42.89 18.12 -27.45
C VAL A 146 -41.87 17.10 -26.98
N LEU A 147 -40.60 17.33 -27.31
CA LEU A 147 -39.52 16.42 -26.98
C LEU A 147 -38.94 16.79 -25.62
N HIS A 148 -38.86 15.79 -24.74
CA HIS A 148 -38.25 15.99 -23.44
C HIS A 148 -36.84 15.41 -23.42
N ARG A 149 -36.09 15.79 -22.39
CA ARG A 149 -34.73 15.32 -22.21
C ARG A 149 -34.38 15.44 -20.74
N ASP A 150 -33.35 14.72 -20.33
CA ASP A 150 -32.86 14.74 -18.96
C ASP A 150 -33.98 14.48 -17.96
N LEU A 151 -34.73 13.41 -18.21
CA LEU A 151 -35.83 13.01 -17.34
C LEU A 151 -35.30 12.06 -16.26
N LYS A 152 -34.49 12.62 -15.38
CA LYS A 152 -33.83 11.93 -14.29
C LYS A 152 -34.69 12.01 -13.02
N PRO A 153 -34.52 11.06 -12.08
CA PRO A 153 -35.43 11.01 -10.93
C PRO A 153 -35.32 12.21 -10.01
N SER A 154 -34.23 12.96 -10.09
CA SER A 154 -34.14 14.18 -9.31
C SER A 154 -35.17 15.22 -9.73
N ASN A 155 -35.79 15.05 -10.90
CA ASN A 155 -36.82 15.95 -11.39
C ASN A 155 -38.22 15.38 -11.22
N LEU A 156 -38.37 14.35 -10.39
CA LEU A 156 -39.67 13.80 -10.04
C LEU A 156 -39.93 14.05 -8.56
N LEU A 157 -41.11 14.57 -8.24
CA LEU A 157 -41.43 15.02 -6.90
C LEU A 157 -42.57 14.21 -6.30
N LEU A 158 -42.57 14.11 -4.98
CA LEU A 158 -43.57 13.34 -4.24
C LEU A 158 -44.04 14.13 -3.02
N ASN A 159 -45.29 13.90 -2.62
CA ASN A 159 -45.81 14.53 -1.42
C ASN A 159 -46.45 13.51 -0.48
N THR A 160 -47.12 14.00 0.56
CA THR A 160 -47.69 13.10 1.57
C THR A 160 -48.80 12.22 1.04
N THR A 161 -49.49 12.66 -0.01
CA THR A 161 -50.63 11.92 -0.56
C THR A 161 -50.21 10.78 -1.49
N CYS A 162 -48.93 10.41 -1.51
CA CYS A 162 -48.43 9.32 -2.34
C CYS A 162 -48.76 9.54 -3.81
N ASP A 163 -48.30 10.68 -4.34
CA ASP A 163 -48.46 11.01 -5.75
C ASP A 163 -47.14 11.53 -6.29
N LEU A 164 -46.98 11.38 -7.60
CA LEU A 164 -45.75 11.73 -8.30
C LEU A 164 -46.04 12.81 -9.33
N LYS A 165 -45.07 13.69 -9.56
CA LYS A 165 -45.23 14.80 -10.49
C LYS A 165 -43.91 15.07 -11.21
N ILE A 166 -44.01 15.82 -12.31
CA ILE A 166 -42.86 16.22 -13.11
C ILE A 166 -42.71 17.73 -12.99
N CYS A 167 -41.47 18.20 -12.79
CA CYS A 167 -41.23 19.61 -12.47
C CYS A 167 -40.45 20.34 -13.54
N ASP A 168 -39.26 19.88 -13.90
CA ASP A 168 -38.34 20.67 -14.73
C ASP A 168 -38.54 20.36 -16.20
N PHE A 169 -38.65 21.40 -17.03
CA PHE A 169 -38.94 21.16 -18.47
C PHE A 169 -38.09 22.11 -19.32
N GLY A 170 -37.11 22.78 -18.71
CA GLY A 170 -36.35 23.82 -19.45
C GLY A 170 -35.59 23.36 -20.68
N LEU A 171 -34.85 22.26 -20.63
CA LEU A 171 -34.10 21.91 -21.86
C LEU A 171 -35.02 21.02 -22.69
N ALA A 172 -35.73 21.60 -23.66
CA ALA A 172 -36.73 20.83 -24.43
C ALA A 172 -36.75 21.30 -25.86
N ARG A 173 -37.35 20.52 -26.76
CA ARG A 173 -37.35 20.88 -28.20
C ARG A 173 -38.64 20.41 -28.85
N VAL A 174 -39.02 20.98 -29.98
CA VAL A 174 -40.19 20.62 -30.77
C VAL A 174 -39.85 19.42 -31.64
N ALA A 175 -40.68 18.39 -31.56
CA ALA A 175 -40.46 17.16 -32.32
C ALA A 175 -40.80 17.36 -33.80
N THR A 186 -23.63 20.37 -28.79
CA THR A 186 -22.75 20.39 -27.63
C THR A 186 -23.44 21.02 -26.42
N GLU A 187 -24.66 20.58 -26.14
CA GLU A 187 -25.40 21.04 -24.98
C GLU A 187 -24.98 20.24 -23.76
N TYR A 188 -24.64 20.95 -22.68
CA TYR A 188 -24.09 20.31 -21.50
C TYR A 188 -25.21 19.91 -20.54
N VAL A 189 -25.23 18.64 -20.18
CA VAL A 189 -26.24 18.09 -19.27
C VAL A 189 -25.55 17.73 -17.96
N ALA A 190 -26.28 17.87 -16.86
CA ALA A 190 -25.69 17.66 -15.54
C ALA A 190 -25.17 16.24 -15.39
N THR A 191 -25.98 15.24 -15.78
CA THR A 191 -25.60 13.85 -15.64
C THR A 191 -25.81 13.13 -16.97
N ARG A 192 -24.85 12.28 -17.33
CA ARG A 192 -24.97 11.42 -18.49
C ARG A 192 -25.43 10.02 -18.12
N TRP A 193 -25.72 9.76 -16.84
CA TRP A 193 -26.04 8.43 -16.40
C TRP A 193 -27.33 7.90 -17.01
N TYR A 194 -28.30 8.77 -17.29
CA TYR A 194 -29.63 8.39 -17.74
C TYR A 194 -29.94 9.04 -19.08
N ARG A 195 -28.99 8.98 -20.01
CA ARG A 195 -29.16 9.55 -21.33
C ARG A 195 -29.24 8.45 -22.38
N ALA A 196 -29.81 8.79 -23.51
CA ALA A 196 -29.98 7.84 -24.59
C ALA A 196 -28.66 7.69 -25.37
N PRO A 197 -28.38 6.51 -25.93
CA PRO A 197 -27.09 6.33 -26.57
C PRO A 197 -26.96 6.95 -27.95
N GLU A 198 -28.05 7.17 -28.68
CA GLU A 198 -27.90 7.89 -29.94
C GLU A 198 -27.68 9.38 -29.71
N ILE A 199 -28.07 9.89 -28.54
CA ILE A 199 -27.62 11.23 -28.16
C ILE A 199 -26.16 11.19 -27.74
N MET A 200 -25.79 10.21 -26.92
CA MET A 200 -24.41 10.14 -26.42
C MET A 200 -23.42 10.00 -27.58
N LEU A 201 -23.77 9.22 -28.59
CA LEU A 201 -22.98 9.01 -29.79
C LEU A 201 -23.72 9.66 -30.95
N ASN A 202 -23.20 10.77 -31.44
CA ASN A 202 -23.89 11.54 -32.48
C ASN A 202 -24.06 10.72 -33.76
N TYR A 206 -33.47 13.53 -34.04
CA TYR A 206 -33.80 13.04 -32.70
C TYR A 206 -35.23 12.53 -32.63
N THR A 207 -35.37 11.23 -32.38
CA THR A 207 -36.67 10.58 -32.35
C THR A 207 -37.24 10.63 -30.94
N LYS A 208 -38.32 9.89 -30.71
CA LYS A 208 -39.02 9.88 -29.43
C LYS A 208 -38.56 8.77 -28.50
N SER A 209 -37.61 7.95 -28.91
CA SER A 209 -37.19 6.80 -28.11
C SER A 209 -36.41 7.20 -26.87
N ILE A 210 -35.93 8.44 -26.79
CA ILE A 210 -35.04 8.82 -25.71
C ILE A 210 -35.77 8.87 -24.37
N ASP A 211 -37.03 9.32 -24.38
CA ASP A 211 -37.79 9.35 -23.14
C ASP A 211 -38.14 7.95 -22.66
N ILE A 212 -38.42 7.04 -23.60
CA ILE A 212 -38.66 5.66 -23.23
C ILE A 212 -37.41 5.06 -22.59
N TRP A 213 -36.25 5.36 -23.17
CA TRP A 213 -35.00 4.91 -22.54
C TRP A 213 -34.87 5.46 -21.13
N SER A 214 -35.19 6.73 -20.94
CA SER A 214 -35.08 7.34 -19.62
C SER A 214 -35.99 6.63 -18.62
N VAL A 215 -37.26 6.44 -18.97
CA VAL A 215 -38.19 5.85 -18.02
C VAL A 215 -37.81 4.41 -17.72
N GLY A 216 -37.30 3.68 -18.71
CA GLY A 216 -36.79 2.34 -18.42
C GLY A 216 -35.66 2.37 -17.42
N CYS A 217 -34.74 3.32 -17.56
CA CYS A 217 -33.65 3.42 -16.59
C CYS A 217 -34.18 3.71 -15.20
N ILE A 218 -35.17 4.61 -15.08
CA ILE A 218 -35.74 4.90 -13.77
C ILE A 218 -36.42 3.67 -13.19
N LEU A 219 -37.13 2.89 -14.02
CA LEU A 219 -37.79 1.70 -13.52
C LEU A 219 -36.78 0.69 -12.99
N ALA A 220 -35.69 0.50 -13.72
CA ALA A 220 -34.66 -0.43 -13.24
C ALA A 220 -34.03 0.07 -11.94
N GLU A 221 -33.80 1.38 -11.84
CA GLU A 221 -33.23 1.93 -10.62
C GLU A 221 -34.19 1.83 -9.45
N MET A 222 -35.50 1.82 -9.72
CA MET A 222 -36.45 1.60 -8.65
C MET A 222 -36.47 0.14 -8.22
N LEU A 223 -36.37 -0.78 -9.19
CA LEU A 223 -36.41 -2.21 -8.85
C LEU A 223 -35.18 -2.63 -8.06
N SER A 224 -34.00 -2.24 -8.51
CA SER A 224 -32.76 -2.59 -7.83
C SER A 224 -32.22 -1.37 -7.11
N ASN A 225 -31.71 -1.58 -5.90
CA ASN A 225 -31.34 -0.46 -5.03
C ASN A 225 -30.31 0.46 -5.68
N ARG A 226 -29.26 -0.13 -6.25
CA ARG A 226 -28.23 0.67 -6.90
C ARG A 226 -28.65 1.00 -8.34
N PRO A 227 -28.14 2.10 -8.89
CA PRO A 227 -28.39 2.41 -10.29
C PRO A 227 -27.71 1.42 -11.22
N ILE A 228 -28.18 1.38 -12.46
CA ILE A 228 -27.81 0.31 -13.38
C ILE A 228 -26.54 0.62 -14.15
N PHE A 229 -26.38 1.85 -14.65
CA PHE A 229 -25.29 2.21 -15.55
C PHE A 229 -24.48 3.34 -14.93
N PRO A 230 -23.57 3.04 -14.02
CA PRO A 230 -22.67 4.07 -13.50
C PRO A 230 -21.41 4.18 -14.32
N GLY A 231 -20.94 5.41 -14.49
CA GLY A 231 -19.75 5.64 -15.28
C GLY A 231 -19.06 6.93 -14.88
N LYS A 232 -17.82 7.11 -15.37
CA LYS A 232 -17.06 8.35 -15.10
C LYS A 232 -16.70 9.03 -16.41
N HIS A 233 -16.14 8.30 -17.38
CA HIS A 233 -15.79 8.88 -18.66
C HIS A 233 -16.85 8.56 -19.69
N TYR A 234 -16.82 9.30 -20.79
CA TYR A 234 -17.75 9.05 -21.88
C TYR A 234 -17.53 7.68 -22.49
N LEU A 235 -16.26 7.35 -22.76
CA LEU A 235 -15.93 5.99 -23.18
C LEU A 235 -16.29 4.97 -22.10
N ASP A 236 -16.17 5.35 -20.83
CA ASP A 236 -16.52 4.40 -19.75
C ASP A 236 -18.00 4.04 -19.80
N GLN A 237 -18.87 5.05 -19.96
CA GLN A 237 -20.29 4.78 -20.04
C GLN A 237 -20.62 3.97 -21.28
N LEU A 238 -19.98 4.30 -22.41
CA LEU A 238 -20.22 3.51 -23.61
C LEU A 238 -19.85 2.05 -23.38
N ASN A 239 -18.70 1.82 -22.72
CA ASN A 239 -18.25 0.46 -22.47
C ASN A 239 -19.22 -0.28 -21.56
N HIS A 240 -19.67 0.37 -20.49
CA HIS A 240 -20.61 -0.29 -19.58
C HIS A 240 -21.91 -0.65 -20.29
N ILE A 241 -22.46 0.28 -21.06
CA ILE A 241 -23.73 0.02 -21.73
C ILE A 241 -23.58 -1.13 -22.72
N LEU A 242 -22.49 -1.10 -23.50
CA LEU A 242 -22.28 -2.17 -24.48
C LEU A 242 -22.09 -3.51 -23.80
N GLY A 243 -21.35 -3.53 -22.69
CA GLY A 243 -21.14 -4.79 -22.00
C GLY A 243 -22.43 -5.37 -21.43
N ILE A 244 -23.24 -4.52 -20.80
CA ILE A 244 -24.46 -5.02 -20.17
C ILE A 244 -25.48 -5.45 -21.22
N LEU A 245 -25.64 -4.66 -22.29
CA LEU A 245 -26.68 -4.95 -23.28
C LEU A 245 -26.22 -5.86 -24.40
N GLY A 246 -24.95 -6.26 -24.42
CA GLY A 246 -24.48 -7.18 -25.44
C GLY A 246 -23.90 -6.47 -26.65
N SER A 247 -23.19 -7.24 -27.48
CA SER A 247 -22.49 -6.65 -28.66
C SER A 247 -23.49 -6.12 -29.69
N PRO A 248 -23.22 -4.99 -30.38
CA PRO A 248 -24.14 -4.50 -31.41
C PRO A 248 -24.07 -5.27 -32.73
N SER A 249 -25.19 -5.85 -33.14
CA SER A 249 -25.23 -6.61 -34.43
C SER A 249 -25.21 -5.65 -35.61
N GLN A 250 -24.74 -6.13 -36.77
CA GLN A 250 -24.61 -5.26 -37.97
C GLN A 250 -25.99 -4.77 -38.43
N GLU A 251 -27.00 -5.62 -38.33
CA GLU A 251 -28.37 -5.21 -38.73
C GLU A 251 -28.76 -4.03 -37.84
N ASP A 252 -28.43 -4.10 -36.55
CA ASP A 252 -28.71 -2.98 -35.63
C ASP A 252 -27.88 -1.77 -36.07
N LEU A 253 -26.64 -1.98 -36.52
CA LEU A 253 -25.75 -0.84 -36.85
C LEU A 253 -26.04 -0.34 -38.27
N ASN A 254 -27.19 0.30 -38.48
CA ASN A 254 -27.47 0.89 -39.82
C ASN A 254 -27.74 2.40 -39.66
N CYS A 255 -28.52 2.78 -38.65
CA CYS A 255 -28.91 4.20 -38.45
C CYS A 255 -27.68 5.08 -38.13
N ILE A 256 -26.72 4.56 -37.38
CA ILE A 256 -25.56 5.40 -36.94
C ILE A 256 -24.78 5.92 -38.14
N ILE A 257 -24.49 7.23 -38.18
CA ILE A 257 -23.93 7.87 -39.36
C ILE A 257 -22.56 8.49 -39.13
N ASN A 258 -22.14 8.69 -37.87
CA ASN A 258 -20.83 9.28 -37.62
C ASN A 258 -19.73 8.33 -38.06
N LEU A 259 -18.76 8.86 -38.81
CA LEU A 259 -17.76 8.00 -39.43
C LEU A 259 -16.86 7.35 -38.38
N LYS A 260 -16.21 8.18 -37.53
CA LYS A 260 -15.30 7.63 -36.54
C LYS A 260 -16.01 6.74 -35.54
N ALA A 261 -17.20 7.15 -35.09
CA ALA A 261 -17.96 6.32 -34.15
C ALA A 261 -18.35 4.99 -34.78
N ARG A 262 -18.76 5.02 -36.05
CA ARG A 262 -19.08 3.78 -36.75
C ARG A 262 -17.86 2.86 -36.81
N ASN A 263 -16.71 3.43 -37.13
CA ASN A 263 -15.49 2.63 -37.16
C ASN A 263 -15.20 2.03 -35.78
N TYR A 264 -15.34 2.84 -34.73
CA TYR A 264 -15.05 2.36 -33.38
C TYR A 264 -15.96 1.19 -33.04
N LEU A 265 -17.26 1.38 -33.23
CA LEU A 265 -18.21 0.32 -32.88
C LEU A 265 -18.01 -0.92 -33.75
N LEU A 266 -17.50 -0.75 -34.97
CA LEU A 266 -17.18 -1.92 -35.78
C LEU A 266 -15.96 -2.65 -35.24
N SER A 267 -14.97 -1.91 -34.73
CA SER A 267 -13.71 -2.50 -34.30
C SER A 267 -13.81 -2.99 -32.86
N LEU A 268 -14.74 -3.92 -32.63
CA LEU A 268 -15.01 -4.42 -31.30
C LEU A 268 -15.04 -5.95 -31.31
N PRO A 269 -14.72 -6.58 -30.18
CA PRO A 269 -14.89 -8.03 -30.06
C PRO A 269 -16.36 -8.37 -29.85
N HIS A 270 -16.61 -9.66 -29.65
CA HIS A 270 -17.97 -10.17 -29.48
C HIS A 270 -18.18 -10.62 -28.05
N LYS A 271 -19.31 -10.22 -27.47
CA LYS A 271 -19.67 -10.58 -26.11
C LYS A 271 -21.11 -11.08 -26.08
N ASN A 272 -21.41 -11.92 -25.11
CA ASN A 272 -22.72 -12.55 -24.98
C ASN A 272 -23.59 -11.77 -24.02
N LYS A 273 -24.85 -11.57 -24.39
CA LYS A 273 -25.79 -10.82 -23.57
C LYS A 273 -26.10 -11.57 -22.28
N VAL A 274 -26.20 -10.83 -21.18
CA VAL A 274 -26.49 -11.40 -19.88
C VAL A 274 -28.00 -11.49 -19.68
N PRO A 275 -28.54 -12.66 -19.37
CA PRO A 275 -29.97 -12.76 -19.07
C PRO A 275 -30.33 -11.92 -17.86
N TRP A 276 -31.53 -11.34 -17.90
CA TRP A 276 -31.96 -10.44 -16.83
C TRP A 276 -32.22 -11.19 -15.53
N ASN A 277 -32.55 -12.48 -15.62
CA ASN A 277 -32.79 -13.25 -14.40
C ASN A 277 -31.53 -13.33 -13.54
N ARG A 278 -30.36 -13.46 -14.19
CA ARG A 278 -29.12 -13.51 -13.44
C ARG A 278 -28.85 -12.19 -12.73
N LEU A 279 -29.16 -11.07 -13.38
CA LEU A 279 -28.92 -9.77 -12.75
C LEU A 279 -29.93 -9.49 -11.65
N PHE A 280 -31.17 -9.97 -11.79
CA PHE A 280 -32.21 -9.76 -10.80
C PHE A 280 -32.80 -11.10 -10.38
N PRO A 281 -32.41 -11.65 -9.23
CA PRO A 281 -32.97 -12.92 -8.78
C PRO A 281 -34.20 -12.82 -7.90
N ASN A 282 -34.71 -11.61 -7.65
CA ASN A 282 -35.86 -11.43 -6.77
C ASN A 282 -36.86 -10.46 -7.40
N ALA A 283 -37.19 -10.68 -8.67
CA ALA A 283 -38.11 -9.82 -9.39
C ALA A 283 -39.22 -10.67 -10.01
N ASP A 284 -40.14 -10.00 -10.70
CA ASP A 284 -41.24 -10.66 -11.38
C ASP A 284 -40.89 -10.92 -12.84
N SER A 285 -41.49 -11.98 -13.39
CA SER A 285 -41.27 -12.30 -14.79
C SER A 285 -41.79 -11.18 -15.69
N LYS A 286 -42.95 -10.62 -15.35
CA LYS A 286 -43.48 -9.50 -16.12
C LYS A 286 -42.56 -8.30 -16.04
N ALA A 287 -41.99 -8.04 -14.85
CA ALA A 287 -41.05 -6.93 -14.71
C ALA A 287 -39.84 -7.13 -15.59
N LEU A 288 -39.28 -8.35 -15.58
CA LEU A 288 -38.12 -8.62 -16.41
C LEU A 288 -38.44 -8.48 -17.89
N ASP A 289 -39.61 -8.96 -18.31
CA ASP A 289 -39.99 -8.87 -19.71
C ASP A 289 -40.15 -7.42 -20.15
N LEU A 290 -40.83 -6.61 -19.33
CA LEU A 290 -41.03 -5.21 -19.67
C LEU A 290 -39.69 -4.48 -19.72
N LEU A 291 -38.81 -4.74 -18.76
CA LEU A 291 -37.51 -4.08 -18.77
C LEU A 291 -36.71 -4.45 -20.01
N ASP A 292 -36.72 -5.74 -20.38
CA ASP A 292 -35.98 -6.17 -21.56
C ASP A 292 -36.54 -5.52 -22.81
N LYS A 293 -37.86 -5.42 -22.92
CA LYS A 293 -38.43 -4.79 -24.10
C LYS A 293 -38.12 -3.29 -24.14
N MET A 294 -38.07 -2.64 -22.99
CA MET A 294 -37.77 -1.21 -22.97
C MET A 294 -36.32 -0.94 -23.36
N LEU A 295 -35.38 -1.66 -22.77
CA LEU A 295 -33.96 -1.40 -23.03
C LEU A 295 -33.59 -2.11 -24.33
N THR A 296 -33.71 -1.37 -25.43
CA THR A 296 -33.37 -1.94 -26.77
C THR A 296 -32.34 -1.05 -27.48
N PHE A 297 -31.32 -1.63 -28.09
CA PHE A 297 -30.32 -0.83 -28.85
C PHE A 297 -30.95 -0.21 -30.10
N ASN A 298 -31.80 -0.93 -30.82
CA ASN A 298 -32.37 -0.41 -32.10
C ASN A 298 -33.30 0.78 -31.85
N PRO A 299 -33.00 2.05 -32.24
CA PRO A 299 -33.90 3.16 -31.94
C PRO A 299 -35.17 3.12 -32.76
N HIS A 300 -35.08 2.56 -33.97
CA HIS A 300 -36.26 2.47 -34.83
C HIS A 300 -37.15 1.29 -34.49
N LYS A 301 -36.72 0.39 -33.60
CA LYS A 301 -37.53 -0.75 -33.18
C LYS A 301 -37.43 -0.86 -31.66
N ARG A 302 -38.32 -0.15 -30.95
CA ARG A 302 -38.40 -0.25 -29.50
C ARG A 302 -39.80 0.12 -29.06
N ILE A 303 -40.07 -0.11 -27.78
CA ILE A 303 -41.44 -0.06 -27.27
C ILE A 303 -41.97 1.37 -27.33
N GLU A 304 -43.18 1.54 -27.86
CA GLU A 304 -43.82 2.89 -27.86
C GLU A 304 -44.65 3.08 -26.60
N VAL A 305 -44.97 4.33 -26.24
CA VAL A 305 -45.66 4.61 -24.94
C VAL A 305 -47.04 3.95 -24.83
N GLU A 306 -47.87 4.00 -25.88
CA GLU A 306 -49.26 3.50 -25.72
C GLU A 306 -49.27 2.01 -25.39
N GLN A 307 -48.44 1.24 -26.08
CA GLN A 307 -48.39 -0.22 -25.83
C GLN A 307 -47.91 -0.46 -24.40
N ALA A 308 -46.96 0.33 -23.93
CA ALA A 308 -46.38 0.09 -22.58
C ALA A 308 -47.46 0.24 -21.50
N LEU A 309 -48.32 1.25 -21.63
CA LEU A 309 -49.35 1.48 -20.58
C LEU A 309 -50.26 0.26 -20.53
N ALA A 310 -50.58 -0.29 -21.70
CA ALA A 310 -51.53 -1.42 -21.75
C ALA A 310 -50.80 -2.74 -21.56
N HIS A 311 -49.51 -2.70 -21.21
CA HIS A 311 -48.82 -3.95 -20.93
C HIS A 311 -49.53 -4.74 -19.83
N PRO A 312 -49.40 -6.08 -19.85
CA PRO A 312 -50.06 -6.88 -18.81
C PRO A 312 -49.65 -6.54 -17.40
N TYR A 313 -48.41 -6.08 -17.18
CA TYR A 313 -47.97 -5.70 -15.85
C TYR A 313 -48.85 -4.61 -15.26
N LEU A 314 -49.18 -3.60 -16.06
CA LEU A 314 -49.93 -2.45 -15.60
C LEU A 314 -51.38 -2.44 -16.08
N GLU A 315 -51.84 -3.55 -16.67
CA GLU A 315 -53.19 -3.58 -17.25
C GLU A 315 -54.29 -3.40 -16.21
N GLN A 316 -53.96 -3.63 -14.94
CA GLN A 316 -54.99 -3.61 -13.87
C GLN A 316 -55.48 -2.18 -13.61
N TYR A 317 -54.57 -1.20 -13.66
CA TYR A 317 -54.96 0.19 -13.32
C TYR A 317 -55.20 0.99 -14.61
N TYR A 318 -55.15 0.33 -15.77
CA TYR A 318 -55.28 1.06 -17.05
C TYR A 318 -56.71 0.94 -17.58
N ASP A 319 -57.37 2.08 -17.78
CA ASP A 319 -58.72 2.09 -18.40
C ASP A 319 -58.59 3.04 -19.59
N PRO A 320 -59.00 2.67 -20.81
CA PRO A 320 -58.78 3.54 -21.98
C PRO A 320 -59.44 4.91 -21.83
N SER A 321 -60.67 4.94 -21.34
CA SER A 321 -61.40 6.23 -21.18
C SER A 321 -60.69 7.11 -20.17
N ASP A 322 -60.11 6.51 -19.12
CA ASP A 322 -59.51 7.30 -18.02
C ASP A 322 -58.40 8.24 -18.51
N GLU A 323 -57.37 7.69 -19.16
CA GLU A 323 -56.22 8.55 -19.54
C GLU A 323 -56.70 9.62 -20.53
N PRO A 324 -56.22 10.88 -20.42
CA PRO A 324 -56.67 11.94 -21.31
C PRO A 324 -55.78 12.17 -22.54
N ILE A 325 -56.22 13.02 -23.47
CA ILE A 325 -55.35 13.38 -24.62
C ILE A 325 -55.21 14.91 -24.65
N ALA A 326 -54.19 15.42 -25.33
CA ALA A 326 -53.95 16.89 -25.34
C ALA A 326 -55.14 17.58 -26.02
N GLU A 327 -55.63 18.67 -25.41
CA GLU A 327 -56.74 19.45 -26.02
C GLU A 327 -56.27 20.08 -27.34
N ALA A 328 -55.03 20.60 -27.37
CA ALA A 328 -54.56 21.31 -28.58
C ALA A 328 -53.25 20.70 -29.09
N PRO A 329 -53.11 20.42 -30.39
CA PRO A 329 -51.84 19.93 -30.95
C PRO A 329 -50.79 21.05 -30.92
N PHE A 330 -49.54 20.69 -30.64
CA PHE A 330 -48.46 21.70 -30.69
C PHE A 330 -47.84 21.71 -32.09
N ASP A 337 -32.19 29.01 -30.72
CA ASP A 337 -32.53 29.81 -31.89
C ASP A 337 -31.39 30.77 -32.25
N ASP A 338 -31.74 32.00 -32.59
CA ASP A 338 -30.75 33.04 -32.82
C ASP A 338 -30.28 33.57 -31.46
N LEU A 339 -29.55 34.69 -31.47
CA LEU A 339 -29.05 35.32 -30.25
C LEU A 339 -29.39 36.80 -30.20
N PRO A 340 -30.68 37.15 -30.10
CA PRO A 340 -31.02 38.51 -29.65
C PRO A 340 -30.76 38.68 -28.17
N LYS A 341 -30.59 39.93 -27.75
CA LYS A 341 -30.53 40.26 -26.33
C LYS A 341 -31.63 41.22 -25.93
N GLU A 342 -31.71 42.41 -26.55
CA GLU A 342 -32.67 43.42 -26.13
C GLU A 342 -34.10 42.98 -26.46
N LYS A 343 -34.33 42.56 -27.70
CA LYS A 343 -35.67 42.08 -28.04
C LYS A 343 -35.96 40.73 -27.39
N LEU A 344 -34.95 39.95 -27.04
CA LEU A 344 -35.20 38.75 -26.25
C LEU A 344 -35.75 39.11 -24.87
N LYS A 345 -35.15 40.13 -24.23
CA LYS A 345 -35.70 40.61 -22.96
C LYS A 345 -37.10 41.17 -23.17
N GLU A 346 -37.33 41.83 -24.29
CA GLU A 346 -38.67 42.34 -24.59
C GLU A 346 -39.68 41.20 -24.71
N LEU A 347 -39.30 40.11 -25.37
CA LEU A 347 -40.17 38.95 -25.47
C LEU A 347 -40.43 38.33 -24.11
N ILE A 348 -39.40 38.28 -23.26
CA ILE A 348 -39.59 37.76 -21.91
C ILE A 348 -40.61 38.61 -21.16
N PHE A 349 -40.48 39.93 -21.26
CA PHE A 349 -41.44 40.82 -20.62
C PHE A 349 -42.84 40.60 -21.17
N GLU A 350 -42.96 40.46 -22.49
CA GLU A 350 -44.28 40.25 -23.09
C GLU A 350 -44.89 38.95 -22.59
N GLU A 351 -44.09 37.88 -22.51
CA GLU A 351 -44.60 36.60 -22.03
C GLU A 351 -45.03 36.68 -20.57
N THR A 352 -44.28 37.40 -19.75
CA THR A 352 -44.57 37.50 -18.33
C THR A 352 -45.53 38.63 -18.00
N ALA A 353 -46.03 39.35 -18.99
CA ALA A 353 -46.81 40.56 -18.74
C ALA A 353 -48.11 40.26 -18.00
N ARG A 354 -48.69 39.07 -18.22
CA ARG A 354 -50.00 38.79 -17.65
C ARG A 354 -49.96 38.64 -16.13
N PHE A 355 -48.82 38.27 -15.57
CA PHE A 355 -48.73 37.93 -14.15
C PHE A 355 -48.29 39.13 -13.32
N GLN A 356 -49.15 40.15 -13.28
CA GLN A 356 -48.98 41.33 -12.43
C GLN A 356 -50.23 42.17 -12.46
N PRO A 357 -50.51 42.97 -11.41
CA PRO A 357 -51.68 43.85 -11.40
C PRO A 357 -51.63 44.90 -12.51
N THR B 30 -3.28 -30.30 -5.58
CA THR B 30 -1.86 -30.33 -5.91
C THR B 30 -1.01 -30.44 -4.65
N GLN B 31 -0.07 -31.38 -4.65
CA GLN B 31 0.83 -31.55 -3.52
C GLN B 31 1.90 -30.47 -3.54
N VAL B 32 2.89 -30.57 -2.66
CA VAL B 32 3.98 -29.62 -2.60
C VAL B 32 5.28 -30.42 -2.61
N ARG B 33 6.07 -30.25 -3.67
CA ARG B 33 7.33 -30.96 -3.83
C ARG B 33 8.39 -30.01 -4.33
N GLY B 34 9.65 -30.42 -4.17
CA GLY B 34 10.78 -29.66 -4.67
C GLY B 34 11.73 -30.55 -5.46
N TYR B 35 12.79 -29.93 -5.97
CA TYR B 35 13.78 -30.65 -6.74
C TYR B 35 14.52 -31.64 -5.85
N ASP B 36 14.74 -32.85 -6.37
CA ASP B 36 15.35 -33.89 -5.57
C ASP B 36 16.86 -33.67 -5.41
N PHE B 37 17.51 -33.16 -6.45
CA PHE B 37 18.94 -32.89 -6.53
C PHE B 37 19.79 -34.14 -6.54
N ASN B 38 19.20 -35.33 -6.44
CA ASN B 38 19.98 -36.55 -6.58
C ASN B 38 20.21 -36.93 -8.03
N ARG B 39 19.51 -36.27 -8.97
CA ARG B 39 19.66 -36.59 -10.38
C ARG B 39 20.78 -35.80 -11.04
N GLY B 40 21.43 -34.92 -10.31
CA GLY B 40 22.42 -34.05 -10.92
C GLY B 40 21.83 -32.71 -11.29
N VAL B 41 22.71 -31.74 -11.53
CA VAL B 41 22.26 -30.38 -11.82
C VAL B 41 21.61 -30.37 -13.20
N ASN B 42 20.31 -30.09 -13.23
CA ASN B 42 19.57 -29.89 -14.47
C ASN B 42 18.81 -28.58 -14.36
N TYR B 43 19.21 -27.60 -15.16
CA TYR B 43 18.66 -26.26 -15.00
C TYR B 43 17.25 -26.16 -15.55
N ARG B 44 16.91 -26.94 -16.57
CA ARG B 44 15.57 -26.87 -17.14
C ARG B 44 14.51 -27.25 -16.11
N ALA B 45 14.76 -28.34 -15.35
CA ALA B 45 13.79 -28.78 -14.37
C ALA B 45 13.81 -27.90 -13.12
N LEU B 46 14.97 -27.38 -12.74
CA LEU B 46 15.08 -26.62 -11.51
C LEU B 46 14.23 -25.36 -11.56
N LEU B 47 14.26 -24.66 -12.69
CA LEU B 47 13.40 -23.50 -12.86
C LEU B 47 11.97 -23.86 -13.19
N GLU B 48 11.70 -25.13 -13.49
CA GLU B 48 10.34 -25.58 -13.71
C GLU B 48 9.70 -26.16 -12.45
N ALA B 49 10.51 -26.60 -11.49
CA ALA B 49 9.98 -27.13 -10.24
C ALA B 49 9.62 -26.02 -9.25
N PHE B 50 9.94 -24.77 -9.55
CA PHE B 50 9.62 -23.67 -8.67
C PHE B 50 8.12 -23.43 -8.55
N GLY B 51 7.32 -23.99 -9.45
CA GLY B 51 5.89 -23.75 -9.44
C GLY B 51 5.13 -24.52 -8.40
N THR B 52 5.78 -25.42 -7.68
CA THR B 52 5.13 -26.23 -6.66
C THR B 52 5.91 -26.21 -5.35
N THR B 53 6.61 -25.11 -5.08
CA THR B 53 7.36 -24.94 -3.85
C THR B 53 6.63 -24.10 -2.82
N GLY B 54 6.04 -22.98 -3.23
CA GLY B 54 5.24 -22.15 -2.35
C GLY B 54 5.89 -20.82 -2.08
N PHE B 55 5.15 -20.00 -1.32
CA PHE B 55 5.60 -18.67 -0.88
C PHE B 55 5.85 -17.83 -2.13
N GLN B 56 7.05 -17.31 -2.34
CA GLN B 56 7.32 -16.50 -3.52
C GLN B 56 7.65 -17.33 -4.75
N ALA B 57 7.88 -18.64 -4.60
CA ALA B 57 8.17 -19.47 -5.76
C ALA B 57 6.93 -19.71 -6.61
N THR B 58 5.79 -20.00 -5.96
CA THR B 58 4.57 -20.19 -6.73
C THR B 58 4.14 -18.91 -7.42
N ASN B 59 4.45 -17.76 -6.84
CA ASN B 59 4.22 -16.50 -7.53
C ASN B 59 5.07 -16.42 -8.80
N PHE B 60 6.31 -16.88 -8.72
CA PHE B 60 7.17 -16.88 -9.91
C PHE B 60 6.60 -17.81 -10.97
N GLY B 61 6.10 -18.98 -10.56
CA GLY B 61 5.50 -19.88 -11.53
C GLY B 61 4.28 -19.30 -12.19
N ARG B 62 3.42 -18.65 -11.40
CA ARG B 62 2.25 -18.00 -11.99
C ARG B 62 2.66 -16.90 -12.94
N ALA B 63 3.71 -16.14 -12.59
CA ALA B 63 4.19 -15.08 -13.45
C ALA B 63 4.68 -15.63 -14.79
N VAL B 64 5.50 -16.68 -14.75
CA VAL B 64 6.04 -17.20 -16.00
C VAL B 64 4.92 -17.80 -16.85
N GLN B 65 3.94 -18.45 -16.21
CA GLN B 65 2.80 -18.96 -16.98
C GLN B 65 2.03 -17.81 -17.64
N GLN B 66 1.84 -16.71 -16.90
CA GLN B 66 1.11 -15.57 -17.47
C GLN B 66 1.83 -14.99 -18.66
N VAL B 67 3.13 -14.69 -18.52
CA VAL B 67 3.85 -14.10 -19.64
C VAL B 67 3.92 -15.06 -20.81
N ASN B 68 4.07 -16.35 -20.55
CA ASN B 68 4.10 -17.32 -21.64
C ASN B 68 2.76 -17.32 -22.37
N ALA B 69 1.66 -17.19 -21.62
CA ALA B 69 0.36 -17.09 -22.25
C ALA B 69 0.24 -15.82 -23.07
N MET B 70 0.92 -14.75 -22.65
CA MET B 70 0.79 -13.47 -23.35
C MET B 70 1.36 -13.55 -24.76
N ILE B 71 2.57 -14.09 -24.90
CA ILE B 71 3.25 -14.06 -26.18
C ILE B 71 2.53 -14.94 -27.20
N GLU B 72 1.96 -16.06 -26.76
CA GLU B 72 1.32 -17.00 -27.68
C GLU B 72 0.20 -16.32 -28.47
N LYS B 73 -0.44 -15.31 -27.90
CA LYS B 73 -1.52 -14.63 -28.62
C LYS B 73 -0.98 -13.73 -29.72
N LYS B 74 0.25 -13.23 -29.57
CA LYS B 74 0.79 -12.30 -30.54
C LYS B 74 1.00 -12.95 -31.90
N LEU B 75 1.48 -14.20 -31.91
CA LEU B 75 1.83 -14.86 -33.17
C LEU B 75 0.62 -15.14 -34.05
N GLU B 76 -0.59 -15.12 -33.49
CA GLU B 76 -1.78 -15.40 -34.28
C GLU B 76 -1.96 -14.33 -35.36
N PRO B 77 -2.27 -14.72 -36.59
CA PRO B 77 -2.40 -13.73 -37.66
C PRO B 77 -3.71 -12.95 -37.54
N LEU B 78 -3.69 -11.75 -38.10
CA LEU B 78 -4.82 -10.83 -38.03
C LEU B 78 -5.74 -10.94 -39.24
N SER B 79 -5.20 -10.80 -40.44
CA SER B 79 -5.97 -10.86 -41.68
C SER B 79 -7.14 -9.87 -41.67
N GLN B 84 -5.30 2.88 -42.97
CA GLN B 84 -6.57 2.86 -42.23
C GLN B 84 -6.34 3.19 -40.77
N HIS B 85 -5.86 2.21 -40.01
CA HIS B 85 -5.64 2.39 -38.58
C HIS B 85 -4.55 3.42 -38.32
N ALA B 86 -3.55 3.50 -39.19
CA ALA B 86 -2.42 4.41 -38.95
C ALA B 86 -2.88 5.87 -38.95
N ASP B 87 -3.79 6.23 -39.85
CA ASP B 87 -4.26 7.61 -39.90
C ASP B 87 -4.97 7.99 -38.61
N LEU B 88 -5.78 7.09 -38.06
CA LEU B 88 -6.49 7.38 -36.82
C LEU B 88 -5.53 7.57 -35.66
N THR B 89 -4.50 6.72 -35.57
CA THR B 89 -3.56 6.78 -34.46
C THR B 89 -2.32 7.62 -34.76
N GLN B 90 -2.16 8.11 -35.98
CA GLN B 90 -1.04 8.96 -36.35
C GLN B 90 0.30 8.31 -36.03
N SER B 91 0.38 7.00 -36.25
CA SER B 91 1.60 6.23 -35.98
C SER B 91 1.91 5.34 -37.17
N ARG B 92 3.21 5.14 -37.40
CA ARG B 92 3.71 4.33 -38.51
C ARG B 92 4.15 2.98 -37.94
N ARG B 93 3.20 2.07 -37.80
CA ARG B 93 3.50 0.73 -37.30
C ARG B 93 2.35 -0.21 -37.59
N PRO B 94 2.61 -1.44 -38.06
CA PRO B 94 1.53 -2.39 -38.33
C PRO B 94 1.00 -2.98 -37.03
N LEU B 95 -0.32 -2.98 -36.88
CA LEU B 95 -0.93 -3.48 -35.66
C LEU B 95 -0.79 -5.00 -35.61
N THR B 96 -0.33 -5.51 -34.47
CA THR B 96 -0.15 -6.94 -34.27
C THR B 96 -1.35 -7.50 -33.51
N SER B 97 -1.29 -8.80 -33.23
CA SER B 97 -2.39 -9.45 -32.53
C SER B 97 -2.49 -9.01 -31.08
N CYS B 98 -1.41 -8.52 -30.48
CA CYS B 98 -1.44 -8.03 -29.11
C CYS B 98 -0.31 -7.05 -28.91
N THR B 99 -0.58 -5.98 -28.16
CA THR B 99 0.41 -4.95 -27.88
C THR B 99 0.82 -5.03 -26.42
N ILE B 100 2.13 -5.04 -26.18
CA ILE B 100 2.70 -5.25 -24.86
C ILE B 100 3.30 -3.94 -24.37
N PHE B 101 2.95 -3.56 -23.14
CA PHE B 101 3.39 -2.31 -22.55
C PHE B 101 4.48 -2.60 -21.52
N LEU B 102 5.52 -1.76 -21.51
CA LEU B 102 6.65 -1.96 -20.62
C LEU B 102 7.05 -0.64 -19.98
N GLY B 103 7.49 -0.70 -18.74
CA GLY B 103 7.94 0.49 -18.03
C GLY B 103 8.97 0.14 -17.00
N TYR B 104 9.85 1.10 -16.69
CA TYR B 104 10.91 0.87 -15.72
C TYR B 104 11.26 2.17 -15.02
N THR B 105 11.90 2.03 -13.87
CA THR B 105 12.29 3.14 -13.02
C THR B 105 13.76 3.45 -13.24
N SER B 106 14.13 4.73 -13.08
CA SER B 106 15.43 5.21 -13.50
C SER B 106 16.58 4.41 -12.89
N ASN B 107 16.47 4.06 -11.61
CA ASN B 107 17.58 3.37 -10.96
C ASN B 107 17.83 1.99 -11.55
N LEU B 108 16.86 1.44 -12.28
CA LEU B 108 17.06 0.13 -12.89
C LEU B 108 17.94 0.20 -14.13
N ILE B 109 17.88 1.29 -14.89
CA ILE B 109 18.58 1.34 -16.17
C ILE B 109 20.08 1.29 -15.95
N SER B 110 20.59 2.04 -14.97
CA SER B 110 22.02 2.08 -14.69
C SER B 110 22.47 0.96 -13.75
N SER B 111 21.72 -0.14 -13.70
CA SER B 111 22.01 -1.23 -12.76
C SER B 111 22.38 -2.53 -13.46
N GLY B 112 22.73 -2.49 -14.75
CA GLY B 112 23.14 -3.67 -15.45
C GLY B 112 22.01 -4.45 -16.10
N ILE B 113 20.76 -4.13 -15.79
CA ILE B 113 19.63 -4.77 -16.45
C ILE B 113 19.56 -4.33 -17.92
N ARG B 114 20.28 -3.28 -18.29
CA ARG B 114 20.13 -2.66 -19.60
C ARG B 114 20.29 -3.64 -20.75
N GLU B 115 21.12 -4.66 -20.58
CA GLU B 115 21.31 -5.62 -21.66
C GLU B 115 20.01 -6.37 -21.96
N THR B 116 19.27 -6.75 -20.93
CA THR B 116 18.00 -7.44 -21.15
C THR B 116 17.00 -6.55 -21.87
N ILE B 117 16.93 -5.27 -21.49
CA ILE B 117 16.01 -4.35 -22.15
C ILE B 117 16.39 -4.17 -23.61
N ARG B 118 17.69 -4.03 -23.87
CA ARG B 118 18.15 -3.90 -25.26
C ARG B 118 17.78 -5.13 -26.07
N TYR B 119 17.94 -6.32 -25.48
CA TYR B 119 17.54 -7.54 -26.19
C TYR B 119 16.05 -7.54 -26.47
N LEU B 120 15.24 -7.10 -25.50
CA LEU B 120 13.81 -7.09 -25.70
C LEU B 120 13.37 -6.11 -26.76
N VAL B 121 14.12 -5.02 -26.96
CA VAL B 121 13.71 -3.96 -27.88
C VAL B 121 14.29 -4.17 -29.27
N GLN B 122 15.50 -4.71 -29.38
CA GLN B 122 16.17 -4.82 -30.67
C GLN B 122 15.31 -5.59 -31.67
N HIS B 123 14.83 -6.76 -31.28
CA HIS B 123 13.80 -7.47 -32.01
C HIS B 123 12.46 -7.05 -31.43
N ASN B 124 11.47 -6.81 -32.30
CA ASN B 124 10.18 -6.32 -31.83
C ASN B 124 9.54 -7.31 -30.89
N MET B 125 9.45 -6.93 -29.62
CA MET B 125 8.80 -7.75 -28.60
C MET B 125 7.94 -6.87 -27.71
N VAL B 126 8.12 -5.56 -27.82
CA VAL B 126 7.38 -4.58 -27.03
C VAL B 126 6.92 -3.47 -27.96
N ASP B 127 5.97 -2.67 -27.48
CA ASP B 127 5.37 -1.63 -28.31
C ASP B 127 5.28 -0.26 -27.66
N VAL B 128 5.26 -0.16 -26.34
CA VAL B 128 5.26 1.13 -25.66
C VAL B 128 6.25 1.07 -24.51
N LEU B 129 7.07 2.12 -24.40
CA LEU B 129 8.01 2.27 -23.30
C LEU B 129 7.70 3.56 -22.54
N VAL B 130 7.65 3.47 -21.22
CA VAL B 130 7.44 4.63 -20.35
C VAL B 130 8.56 4.65 -19.32
N THR B 131 9.18 5.81 -19.15
CA THR B 131 10.35 5.93 -18.29
C THR B 131 10.32 7.29 -17.60
N THR B 132 11.43 7.64 -16.98
CA THR B 132 11.61 8.92 -16.30
C THR B 132 12.88 9.57 -16.83
N ALA B 133 12.93 10.91 -16.74
CA ALA B 133 14.02 11.66 -17.36
C ALA B 133 15.38 11.19 -16.86
N GLY B 134 15.45 10.72 -15.61
CA GLY B 134 16.68 10.14 -15.13
C GLY B 134 17.11 8.94 -15.95
N GLY B 135 16.14 8.18 -16.45
CA GLY B 135 16.47 7.03 -17.26
C GLY B 135 17.19 7.41 -18.54
N VAL B 136 16.66 8.38 -19.28
CA VAL B 136 17.31 8.80 -20.51
C VAL B 136 18.65 9.47 -20.22
N GLU B 137 18.70 10.26 -19.15
CA GLU B 137 19.95 10.91 -18.79
C GLU B 137 21.05 9.89 -18.53
N GLU B 138 20.74 8.88 -17.71
CA GLU B 138 21.75 7.86 -17.41
C GLU B 138 22.08 7.02 -18.63
N ASP B 139 21.09 6.68 -19.45
CA ASP B 139 21.34 5.78 -20.56
C ASP B 139 22.22 6.43 -21.62
N LEU B 140 22.05 7.74 -21.84
CA LEU B 140 22.85 8.40 -22.87
C LEU B 140 24.33 8.42 -22.52
N ILE B 141 24.67 8.72 -21.25
CA ILE B 141 26.08 8.83 -20.89
C ILE B 141 26.77 7.49 -20.95
N LYS B 142 26.05 6.40 -20.66
CA LYS B 142 26.67 5.09 -20.60
C LYS B 142 27.33 4.70 -21.92
N CYS B 143 26.86 5.27 -23.03
CA CYS B 143 27.51 5.05 -24.31
C CYS B 143 28.82 5.80 -24.43
N LEU B 144 29.02 6.85 -23.63
CA LEU B 144 30.21 7.68 -23.74
C LEU B 144 31.25 7.46 -22.66
N ALA B 145 30.85 7.01 -21.47
CA ALA B 145 31.78 6.80 -20.37
C ALA B 145 31.20 5.75 -19.44
N PRO B 146 32.04 5.01 -18.72
CA PRO B 146 31.54 3.90 -17.90
C PRO B 146 31.23 4.32 -16.47
N THR B 147 30.65 3.37 -15.73
CA THR B 147 30.31 3.53 -14.32
C THR B 147 30.97 2.42 -13.52
N TYR B 148 31.46 2.75 -12.32
CA TYR B 148 32.23 1.83 -11.51
C TYR B 148 31.43 1.38 -10.29
N LEU B 149 31.85 0.24 -9.74
CA LEU B 149 31.17 -0.38 -8.60
C LEU B 149 31.55 0.35 -7.31
N GLY B 150 31.17 -0.22 -6.18
CA GLY B 150 31.45 0.42 -4.91
C GLY B 150 30.85 -0.35 -3.75
N GLU B 151 30.70 0.34 -2.62
CA GLU B 151 30.18 -0.25 -1.39
C GLU B 151 28.98 0.55 -0.91
N PHE B 152 28.16 -0.09 -0.08
CA PHE B 152 26.91 0.52 0.35
C PHE B 152 27.16 1.63 1.38
N SER B 153 28.01 1.38 2.37
CA SER B 153 28.21 2.30 3.47
C SER B 153 29.50 3.08 3.25
N LEU B 154 29.35 4.34 2.81
CA LEU B 154 30.49 5.23 2.61
C LEU B 154 30.01 6.65 2.88
N ARG B 155 30.69 7.34 3.78
CA ARG B 155 30.30 8.70 4.12
C ARG B 155 30.43 9.62 2.92
N GLY B 156 29.40 10.44 2.68
CA GLY B 156 29.42 11.34 1.55
C GLY B 156 30.34 12.53 1.71
N LYS B 157 30.67 12.88 2.96
CA LYS B 157 31.56 14.01 3.19
C LYS B 157 32.93 13.78 2.57
N GLU B 158 33.46 12.56 2.72
CA GLU B 158 34.73 12.25 2.10
C GLU B 158 34.60 12.08 0.59
N LEU B 159 33.50 11.49 0.14
CA LEU B 159 33.34 11.23 -1.29
C LEU B 159 33.18 12.52 -2.08
N ARG B 160 32.60 13.56 -1.48
CA ARG B 160 32.42 14.82 -2.19
C ARG B 160 33.77 15.44 -2.56
N GLU B 161 34.74 15.37 -1.66
CA GLU B 161 36.06 15.92 -1.95
C GLU B 161 36.72 15.18 -3.11
N ASN B 162 36.63 13.85 -3.11
CA ASN B 162 37.24 13.05 -4.17
C ASN B 162 36.51 13.22 -5.50
N GLY B 163 35.32 13.79 -5.50
CA GLY B 163 34.58 13.98 -6.74
C GLY B 163 33.90 12.72 -7.22
N ILE B 164 33.14 12.07 -6.34
CA ILE B 164 32.42 10.85 -6.67
C ILE B 164 30.99 10.98 -6.17
N ASN B 165 30.02 10.78 -7.05
CA ASN B 165 28.62 10.74 -6.68
C ASN B 165 28.20 9.31 -6.37
N ARG B 166 27.08 9.18 -5.64
CA ARG B 166 26.60 7.87 -5.19
C ARG B 166 25.19 7.65 -5.69
N ILE B 167 24.95 6.46 -6.25
CA ILE B 167 23.63 6.01 -6.66
C ILE B 167 23.50 4.58 -6.15
N GLY B 168 22.87 4.42 -4.99
CA GLY B 168 22.79 3.10 -4.38
C GLY B 168 24.18 2.58 -4.05
N ASN B 169 24.47 1.37 -4.50
CA ASN B 169 25.79 0.77 -4.33
C ASN B 169 26.73 1.08 -5.48
N LEU B 170 26.32 1.90 -6.43
CA LEU B 170 27.13 2.27 -7.57
C LEU B 170 27.70 3.68 -7.37
N LEU B 171 28.87 3.92 -7.94
CA LEU B 171 29.52 5.22 -7.87
C LEU B 171 29.83 5.70 -9.27
N VAL B 172 29.53 6.97 -9.54
CA VAL B 172 29.77 7.56 -10.85
C VAL B 172 30.77 8.71 -10.69
N PRO B 173 31.60 8.99 -11.69
CA PRO B 173 32.52 10.12 -11.59
C PRO B 173 31.84 11.43 -11.95
N ASN B 174 32.44 12.52 -11.46
CA ASN B 174 32.01 13.86 -11.86
C ASN B 174 32.54 14.26 -13.22
N GLU B 175 33.59 13.58 -13.70
CA GLU B 175 34.10 13.87 -15.04
C GLU B 175 33.12 13.43 -16.11
N ASN B 176 32.30 12.41 -15.83
CA ASN B 176 31.36 11.90 -16.81
C ASN B 176 30.38 12.98 -17.26
N TYR B 177 29.89 13.78 -16.33
CA TYR B 177 28.94 14.84 -16.65
C TYR B 177 29.59 16.00 -17.39
N CYS B 178 30.91 16.01 -17.53
CA CYS B 178 31.60 17.08 -18.23
C CYS B 178 31.57 16.93 -19.74
N LYS B 179 31.26 15.74 -20.27
CA LYS B 179 31.14 15.58 -21.71
C LYS B 179 29.72 15.76 -22.21
N PHE B 180 28.71 15.52 -21.37
CA PHE B 180 27.33 15.73 -21.80
C PHE B 180 27.09 17.19 -22.14
N GLU B 181 27.60 18.10 -21.30
CA GLU B 181 27.42 19.53 -21.56
C GLU B 181 28.09 19.95 -22.87
N ASP B 182 29.18 19.29 -23.24
CA ASP B 182 29.90 19.62 -24.46
C ASP B 182 29.27 18.96 -25.69
N TRP B 183 28.23 18.14 -25.50
CA TRP B 183 27.63 17.40 -26.60
C TRP B 183 26.18 17.73 -26.86
N LEU B 184 25.46 18.31 -25.90
CA LEU B 184 24.03 18.56 -26.07
C LEU B 184 23.71 19.96 -26.55
N MET B 185 24.60 20.92 -26.37
CA MET B 185 24.28 22.31 -26.74
C MET B 185 24.00 22.48 -28.23
N PRO B 186 24.83 21.98 -29.16
CA PRO B 186 24.51 22.18 -30.59
C PRO B 186 23.19 21.58 -31.00
N ILE B 187 22.79 20.45 -30.40
CA ILE B 187 21.51 19.84 -30.74
C ILE B 187 20.37 20.80 -30.39
N LEU B 188 20.45 21.42 -29.21
CA LEU B 188 19.43 22.37 -28.81
C LEU B 188 19.43 23.61 -29.70
N ASP B 189 20.63 24.07 -30.10
CA ASP B 189 20.70 25.20 -31.01
C ASP B 189 19.97 24.89 -32.31
N GLN B 190 20.24 23.73 -32.88
CA GLN B 190 19.57 23.34 -34.12
C GLN B 190 18.08 23.16 -33.92
N MET B 191 17.66 22.68 -32.74
CA MET B 191 16.24 22.53 -32.47
C MET B 191 15.54 23.89 -32.46
N VAL B 192 16.15 24.88 -31.81
CA VAL B 192 15.56 26.21 -31.79
C VAL B 192 15.48 26.78 -33.20
N MET B 193 16.55 26.59 -33.98
CA MET B 193 16.53 27.08 -35.36
C MET B 193 15.42 26.42 -36.17
N GLU B 194 15.25 25.11 -35.99
CA GLU B 194 14.19 24.40 -36.71
C GLU B 194 12.81 24.91 -36.31
N GLN B 195 12.61 25.18 -35.02
CA GLN B 195 11.32 25.69 -34.59
C GLN B 195 11.03 27.05 -35.19
N ASN B 196 12.01 27.96 -35.17
CA ASN B 196 11.76 29.30 -35.66
C ASN B 196 11.59 29.33 -37.18
N THR B 197 12.40 28.56 -37.91
CA THR B 197 12.39 28.68 -39.37
C THR B 197 11.20 27.94 -39.97
N GLU B 198 11.16 26.62 -39.81
CA GLU B 198 10.10 25.80 -40.37
C GLU B 198 9.05 25.50 -39.30
N GLY B 199 7.83 25.24 -39.73
CA GLY B 199 6.76 24.95 -38.81
C GLY B 199 6.98 23.61 -38.14
N VAL B 200 7.10 23.62 -36.81
CA VAL B 200 7.23 22.39 -36.05
C VAL B 200 6.91 22.71 -34.59
N LYS B 201 6.16 21.82 -33.95
CA LYS B 201 5.87 21.89 -32.53
C LYS B 201 6.47 20.68 -31.86
N TRP B 202 7.21 20.91 -30.78
CA TRP B 202 7.97 19.85 -30.13
C TRP B 202 7.18 19.24 -28.98
N THR B 203 7.24 17.92 -28.88
CA THR B 203 6.62 17.14 -27.82
C THR B 203 7.68 16.22 -27.23
N PRO B 204 7.50 15.80 -25.96
CA PRO B 204 8.48 14.90 -25.36
C PRO B 204 8.67 13.60 -26.11
N SER B 205 7.62 13.10 -26.77
CA SER B 205 7.77 11.87 -27.55
C SER B 205 8.64 12.07 -28.79
N LYS B 206 8.95 13.31 -29.14
CA LYS B 206 9.76 13.58 -30.32
C LYS B 206 11.19 13.99 -29.99
N MET B 207 11.42 14.66 -28.87
CA MET B 207 12.79 15.01 -28.51
C MET B 207 13.61 13.76 -28.22
N ILE B 208 12.97 12.74 -27.64
CA ILE B 208 13.65 11.48 -27.40
C ILE B 208 14.08 10.84 -28.72
N ALA B 209 13.20 10.85 -29.70
CA ALA B 209 13.51 10.23 -30.98
C ALA B 209 14.65 10.95 -31.68
N ARG B 210 14.68 12.28 -31.59
CA ARG B 210 15.74 13.04 -32.25
C ARG B 210 17.10 12.72 -31.64
N LEU B 211 17.15 12.55 -30.31
CA LEU B 211 18.42 12.24 -29.68
C LEU B 211 18.97 10.90 -30.12
N GLY B 212 18.08 9.96 -30.45
CA GLY B 212 18.55 8.62 -30.80
C GLY B 212 19.39 8.60 -32.06
N LYS B 213 18.94 9.32 -33.09
CA LYS B 213 19.65 9.32 -34.36
C LYS B 213 21.02 9.97 -34.23
N GLU B 214 21.18 10.87 -33.26
CA GLU B 214 22.46 11.55 -33.11
C GLU B 214 23.50 10.66 -32.45
N ILE B 215 23.07 9.77 -31.55
CA ILE B 215 24.03 8.98 -30.78
C ILE B 215 24.76 7.99 -31.69
N ASN B 216 24.06 7.41 -32.67
CA ASN B 216 24.65 6.56 -33.69
C ASN B 216 25.56 5.49 -33.07
N ASN B 217 24.95 4.62 -32.27
CA ASN B 217 25.69 3.56 -31.59
C ASN B 217 24.80 2.34 -31.44
N PRO B 218 25.34 1.15 -31.68
CA PRO B 218 24.49 -0.05 -31.67
C PRO B 218 24.33 -0.69 -30.30
N GLU B 219 24.64 0.05 -29.22
CA GLU B 219 24.53 -0.51 -27.89
C GLU B 219 23.66 0.33 -26.97
N SER B 220 23.11 1.44 -27.45
CA SER B 220 22.19 2.27 -26.67
C SER B 220 20.77 1.91 -27.02
N VAL B 221 19.94 1.73 -25.99
CA VAL B 221 18.61 1.15 -26.21
C VAL B 221 17.72 2.10 -27.00
N TYR B 222 17.98 3.41 -26.89
CA TYR B 222 17.16 4.36 -27.61
C TYR B 222 17.57 4.52 -29.07
N TYR B 223 18.70 3.94 -29.47
CA TYR B 223 19.01 3.90 -30.90
C TYR B 223 18.08 2.93 -31.61
N TRP B 224 17.91 1.73 -31.06
CA TRP B 224 17.02 0.76 -31.67
C TRP B 224 15.57 1.14 -31.51
N ALA B 225 15.25 2.03 -30.57
CA ALA B 225 13.87 2.46 -30.41
C ALA B 225 13.38 3.22 -31.64
N GLN B 226 14.21 4.10 -32.19
CA GLN B 226 13.80 4.87 -33.35
C GLN B 226 13.83 4.06 -34.63
N LYS B 227 14.71 3.06 -34.71
CA LYS B 227 14.83 2.29 -35.94
C LYS B 227 13.58 1.48 -36.22
N ASN B 228 13.00 0.87 -35.19
CA ASN B 228 11.82 0.02 -35.36
C ASN B 228 10.53 0.70 -34.92
N HIS B 229 10.56 2.01 -34.66
CA HIS B 229 9.36 2.81 -34.41
C HIS B 229 8.60 2.32 -33.18
N ILE B 230 9.27 2.36 -32.04
CA ILE B 230 8.64 2.11 -30.74
C ILE B 230 8.69 3.42 -29.96
N PRO B 231 7.58 4.12 -29.80
CA PRO B 231 7.60 5.41 -29.10
C PRO B 231 7.96 5.27 -27.64
N VAL B 232 8.57 6.32 -27.09
CA VAL B 232 8.95 6.40 -25.69
C VAL B 232 8.27 7.61 -25.08
N PHE B 233 7.63 7.42 -23.93
CA PHE B 233 6.93 8.49 -23.23
C PHE B 233 7.58 8.73 -21.87
N SER B 234 7.58 9.99 -21.45
CA SER B 234 8.13 10.37 -20.15
C SER B 234 7.57 11.73 -19.75
N PRO B 235 6.42 11.78 -19.10
CA PRO B 235 5.82 13.08 -18.77
C PRO B 235 6.68 13.96 -17.90
N ALA B 236 7.41 13.40 -16.94
CA ALA B 236 8.22 14.18 -16.01
C ALA B 236 9.63 14.30 -16.59
N LEU B 237 9.73 14.96 -17.73
CA LEU B 237 10.99 15.10 -18.43
C LEU B 237 11.83 16.26 -17.91
N THR B 238 11.19 17.29 -17.37
CA THR B 238 11.92 18.45 -16.86
C THR B 238 12.81 18.07 -15.68
N ASP B 239 12.30 17.28 -14.75
CA ASP B 239 13.03 16.96 -13.53
C ASP B 239 14.16 16.00 -13.86
N GLY B 240 15.39 16.41 -13.58
CA GLY B 240 16.53 15.57 -13.82
C GLY B 240 17.72 16.41 -14.27
N SER B 241 18.84 15.72 -14.48
CA SER B 241 20.03 16.41 -14.96
C SER B 241 19.85 16.99 -16.36
N LEU B 242 18.95 16.42 -17.16
CA LEU B 242 18.67 16.99 -18.46
C LEU B 242 18.02 18.36 -18.34
N GLY B 243 17.36 18.60 -17.22
CA GLY B 243 16.75 19.91 -17.00
C GLY B 243 17.83 20.95 -16.77
N ASP B 244 18.93 20.54 -16.15
CA ASP B 244 19.98 21.53 -15.81
C ASP B 244 20.51 22.13 -17.10
N MET B 245 20.73 21.29 -18.12
CA MET B 245 21.30 21.79 -19.39
C MET B 245 20.33 22.77 -20.01
N ILE B 246 19.03 22.49 -19.94
CA ILE B 246 18.02 23.36 -20.60
C ILE B 246 18.09 24.75 -19.95
N PHE B 247 18.23 24.82 -18.62
CA PHE B 247 18.18 26.14 -17.95
C PHE B 247 19.33 27.02 -18.43
N PHE B 248 20.53 26.48 -18.52
CA PHE B 248 21.69 27.33 -18.89
C PHE B 248 21.49 27.84 -20.32
N HIS B 249 21.00 26.98 -21.22
CA HIS B 249 20.83 27.35 -22.65
C HIS B 249 19.83 28.50 -22.76
N SER B 250 18.84 28.55 -21.87
CA SER B 250 17.77 29.56 -21.99
C SER B 250 18.33 30.98 -21.94
N TYR B 251 19.41 31.22 -21.20
CA TYR B 251 19.90 32.61 -21.03
C TYR B 251 20.88 32.97 -22.14
N LYS B 252 20.88 32.26 -23.26
CA LYS B 252 21.63 32.67 -24.43
C LYS B 252 20.83 32.61 -25.72
N ASN B 253 20.03 31.56 -25.92
CA ASN B 253 19.19 31.42 -27.11
C ASN B 253 17.78 31.06 -26.66
N PRO B 254 17.03 32.03 -26.17
CA PRO B 254 15.72 31.74 -25.57
C PRO B 254 14.65 31.47 -26.61
N GLY B 255 13.61 30.77 -26.18
CA GLY B 255 12.43 30.59 -27.02
C GLY B 255 11.90 29.17 -27.12
N LEU B 256 12.54 28.21 -26.47
CA LEU B 256 12.15 26.83 -26.64
C LEU B 256 10.77 26.57 -26.04
N VAL B 257 10.01 25.70 -26.70
CA VAL B 257 8.64 25.40 -26.33
C VAL B 257 8.44 23.89 -26.32
N LEU B 258 7.77 23.38 -25.28
CA LEU B 258 7.39 21.98 -25.21
C LEU B 258 5.94 21.88 -24.77
N ASP B 259 5.26 20.85 -25.27
CA ASP B 259 3.84 20.68 -25.01
C ASP B 259 3.58 19.26 -24.53
N ILE B 260 2.75 19.13 -23.51
CA ILE B 260 2.45 17.83 -22.91
C ILE B 260 1.05 17.35 -23.23
N VAL B 261 0.23 18.16 -23.89
CA VAL B 261 -1.13 17.71 -24.20
C VAL B 261 -1.18 16.87 -25.45
N GLU B 262 -0.18 16.96 -26.33
CA GLU B 262 -0.17 16.12 -27.53
C GLU B 262 0.23 14.69 -27.21
N ASP B 263 1.14 14.49 -26.26
CA ASP B 263 1.55 13.13 -25.91
C ASP B 263 0.40 12.31 -25.36
N LEU B 264 -0.44 12.93 -24.53
CA LEU B 264 -1.59 12.23 -23.98
C LEU B 264 -2.44 11.62 -25.08
N ARG B 265 -2.69 12.37 -26.15
CA ARG B 265 -3.50 11.85 -27.23
C ARG B 265 -2.86 10.62 -27.86
N LEU B 266 -1.55 10.69 -28.10
CA LEU B 266 -0.87 9.56 -28.73
C LEU B 266 -0.95 8.32 -27.86
N ILE B 267 -0.66 8.46 -26.56
CA ILE B 267 -0.63 7.27 -25.72
C ILE B 267 -2.03 6.69 -25.55
N ASN B 268 -3.04 7.55 -25.44
CA ASN B 268 -4.40 7.05 -25.26
C ASN B 268 -4.89 6.33 -26.51
N THR B 269 -4.71 6.94 -27.68
CA THR B 269 -5.15 6.26 -28.89
C THR B 269 -4.27 5.09 -29.27
N GLN B 270 -3.09 4.96 -28.67
CA GLN B 270 -2.34 3.72 -28.86
C GLN B 270 -2.98 2.55 -28.14
N ALA B 271 -3.86 2.81 -27.18
CA ALA B 271 -4.50 1.75 -26.42
C ALA B 271 -5.98 1.59 -26.72
N ILE B 272 -6.65 2.65 -27.20
CA ILE B 272 -8.08 2.54 -27.45
C ILE B 272 -8.35 1.59 -28.62
N PHE B 273 -7.49 1.62 -29.63
CA PHE B 273 -7.71 0.87 -30.88
C PHE B 273 -6.94 -0.43 -30.92
N ALA B 274 -6.76 -1.11 -29.79
CA ALA B 274 -5.97 -2.32 -29.73
C ALA B 274 -6.86 -3.52 -29.43
N LYS B 275 -6.57 -4.64 -30.10
CA LYS B 275 -7.38 -5.84 -29.91
C LYS B 275 -7.22 -6.40 -28.50
N CYS B 276 -5.98 -6.59 -28.05
CA CYS B 276 -5.73 -7.08 -26.70
C CYS B 276 -4.42 -6.48 -26.20
N THR B 277 -4.31 -6.32 -24.88
CA THR B 277 -3.20 -5.58 -24.28
C THR B 277 -2.62 -6.35 -23.11
N GLY B 278 -1.39 -6.02 -22.77
CA GLY B 278 -0.73 -6.60 -21.61
C GLY B 278 0.20 -5.59 -20.98
N MET B 279 0.43 -5.76 -19.68
CA MET B 279 1.23 -4.84 -18.90
C MET B 279 2.34 -5.58 -18.17
N ILE B 280 3.54 -5.00 -18.18
CA ILE B 280 4.66 -5.48 -17.38
C ILE B 280 5.28 -4.24 -16.72
N ILE B 281 4.89 -3.97 -15.48
CA ILE B 281 5.38 -2.83 -14.74
C ILE B 281 6.50 -3.31 -13.82
N LEU B 282 7.69 -2.75 -13.98
CA LEU B 282 8.87 -3.25 -13.31
C LEU B 282 9.29 -2.39 -12.13
N GLY B 283 8.49 -1.41 -11.74
CA GLY B 283 8.82 -0.59 -10.59
C GLY B 283 7.69 0.38 -10.30
N GLY B 284 7.66 0.84 -9.05
CA GLY B 284 6.63 1.75 -8.64
C GLY B 284 6.91 3.19 -9.01
N GLY B 285 5.88 4.02 -8.94
CA GLY B 285 6.03 5.44 -9.18
C GLY B 285 5.06 6.00 -10.20
N VAL B 286 5.47 7.06 -10.90
CA VAL B 286 4.62 7.66 -11.91
C VAL B 286 4.43 6.71 -13.09
N VAL B 287 5.40 5.84 -13.35
CA VAL B 287 5.29 4.92 -14.48
C VAL B 287 4.13 3.96 -14.27
N LYS B 288 3.89 3.54 -13.04
CA LYS B 288 2.75 2.67 -12.78
C LYS B 288 1.43 3.40 -12.99
N HIS B 289 1.36 4.66 -12.57
CA HIS B 289 0.12 5.41 -12.71
C HIS B 289 -0.19 5.70 -14.17
N HIS B 290 0.80 6.12 -14.94
CA HIS B 290 0.56 6.52 -16.32
C HIS B 290 0.12 5.34 -17.17
N ILE B 291 0.75 4.19 -17.00
CA ILE B 291 0.44 3.04 -17.84
C ILE B 291 -0.95 2.51 -17.50
N ALA B 292 -1.25 2.36 -16.22
CA ALA B 292 -2.53 1.80 -15.82
C ALA B 292 -3.68 2.72 -16.22
N ASN B 293 -3.50 4.03 -16.05
CA ASN B 293 -4.57 4.97 -16.39
C ASN B 293 -4.86 4.96 -17.88
N ALA B 294 -3.86 4.65 -18.70
CA ALA B 294 -4.09 4.58 -20.14
C ALA B 294 -5.08 3.48 -20.48
N ASN B 295 -4.97 2.34 -19.82
CA ASN B 295 -5.86 1.23 -20.12
C ASN B 295 -7.24 1.39 -19.51
N LEU B 296 -7.47 2.42 -18.70
CA LEU B 296 -8.79 2.63 -18.12
C LEU B 296 -9.83 2.88 -19.20
N MET B 297 -9.48 3.64 -20.21
CA MET B 297 -10.43 3.95 -21.28
C MET B 297 -10.80 2.75 -22.12
N ARG B 298 -10.36 1.53 -21.83
CA ARG B 298 -10.79 0.37 -22.61
C ARG B 298 -11.15 -0.80 -21.70
N ASN B 299 -11.65 -0.51 -20.51
CA ASN B 299 -12.09 -1.53 -19.55
C ASN B 299 -10.95 -2.49 -19.20
N GLY B 300 -9.80 -1.92 -18.87
CA GLY B 300 -8.70 -2.68 -18.29
C GLY B 300 -7.94 -3.50 -19.31
N ALA B 301 -6.90 -4.16 -18.81
CA ALA B 301 -6.08 -5.04 -19.63
C ALA B 301 -6.53 -6.48 -19.47
N ASP B 302 -5.87 -7.38 -20.19
CA ASP B 302 -6.23 -8.79 -20.13
C ASP B 302 -5.16 -9.66 -19.48
N TYR B 303 -3.92 -9.20 -19.40
CA TYR B 303 -2.86 -9.89 -18.69
C TYR B 303 -1.94 -8.87 -18.06
N ALA B 304 -1.46 -9.14 -16.85
CA ALA B 304 -0.63 -8.17 -16.15
C ALA B 304 0.32 -8.90 -15.20
N VAL B 305 1.41 -8.22 -14.87
CA VAL B 305 2.38 -8.71 -13.90
C VAL B 305 3.11 -7.52 -13.30
N TYR B 306 3.37 -7.59 -12.00
CA TYR B 306 4.04 -6.53 -11.27
C TYR B 306 5.28 -7.10 -10.59
N ILE B 307 6.35 -6.30 -10.53
CA ILE B 307 7.56 -6.67 -9.81
C ILE B 307 8.08 -5.43 -9.10
N ASN B 308 7.89 -5.38 -7.79
CA ASN B 308 8.37 -4.25 -6.99
C ASN B 308 8.46 -4.70 -5.54
N THR B 309 9.12 -3.87 -4.73
CA THR B 309 9.40 -4.18 -3.33
C THR B 309 8.79 -3.14 -2.40
N ALA B 310 7.55 -2.72 -2.68
CA ALA B 310 6.91 -1.70 -1.88
C ALA B 310 6.07 -2.33 -0.78
N GLN B 311 5.40 -1.49 -0.01
CA GLN B 311 4.53 -1.94 1.07
C GLN B 311 3.15 -1.31 0.91
N GLU B 312 2.16 -1.94 1.53
CA GLU B 312 0.77 -1.56 1.33
C GLU B 312 0.16 -0.82 2.52
N PHE B 313 0.78 -0.87 3.70
CA PHE B 313 0.16 -0.24 4.86
C PHE B 313 0.21 1.28 4.78
N ASP B 314 1.17 1.84 4.05
CA ASP B 314 1.22 3.29 3.86
C ASP B 314 0.12 3.78 2.93
N GLY B 315 -0.42 2.92 2.08
CA GLY B 315 -1.45 3.30 1.14
C GLY B 315 -0.94 3.90 -0.15
N SER B 316 0.37 3.97 -0.36
CA SER B 316 0.91 4.55 -1.57
C SER B 316 0.48 3.74 -2.79
N ASP B 317 0.34 4.44 -3.92
CA ASP B 317 -0.02 3.78 -5.18
C ASP B 317 1.02 2.73 -5.55
N SER B 318 2.30 2.97 -5.23
CA SER B 318 3.35 2.04 -5.60
C SER B 318 3.12 0.67 -4.95
N GLY B 319 2.68 0.65 -3.71
CA GLY B 319 2.46 -0.59 -3.00
C GLY B 319 1.09 -1.19 -3.14
N ALA B 320 0.25 -0.66 -4.02
CA ALA B 320 -1.11 -1.16 -4.16
C ALA B 320 -1.10 -2.59 -4.68
N ARG B 321 -1.92 -3.43 -4.06
CA ARG B 321 -2.06 -4.81 -4.49
C ARG B 321 -2.77 -4.86 -5.84
N PRO B 322 -2.56 -5.94 -6.60
CA PRO B 322 -3.24 -6.04 -7.90
C PRO B 322 -4.76 -5.99 -7.79
N ASP B 323 -5.33 -6.51 -6.71
CA ASP B 323 -6.78 -6.46 -6.54
C ASP B 323 -7.30 -5.05 -6.29
N GLU B 324 -6.43 -4.10 -5.95
CA GLU B 324 -6.85 -2.71 -5.83
C GLU B 324 -7.12 -2.09 -7.20
N ALA B 325 -6.39 -2.55 -8.23
CA ALA B 325 -6.58 -1.99 -9.56
C ALA B 325 -7.97 -2.30 -10.10
N VAL B 326 -8.49 -3.50 -9.82
CA VAL B 326 -9.78 -3.89 -10.38
C VAL B 326 -10.92 -3.06 -9.80
N SER B 327 -10.72 -2.42 -8.65
CA SER B 327 -11.74 -1.54 -8.12
C SER B 327 -11.94 -0.32 -9.02
N TRP B 328 -10.85 0.27 -9.50
CA TRP B 328 -10.93 1.44 -10.35
C TRP B 328 -11.35 1.12 -11.77
N GLY B 329 -11.24 -0.12 -12.17
CA GLY B 329 -11.52 -0.45 -13.55
C GLY B 329 -10.27 -0.22 -14.35
N LYS B 330 -9.20 -0.92 -14.00
CA LYS B 330 -7.97 -0.82 -14.77
C LYS B 330 -7.46 -2.21 -15.08
N ILE B 331 -8.07 -3.23 -14.49
CA ILE B 331 -7.69 -4.62 -14.79
C ILE B 331 -8.98 -5.44 -14.83
N ARG B 332 -9.35 -5.94 -15.99
CA ARG B 332 -10.60 -6.66 -16.19
C ARG B 332 -10.81 -7.70 -15.11
N VAL B 333 -12.09 -8.01 -14.86
CA VAL B 333 -12.47 -8.94 -13.79
C VAL B 333 -12.25 -10.40 -14.14
N ASP B 334 -11.85 -10.69 -15.38
CA ASP B 334 -11.59 -12.07 -15.78
C ASP B 334 -10.12 -12.47 -15.64
N ALA B 335 -9.21 -11.49 -15.67
CA ALA B 335 -7.79 -11.79 -15.63
C ALA B 335 -7.37 -12.27 -14.24
N GLN B 336 -6.14 -12.78 -14.16
CA GLN B 336 -5.56 -13.28 -12.92
C GLN B 336 -4.19 -12.67 -12.75
N PRO B 337 -4.12 -11.41 -12.30
CA PRO B 337 -2.82 -10.76 -12.13
C PRO B 337 -2.02 -11.37 -11.00
N VAL B 338 -0.70 -11.26 -11.10
CA VAL B 338 0.21 -11.74 -10.07
C VAL B 338 1.24 -10.66 -9.78
N LYS B 339 1.79 -10.70 -8.57
CA LYS B 339 2.74 -9.68 -8.14
C LYS B 339 3.78 -10.32 -7.24
N VAL B 340 5.05 -10.10 -7.58
CA VAL B 340 6.17 -10.76 -6.93
C VAL B 340 6.94 -9.74 -6.11
N TYR B 341 7.19 -10.05 -4.84
CA TYR B 341 7.96 -9.18 -3.96
C TYR B 341 9.42 -9.62 -4.01
N ALA B 342 10.22 -8.97 -4.85
CA ALA B 342 11.64 -9.23 -4.91
C ALA B 342 12.31 -8.09 -5.65
N ASP B 343 13.61 -7.94 -5.44
CA ASP B 343 14.37 -6.97 -6.20
C ASP B 343 14.42 -7.38 -7.66
N ALA B 344 14.30 -6.40 -8.55
CA ALA B 344 14.19 -6.70 -9.98
C ALA B 344 15.48 -7.30 -10.54
N SER B 345 16.62 -7.09 -9.89
CA SER B 345 17.87 -7.59 -10.42
C SER B 345 17.93 -9.11 -10.41
N LEU B 346 17.41 -9.74 -9.37
CA LEU B 346 17.53 -11.18 -9.19
C LEU B 346 16.36 -11.97 -9.78
N VAL B 347 15.39 -11.30 -10.39
CA VAL B 347 14.21 -11.97 -10.92
C VAL B 347 14.05 -11.74 -12.42
N PHE B 348 14.22 -10.49 -12.88
CA PHE B 348 13.94 -10.19 -14.28
C PHE B 348 14.79 -10.99 -15.25
N PRO B 349 16.12 -11.09 -15.10
CA PRO B 349 16.89 -11.90 -16.06
C PRO B 349 16.45 -13.35 -16.10
N LEU B 350 16.02 -13.92 -14.98
CA LEU B 350 15.57 -15.31 -14.99
C LEU B 350 14.23 -15.44 -15.70
N LEU B 351 13.35 -14.45 -15.54
CA LEU B 351 12.02 -14.53 -16.15
C LEU B 351 12.12 -14.56 -17.66
N VAL B 352 12.98 -13.72 -18.24
CA VAL B 352 13.14 -13.68 -19.69
C VAL B 352 13.86 -14.90 -20.22
N ALA B 353 14.45 -15.73 -19.35
CA ALA B 353 15.18 -16.90 -19.82
C ALA B 353 14.23 -17.95 -20.38
N GLU B 354 13.11 -18.20 -19.73
CA GLU B 354 12.19 -19.21 -20.21
C GLU B 354 11.12 -18.66 -21.15
N THR B 355 10.67 -17.43 -20.94
CA THR B 355 9.53 -16.94 -21.71
C THR B 355 9.94 -16.45 -23.10
N PHE B 356 10.75 -15.40 -23.17
CA PHE B 356 10.97 -14.69 -24.42
C PHE B 356 12.17 -15.18 -25.21
N ALA B 357 12.99 -16.06 -24.65
CA ALA B 357 14.20 -16.49 -25.32
C ALA B 357 14.07 -17.82 -26.03
N GLN B 358 13.13 -18.66 -25.62
CA GLN B 358 12.98 -19.98 -26.21
C GLN B 358 12.23 -19.94 -27.54
N LYS B 359 11.68 -18.80 -27.93
CA LYS B 359 10.95 -18.66 -29.18
C LYS B 359 11.54 -17.58 -30.07
N MET B 360 12.86 -17.41 -30.03
CA MET B 360 13.51 -16.40 -30.85
C MET B 360 13.34 -16.70 -32.34
N ASP B 361 13.48 -17.97 -32.72
CA ASP B 361 13.34 -18.36 -34.12
C ASP B 361 11.92 -18.16 -34.64
N ALA B 362 10.94 -17.94 -33.77
CA ALA B 362 9.56 -17.71 -34.17
C ALA B 362 9.29 -16.26 -34.56
N PHE B 363 10.33 -15.49 -34.87
CA PHE B 363 10.18 -14.11 -35.29
C PHE B 363 11.19 -13.78 -36.39
N THR C 30 24.18 11.79 27.57
CA THR C 30 22.75 11.75 27.83
C THR C 30 22.27 10.33 28.09
N GLN C 31 21.85 10.08 29.32
CA GLN C 31 21.37 8.76 29.70
C GLN C 31 19.98 8.51 29.13
N VAL C 32 19.55 7.26 29.19
CA VAL C 32 18.22 6.86 28.75
C VAL C 32 17.27 6.93 29.94
N ARG C 33 16.14 7.59 29.74
CA ARG C 33 15.17 7.80 30.83
C ARG C 33 13.82 8.13 30.23
N GLY C 34 12.83 7.27 30.49
CA GLY C 34 11.49 7.50 30.01
C GLY C 34 10.73 8.46 30.91
N TYR C 35 9.41 8.40 30.83
CA TYR C 35 8.54 9.25 31.63
C TYR C 35 7.92 8.42 32.75
N ASP C 36 8.07 8.91 33.98
CA ASP C 36 7.49 8.25 35.15
C ASP C 36 6.11 8.82 35.40
N PHE C 37 5.09 7.98 35.33
CA PHE C 37 3.71 8.44 35.41
C PHE C 37 3.26 8.76 36.83
N ASN C 38 4.09 8.47 37.84
CA ASN C 38 3.67 8.74 39.21
C ASN C 38 3.45 10.22 39.45
N ARG C 39 4.12 11.08 38.69
CA ARG C 39 3.93 12.51 38.87
C ARG C 39 2.53 12.94 38.46
N GLY C 40 1.98 12.29 37.45
CA GLY C 40 0.65 12.64 36.97
C GLY C 40 0.54 12.52 35.47
N VAL C 41 -0.37 13.28 34.86
CA VAL C 41 -0.55 13.29 33.42
C VAL C 41 -0.45 14.76 32.99
N ASN C 42 0.71 15.15 32.47
CA ASN C 42 0.91 16.48 31.89
C ASN C 42 1.45 16.25 30.48
N TYR C 43 0.66 16.63 29.48
CA TYR C 43 1.01 16.27 28.11
C TYR C 43 2.27 16.98 27.63
N ARG C 44 2.55 18.17 28.17
CA ARG C 44 3.70 18.92 27.72
C ARG C 44 4.99 18.18 27.99
N ALA C 45 5.12 17.60 29.19
CA ALA C 45 6.35 16.90 29.52
C ALA C 45 6.49 15.60 28.72
N LEU C 46 5.37 14.95 28.43
CA LEU C 46 5.43 13.66 27.73
C LEU C 46 6.01 13.83 26.34
N LEU C 47 5.58 14.88 25.62
CA LEU C 47 6.09 15.10 24.28
C LEU C 47 7.58 15.42 24.29
N GLU C 48 8.03 16.22 25.26
CA GLU C 48 9.45 16.57 25.32
C GLU C 48 10.29 15.37 25.73
N ALA C 49 9.76 14.49 26.57
CA ALA C 49 10.52 13.35 27.05
C ALA C 49 10.87 12.37 25.95
N PHE C 50 10.25 12.47 24.78
CA PHE C 50 10.55 11.56 23.69
C PHE C 50 11.98 11.67 23.21
N GLY C 51 12.68 12.76 23.55
CA GLY C 51 14.03 12.95 23.04
C GLY C 51 15.00 11.91 23.56
N THR C 52 14.87 11.52 24.82
CA THR C 52 15.81 10.61 25.46
C THR C 52 15.27 9.19 25.55
N THR C 53 14.15 8.89 24.89
CA THR C 53 13.59 7.55 24.99
C THR C 53 14.45 6.53 24.24
N GLY C 54 14.91 6.89 23.05
CA GLY C 54 15.76 6.02 22.25
C GLY C 54 15.02 5.43 21.06
N PHE C 55 15.79 4.74 20.24
CA PHE C 55 15.31 4.08 19.02
C PHE C 55 14.67 5.15 18.14
N GLN C 56 13.64 4.78 17.37
CA GLN C 56 13.04 5.74 16.44
C GLN C 56 12.34 6.87 17.16
N ALA C 57 12.05 6.72 18.46
CA ALA C 57 11.45 7.81 19.20
C ALA C 57 12.39 9.00 19.30
N THR C 58 13.68 8.75 19.52
CA THR C 58 14.64 9.83 19.66
C THR C 58 14.94 10.53 18.35
N ASN C 59 14.68 9.86 17.21
CA ASN C 59 14.79 10.54 15.93
C ASN C 59 13.76 11.65 15.81
N PHE C 60 12.54 11.39 16.30
CA PHE C 60 11.53 12.43 16.39
C PHE C 60 11.99 13.58 17.27
N GLY C 61 12.84 13.28 18.27
CA GLY C 61 13.35 14.33 19.12
C GLY C 61 14.27 15.28 18.39
N ARG C 62 15.03 14.78 17.43
CA ARG C 62 15.91 15.66 16.67
C ARG C 62 15.11 16.53 15.71
N ALA C 63 13.90 16.10 15.33
CA ALA C 63 13.11 16.87 14.39
C ALA C 63 12.61 18.16 15.02
N VAL C 64 12.17 18.11 16.28
CA VAL C 64 11.63 19.31 16.92
C VAL C 64 12.72 20.34 17.12
N GLN C 65 13.95 19.92 17.41
CA GLN C 65 15.05 20.87 17.52
C GLN C 65 15.44 21.43 16.17
N GLN C 66 15.43 20.61 15.12
CA GLN C 66 15.84 21.06 13.80
C GLN C 66 14.85 22.07 13.23
N VAL C 67 13.55 21.77 13.28
CA VAL C 67 12.56 22.65 12.69
C VAL C 67 12.50 23.97 13.44
N ASN C 68 12.65 23.92 14.76
CA ASN C 68 12.58 25.15 15.57
C ASN C 68 13.61 26.17 15.13
N ALA C 69 14.80 25.72 14.71
CA ALA C 69 15.82 26.64 14.24
C ALA C 69 15.36 27.42 13.02
N MET C 70 14.65 26.74 12.11
CA MET C 70 14.16 27.42 10.92
C MET C 70 13.25 28.58 11.28
N ILE C 71 12.27 28.32 12.16
CA ILE C 71 11.31 29.36 12.52
C ILE C 71 12.01 30.47 13.28
N GLU C 72 12.97 30.12 14.15
CA GLU C 72 13.70 31.15 14.88
C GLU C 72 14.49 32.04 13.95
N LYS C 73 15.12 31.45 12.92
CA LYS C 73 15.91 32.25 11.99
C LYS C 73 15.05 33.05 11.02
N LYS C 74 13.83 32.60 10.74
CA LYS C 74 13.00 33.31 9.78
C LYS C 74 12.60 34.69 10.28
N LEU C 75 12.32 34.82 11.58
CA LEU C 75 11.81 36.06 12.13
C LEU C 75 12.89 37.13 12.31
N GLU C 76 14.15 36.82 12.04
CA GLU C 76 15.21 37.80 12.24
C GLU C 76 14.98 39.00 11.33
N PRO C 77 15.24 40.22 11.80
CA PRO C 77 14.99 41.40 10.97
C PRO C 77 16.07 41.59 9.93
N LEU C 78 15.64 42.04 8.75
CA LEU C 78 16.56 42.27 7.64
C LEU C 78 17.20 43.64 7.73
N PRO C 94 7.12 39.63 -1.19
CA PRO C 94 8.22 40.09 -0.34
C PRO C 94 9.22 38.98 -0.04
N LEU C 95 10.39 39.35 0.45
CA LEU C 95 11.46 38.41 0.74
C LEU C 95 11.69 38.35 2.25
N THR C 96 11.72 37.15 2.79
CA THR C 96 11.98 36.92 4.21
C THR C 96 13.43 36.47 4.38
N SER C 97 13.81 36.15 5.62
CA SER C 97 15.16 35.71 5.89
C SER C 97 15.37 34.23 5.64
N CYS C 98 14.30 33.47 5.39
CA CYS C 98 14.43 32.05 5.14
C CYS C 98 13.25 31.58 4.31
N THR C 99 13.52 30.69 3.36
CA THR C 99 12.50 30.14 2.48
C THR C 99 12.25 28.69 2.84
N ILE C 100 10.98 28.32 2.99
CA ILE C 100 10.59 26.98 3.44
C ILE C 100 9.95 26.26 2.27
N PHE C 101 10.42 25.04 2.01
CA PHE C 101 9.95 24.22 0.91
C PHE C 101 9.10 23.09 1.49
N LEU C 102 7.90 22.90 0.95
CA LEU C 102 6.98 21.89 1.47
C LEU C 102 6.41 21.08 0.32
N GLY C 103 6.37 19.76 0.49
CA GLY C 103 5.85 18.89 -0.54
C GLY C 103 5.13 17.69 0.06
N TYR C 104 4.27 17.09 -0.75
CA TYR C 104 3.50 15.94 -0.31
C TYR C 104 3.06 15.12 -1.51
N THR C 105 2.60 13.91 -1.25
CA THR C 105 2.14 13.00 -2.27
C THR C 105 0.61 13.03 -2.36
N SER C 106 0.05 12.15 -3.17
CA SER C 106 -1.39 12.18 -3.44
C SER C 106 -2.20 11.64 -2.27
N ASN C 107 -1.62 10.72 -1.49
CA ASN C 107 -2.36 10.09 -0.41
C ASN C 107 -2.79 11.10 0.64
N LEU C 108 -1.84 11.93 1.10
CA LEU C 108 -2.09 12.75 2.27
C LEU C 108 -3.22 13.75 2.02
N ILE C 109 -3.25 14.34 0.83
CA ILE C 109 -4.28 15.34 0.56
C ILE C 109 -5.65 14.70 0.45
N SER C 110 -5.73 13.40 0.24
CA SER C 110 -7.01 12.70 0.25
C SER C 110 -7.39 12.21 1.63
N SER C 111 -6.46 12.19 2.57
CA SER C 111 -6.71 11.73 3.92
C SER C 111 -7.09 12.92 4.79
N GLY C 112 -7.11 12.72 6.10
CA GLY C 112 -7.48 13.77 7.02
C GLY C 112 -6.40 14.78 7.32
N ILE C 113 -5.19 14.59 6.79
CA ILE C 113 -4.11 15.52 7.07
C ILE C 113 -4.33 16.85 6.36
N ARG C 114 -5.32 16.93 5.47
CA ARG C 114 -5.56 18.17 4.72
C ARG C 114 -5.82 19.34 5.64
N GLU C 115 -6.45 19.11 6.79
CA GLU C 115 -6.71 20.20 7.72
C GLU C 115 -5.41 20.81 8.23
N THR C 116 -4.41 19.97 8.51
CA THR C 116 -3.12 20.49 8.98
C THR C 116 -2.44 21.34 7.92
N ILE C 117 -2.50 20.91 6.66
CA ILE C 117 -1.85 21.65 5.58
C ILE C 117 -2.45 23.05 5.47
N ARG C 118 -3.76 23.17 5.66
CA ARG C 118 -4.41 24.46 5.55
C ARG C 118 -3.85 25.45 6.56
N TYR C 119 -3.61 24.99 7.78
CA TYR C 119 -3.07 25.87 8.81
C TYR C 119 -1.68 26.36 8.45
N LEU C 120 -0.87 25.49 7.85
CA LEU C 120 0.50 25.85 7.51
C LEU C 120 0.59 26.83 6.35
N VAL C 121 -0.51 27.07 5.64
CA VAL C 121 -0.51 27.93 4.47
C VAL C 121 -1.31 29.21 4.71
N GLN C 122 -2.39 29.12 5.48
CA GLN C 122 -3.26 30.27 5.67
C GLN C 122 -2.53 31.43 6.32
N HIS C 123 -1.57 31.14 7.20
CA HIS C 123 -0.93 32.16 8.01
C HIS C 123 0.47 32.53 7.51
N ASN C 124 0.71 32.40 6.20
CA ASN C 124 1.98 32.78 5.59
C ASN C 124 3.15 32.14 6.32
N MET C 125 3.09 30.81 6.43
CA MET C 125 4.07 30.05 7.18
C MET C 125 5.00 29.22 6.32
N VAL C 126 4.61 28.95 5.07
CA VAL C 126 5.49 28.34 4.08
C VAL C 126 5.44 29.21 2.83
N ASP C 127 6.43 29.04 1.96
CA ASP C 127 6.58 29.92 0.81
C ASP C 127 6.21 29.27 -0.52
N VAL C 128 6.68 28.07 -0.82
CA VAL C 128 6.30 27.40 -2.06
C VAL C 128 5.89 25.97 -1.76
N LEU C 129 5.12 25.39 -2.67
CA LEU C 129 4.60 24.03 -2.52
C LEU C 129 4.88 23.22 -3.77
N VAL C 130 5.05 21.91 -3.59
CA VAL C 130 5.21 20.97 -4.69
C VAL C 130 4.25 19.81 -4.46
N THR C 131 3.53 19.42 -5.52
CA THR C 131 2.53 18.36 -5.42
C THR C 131 2.60 17.48 -6.66
N THR C 132 1.85 16.39 -6.62
CA THR C 132 1.77 15.44 -7.71
C THR C 132 0.47 15.66 -8.50
N ALA C 133 0.18 14.74 -9.40
CA ALA C 133 -0.96 14.90 -10.30
C ALA C 133 -2.27 14.87 -9.53
N GLY C 134 -2.47 13.85 -8.70
CA GLY C 134 -3.72 13.71 -7.99
C GLY C 134 -3.91 14.69 -6.86
N GLY C 135 -2.83 15.33 -6.42
CA GLY C 135 -2.89 16.21 -5.27
C GLY C 135 -3.79 17.41 -5.45
N VAL C 136 -4.17 17.72 -6.69
CA VAL C 136 -5.06 18.84 -6.97
C VAL C 136 -6.48 18.36 -7.25
N GLU C 137 -6.64 17.28 -8.01
CA GLU C 137 -7.97 16.78 -8.30
C GLU C 137 -8.64 16.24 -7.04
N GLU C 138 -7.88 15.58 -6.18
CA GLU C 138 -8.47 15.10 -4.93
C GLU C 138 -8.80 16.26 -4.01
N ASP C 139 -8.01 17.33 -4.05
CA ASP C 139 -8.28 18.48 -3.21
C ASP C 139 -9.55 19.20 -3.63
N LEU C 140 -9.69 19.47 -4.92
CA LEU C 140 -10.82 20.28 -5.37
C LEU C 140 -12.14 19.55 -5.21
N ILE C 141 -12.12 18.22 -5.31
CA ILE C 141 -13.36 17.44 -5.23
C ILE C 141 -13.94 17.51 -3.84
N LYS C 142 -13.09 17.54 -2.81
CA LYS C 142 -13.57 17.48 -1.43
C LYS C 142 -14.43 18.67 -1.06
N CYS C 143 -14.40 19.73 -1.85
CA CYS C 143 -15.26 20.89 -1.63
C CYS C 143 -16.63 20.74 -2.28
N LEU C 144 -16.94 19.58 -2.85
CA LEU C 144 -18.25 19.32 -3.43
C LEU C 144 -18.91 18.04 -2.95
N ALA C 145 -18.14 17.03 -2.50
CA ALA C 145 -18.72 15.80 -1.98
C ALA C 145 -17.66 15.10 -1.16
N PRO C 146 -18.00 14.56 0.01
CA PRO C 146 -16.99 14.03 0.92
C PRO C 146 -16.67 12.56 0.65
N THR C 147 -15.66 12.07 1.37
CA THR C 147 -15.20 10.70 1.31
C THR C 147 -15.62 9.95 2.58
N TYR C 148 -15.52 8.63 2.53
CA TYR C 148 -15.99 7.77 3.61
C TYR C 148 -14.92 6.76 3.99
N LEU C 149 -15.09 6.15 5.17
CA LEU C 149 -14.14 5.20 5.71
C LEU C 149 -14.53 3.77 5.31
N GLY C 150 -13.69 2.82 5.70
CA GLY C 150 -13.90 1.42 5.35
C GLY C 150 -12.87 0.50 5.97
N GLU C 151 -12.45 -0.52 5.24
CA GLU C 151 -11.48 -1.48 5.72
C GLU C 151 -10.52 -1.83 4.59
N PHE C 152 -9.56 -2.71 4.90
CA PHE C 152 -8.53 -3.08 3.94
C PHE C 152 -8.81 -4.40 3.23
N SER C 153 -9.62 -5.27 3.81
CA SER C 153 -9.79 -6.63 3.30
C SER C 153 -10.89 -6.74 2.24
N LEU C 154 -11.51 -5.64 1.85
CA LEU C 154 -12.59 -5.72 0.88
C LEU C 154 -12.08 -6.23 -0.46
N ARG C 155 -12.88 -7.07 -1.10
CA ARG C 155 -12.50 -7.63 -2.40
C ARG C 155 -12.71 -6.58 -3.49
N GLY C 156 -12.52 -6.97 -4.74
CA GLY C 156 -12.59 -6.02 -5.84
C GLY C 156 -13.79 -6.15 -6.74
N LYS C 157 -14.21 -7.39 -7.02
CA LYS C 157 -15.31 -7.61 -7.95
C LYS C 157 -16.61 -7.02 -7.42
N GLU C 158 -16.91 -7.24 -6.14
CA GLU C 158 -18.14 -6.71 -5.56
C GLU C 158 -18.15 -5.18 -5.57
N LEU C 159 -17.02 -4.57 -5.23
CA LEU C 159 -16.93 -3.11 -5.25
C LEU C 159 -17.11 -2.58 -6.66
N ARG C 160 -16.51 -3.25 -7.65
CA ARG C 160 -16.67 -2.82 -9.03
C ARG C 160 -18.13 -2.91 -9.46
N GLU C 161 -18.81 -3.99 -9.09
CA GLU C 161 -20.22 -4.13 -9.45
C GLU C 161 -21.06 -3.03 -8.79
N ASN C 162 -20.82 -2.76 -7.51
CA ASN C 162 -21.60 -1.73 -6.83
C ASN C 162 -21.34 -0.36 -7.41
N GLY C 163 -20.08 -0.03 -7.70
CA GLY C 163 -19.74 1.26 -8.26
C GLY C 163 -19.03 2.18 -7.30
N ILE C 164 -18.32 1.60 -6.34
CA ILE C 164 -17.52 2.35 -5.37
C ILE C 164 -16.05 2.07 -5.62
N ASN C 165 -15.25 3.12 -5.77
CA ASN C 165 -13.81 3.00 -5.90
C ASN C 165 -13.14 2.98 -4.53
N ARG C 166 -11.92 2.46 -4.49
CA ARG C 166 -11.19 2.31 -3.24
C ARG C 166 -9.76 2.82 -3.39
N ILE C 167 -9.31 3.60 -2.41
CA ILE C 167 -7.92 4.03 -2.29
C ILE C 167 -7.50 3.82 -0.84
N GLY C 168 -6.48 3.00 -0.63
CA GLY C 168 -6.06 2.69 0.72
C GLY C 168 -7.20 2.02 1.48
N ASN C 169 -7.48 2.54 2.67
CA ASN C 169 -8.63 2.10 3.47
C ASN C 169 -9.74 3.15 3.46
N LEU C 170 -9.82 3.97 2.43
CA LEU C 170 -10.89 4.93 2.25
C LEU C 170 -11.61 4.64 0.94
N LEU C 171 -12.88 5.05 0.86
CA LEU C 171 -13.71 4.81 -0.30
C LEU C 171 -14.22 6.13 -0.87
N VAL C 172 -14.23 6.23 -2.20
CA VAL C 172 -14.73 7.40 -2.90
C VAL C 172 -15.83 6.95 -3.84
N PRO C 173 -17.05 7.46 -3.73
CA PRO C 173 -18.13 7.02 -4.61
C PRO C 173 -17.93 7.53 -6.03
N ASN C 174 -18.55 6.82 -6.97
CA ASN C 174 -18.38 7.16 -8.38
C ASN C 174 -19.08 8.46 -8.75
N GLU C 175 -20.20 8.77 -8.10
CA GLU C 175 -20.92 9.99 -8.42
C GLU C 175 -20.13 11.24 -8.13
N ASN C 176 -19.07 11.14 -7.32
CA ASN C 176 -18.25 12.31 -7.02
C ASN C 176 -17.55 12.82 -8.26
N TYR C 177 -17.05 11.91 -9.10
CA TYR C 177 -16.28 12.35 -10.27
C TYR C 177 -17.17 13.01 -11.31
N CYS C 178 -18.45 12.64 -11.37
CA CYS C 178 -19.33 13.28 -12.34
C CYS C 178 -19.55 14.75 -12.01
N LYS C 179 -19.57 15.10 -10.73
CA LYS C 179 -19.70 16.50 -10.35
C LYS C 179 -18.51 17.32 -10.81
N PHE C 180 -17.35 16.70 -11.02
CA PHE C 180 -16.20 17.41 -11.56
C PHE C 180 -16.49 17.90 -12.98
N GLU C 181 -17.13 17.07 -13.79
CA GLU C 181 -17.37 17.43 -15.18
C GLU C 181 -18.23 18.67 -15.30
N ASP C 182 -19.26 18.78 -14.46
CA ASP C 182 -20.15 19.93 -14.54
C ASP C 182 -19.42 21.24 -14.24
N TRP C 183 -18.35 21.18 -13.45
CA TRP C 183 -17.71 22.40 -13.00
C TRP C 183 -16.43 22.73 -13.77
N LEU C 184 -15.68 21.72 -14.21
CA LEU C 184 -14.42 21.97 -14.91
C LEU C 184 -14.63 22.38 -16.36
N MET C 185 -15.64 21.81 -17.03
CA MET C 185 -15.82 22.10 -18.45
C MET C 185 -16.08 23.57 -18.75
N PRO C 186 -16.97 24.29 -18.04
CA PRO C 186 -17.18 25.70 -18.40
C PRO C 186 -15.93 26.54 -18.25
N ILE C 187 -15.05 26.23 -17.30
CA ILE C 187 -13.87 27.07 -17.10
C ILE C 187 -12.79 26.77 -18.14
N LEU C 188 -12.79 25.59 -18.74
CA LEU C 188 -11.82 25.30 -19.78
C LEU C 188 -12.20 25.94 -21.11
N ASP C 189 -13.48 26.16 -21.35
CA ASP C 189 -13.88 26.86 -22.56
C ASP C 189 -13.36 28.29 -22.55
N GLN C 190 -13.42 28.96 -21.41
CA GLN C 190 -12.83 30.29 -21.30
C GLN C 190 -11.31 30.22 -21.38
N MET C 191 -10.73 29.07 -21.07
CA MET C 191 -9.28 28.92 -21.13
C MET C 191 -8.76 29.09 -22.55
N VAL C 192 -9.40 28.44 -23.52
CA VAL C 192 -8.89 28.50 -24.89
C VAL C 192 -9.16 29.84 -25.55
N MET C 193 -10.16 30.58 -25.08
CA MET C 193 -10.47 31.86 -25.70
C MET C 193 -9.38 32.88 -25.46
N GLU C 194 -8.83 32.92 -24.24
CA GLU C 194 -7.81 33.92 -23.92
C GLU C 194 -6.53 33.68 -24.70
N GLN C 195 -6.18 32.42 -24.96
CA GLN C 195 -4.95 32.13 -25.68
C GLN C 195 -5.01 32.64 -27.12
N ASN C 196 -6.14 32.43 -27.80
CA ASN C 196 -6.22 32.78 -29.21
C ASN C 196 -6.34 34.30 -29.41
N THR C 197 -7.11 34.97 -28.57
CA THR C 197 -7.37 36.39 -28.77
C THR C 197 -6.41 37.27 -27.99
N GLU C 198 -6.39 37.15 -26.66
CA GLU C 198 -5.55 38.00 -25.84
C GLU C 198 -4.08 37.62 -25.90
N GLY C 199 -3.77 36.37 -26.25
CA GLY C 199 -2.38 35.96 -26.35
C GLY C 199 -1.68 35.85 -25.02
N VAL C 200 -2.06 34.86 -24.21
CA VAL C 200 -1.39 34.56 -22.95
C VAL C 200 -0.93 33.11 -22.97
N LYS C 201 0.37 32.90 -22.76
CA LYS C 201 0.90 31.55 -22.66
C LYS C 201 0.52 30.95 -21.31
N TRP C 202 0.43 29.62 -21.27
CA TRP C 202 -0.09 28.96 -20.08
C TRP C 202 0.87 27.88 -19.61
N THR C 203 1.16 27.89 -18.32
CA THR C 203 2.00 26.94 -17.62
C THR C 203 1.22 26.38 -16.45
N PRO C 204 1.61 25.22 -15.92
CA PRO C 204 0.86 24.62 -14.81
C PRO C 204 0.68 25.54 -13.61
N SER C 205 1.68 26.36 -13.28
CA SER C 205 1.56 27.24 -12.13
C SER C 205 0.42 28.21 -12.30
N LYS C 206 0.34 28.86 -13.47
CA LYS C 206 -0.75 29.79 -13.72
C LYS C 206 -2.09 29.09 -13.76
N MET C 207 -2.13 27.85 -14.27
CA MET C 207 -3.38 27.10 -14.27
C MET C 207 -3.86 26.83 -12.85
N ILE C 208 -2.96 26.43 -11.96
CA ILE C 208 -3.35 26.17 -10.59
C ILE C 208 -3.79 27.47 -9.91
N ALA C 209 -3.09 28.56 -10.17
CA ALA C 209 -3.49 29.84 -9.60
C ALA C 209 -4.88 30.25 -10.08
N ARG C 210 -5.16 30.05 -11.37
CA ARG C 210 -6.48 30.40 -11.90
C ARG C 210 -7.56 29.51 -11.28
N LEU C 211 -7.29 28.21 -11.17
CA LEU C 211 -8.30 27.31 -10.62
C LEU C 211 -8.59 27.63 -9.16
N GLY C 212 -7.57 28.05 -8.41
CA GLY C 212 -7.78 28.32 -7.00
C GLY C 212 -8.78 29.45 -6.76
N LYS C 213 -8.77 30.45 -7.65
CA LYS C 213 -9.62 31.61 -7.45
C LYS C 213 -11.10 31.28 -7.65
N GLU C 214 -11.39 30.32 -8.52
CA GLU C 214 -12.78 30.06 -8.90
C GLU C 214 -13.56 29.31 -7.83
N ILE C 215 -12.91 28.42 -7.07
CA ILE C 215 -13.67 27.56 -6.16
C ILE C 215 -14.31 28.36 -5.03
N ASN C 216 -13.65 29.42 -4.55
CA ASN C 216 -14.21 30.34 -3.58
C ASN C 216 -14.75 29.62 -2.34
N ASN C 217 -13.84 28.99 -1.61
CA ASN C 217 -14.21 28.27 -0.40
C ASN C 217 -13.04 28.24 0.57
N PRO C 218 -13.20 28.76 1.79
CA PRO C 218 -12.08 28.81 2.73
C PRO C 218 -11.52 27.45 3.11
N GLU C 219 -12.29 26.38 2.96
CA GLU C 219 -11.78 25.06 3.32
C GLU C 219 -10.65 24.62 2.38
N SER C 220 -10.81 24.85 1.08
CA SER C 220 -9.83 24.38 0.11
C SER C 220 -8.51 25.13 0.26
N VAL C 221 -7.40 24.38 0.29
CA VAL C 221 -6.11 25.01 0.56
C VAL C 221 -5.67 25.86 -0.62
N TYR C 222 -5.94 25.40 -1.84
CA TYR C 222 -5.53 26.15 -3.02
C TYR C 222 -6.26 27.49 -3.14
N TYR C 223 -7.38 27.68 -2.43
CA TYR C 223 -7.95 29.01 -2.36
C TYR C 223 -6.98 29.97 -1.70
N TRP C 224 -6.45 29.58 -0.53
CA TRP C 224 -5.49 30.43 0.16
C TRP C 224 -4.18 30.53 -0.59
N ALA C 225 -3.92 29.63 -1.53
CA ALA C 225 -2.69 29.71 -2.31
C ALA C 225 -2.67 30.98 -3.16
N GLN C 226 -3.78 31.27 -3.85
CA GLN C 226 -3.82 32.45 -4.70
C GLN C 226 -4.00 33.72 -3.89
N LYS C 227 -4.62 33.63 -2.73
CA LYS C 227 -4.90 34.82 -1.91
C LYS C 227 -3.68 35.32 -1.16
N ASN C 228 -2.60 34.55 -1.11
CA ASN C 228 -1.42 34.95 -0.37
C ASN C 228 -0.14 34.87 -1.19
N HIS C 229 -0.24 34.68 -2.51
CA HIS C 229 0.90 34.64 -3.42
C HIS C 229 1.89 33.53 -3.01
N ILE C 230 1.40 32.30 -3.03
CA ILE C 230 2.19 31.11 -2.80
C ILE C 230 2.08 30.22 -4.02
N PRO C 231 3.10 30.20 -4.89
CA PRO C 231 3.01 29.38 -6.10
C PRO C 231 2.99 27.89 -5.81
N VAL C 232 2.31 27.16 -6.67
CA VAL C 232 2.22 25.70 -6.58
C VAL C 232 2.70 25.11 -7.90
N PHE C 233 3.72 24.24 -7.83
CA PHE C 233 4.30 23.62 -9.00
C PHE C 233 4.10 22.12 -8.97
N SER C 234 3.85 21.54 -10.14
CA SER C 234 3.67 20.09 -10.29
C SER C 234 4.10 19.74 -11.69
N PRO C 235 5.17 18.96 -11.85
CA PRO C 235 5.73 18.76 -13.19
C PRO C 235 4.88 17.87 -14.08
N ALA C 236 4.21 16.88 -13.52
CA ALA C 236 3.41 15.94 -14.30
C ALA C 236 1.94 16.14 -13.95
N LEU C 237 1.31 17.09 -14.62
CA LEU C 237 -0.12 17.30 -14.48
C LEU C 237 -0.93 16.49 -15.47
N THR C 238 -0.26 15.82 -16.40
CA THR C 238 -0.95 14.99 -17.39
C THR C 238 -1.69 13.84 -16.71
N ASP C 239 -1.08 13.22 -15.70
CA ASP C 239 -1.67 12.06 -15.06
C ASP C 239 -2.88 12.46 -14.23
N GLY C 240 -3.65 11.44 -13.83
CA GLY C 240 -4.80 11.66 -12.97
C GLY C 240 -6.07 11.95 -13.74
N SER C 241 -7.14 12.16 -12.98
CA SER C 241 -8.44 12.43 -13.59
C SER C 241 -8.43 13.73 -14.38
N LEU C 242 -7.60 14.69 -13.99
CA LEU C 242 -7.55 15.97 -14.70
C LEU C 242 -7.12 15.77 -16.15
N GLY C 243 -6.11 14.92 -16.38
CA GLY C 243 -5.72 14.63 -17.74
C GLY C 243 -6.79 13.88 -18.51
N ASP C 244 -7.42 12.93 -17.83
CA ASP C 244 -8.48 12.13 -18.49
C ASP C 244 -9.57 13.09 -18.94
N MET C 245 -9.78 14.17 -18.21
CA MET C 245 -10.87 15.08 -18.53
C MET C 245 -10.46 16.12 -19.56
N ILE C 246 -9.20 16.55 -19.58
CA ILE C 246 -8.79 17.50 -20.60
C ILE C 246 -8.64 16.80 -21.95
N PHE C 247 -8.43 15.49 -21.96
CA PHE C 247 -8.41 14.74 -23.21
C PHE C 247 -9.67 14.99 -24.03
N PHE C 248 -10.82 14.58 -23.48
CA PHE C 248 -12.06 14.65 -24.24
C PHE C 248 -12.42 16.06 -24.66
N HIS C 249 -11.91 17.07 -23.95
CA HIS C 249 -12.16 18.45 -24.35
C HIS C 249 -11.44 18.77 -25.66
N SER C 250 -10.36 18.06 -25.96
CA SER C 250 -9.58 18.36 -27.14
C SER C 250 -10.34 18.06 -28.43
N TYR C 251 -11.37 17.21 -28.37
CA TYR C 251 -12.08 16.81 -29.57
C TYR C 251 -13.22 17.74 -29.93
N LYS C 252 -13.46 18.79 -29.14
CA LYS C 252 -14.52 19.75 -29.43
C LYS C 252 -13.98 21.15 -29.65
N ASN C 253 -13.09 21.62 -28.77
CA ASN C 253 -12.50 22.96 -28.87
C ASN C 253 -10.99 22.79 -28.80
N PRO C 254 -10.35 22.39 -29.89
CA PRO C 254 -8.95 22.00 -29.84
C PRO C 254 -8.00 23.18 -29.77
N GLY C 255 -6.81 22.92 -29.24
CA GLY C 255 -5.73 23.88 -29.33
C GLY C 255 -5.13 24.36 -28.02
N LEU C 256 -5.24 23.57 -26.96
CA LEU C 256 -4.67 23.97 -25.68
C LEU C 256 -3.20 23.60 -25.63
N VAL C 257 -2.38 24.50 -25.08
CA VAL C 257 -0.95 24.31 -25.00
C VAL C 257 -0.50 24.50 -23.56
N LEU C 258 0.28 23.57 -23.04
CA LEU C 258 0.91 23.67 -21.74
C LEU C 258 2.41 23.49 -21.88
N ASP C 259 3.16 24.30 -21.14
CA ASP C 259 4.61 24.34 -21.27
C ASP C 259 5.26 23.91 -19.97
N ILE C 260 6.33 23.12 -20.07
CA ILE C 260 7.14 22.73 -18.92
C ILE C 260 8.53 23.31 -18.97
N VAL C 261 8.77 24.28 -19.86
CA VAL C 261 10.07 24.92 -19.96
C VAL C 261 10.13 26.24 -19.22
N GLU C 262 8.99 26.79 -18.81
CA GLU C 262 8.97 28.00 -18.01
C GLU C 262 8.88 27.74 -16.51
N ASP C 263 8.38 26.57 -16.12
CA ASP C 263 8.30 26.24 -14.69
C ASP C 263 9.67 26.08 -14.08
N LEU C 264 10.59 25.50 -14.87
CA LEU C 264 11.98 25.28 -14.41
C LEU C 264 12.64 26.63 -14.12
N ARG C 265 12.23 27.68 -14.83
CA ARG C 265 12.95 28.96 -14.64
C ARG C 265 12.42 29.66 -13.40
N LEU C 266 11.19 29.35 -12.99
CA LEU C 266 10.63 29.90 -11.76
C LEU C 266 11.16 29.16 -10.54
N ILE C 267 11.13 27.83 -10.57
CA ILE C 267 11.62 27.07 -9.41
C ILE C 267 13.10 27.33 -9.15
N ASN C 268 13.86 27.50 -10.22
CA ASN C 268 15.33 27.64 -10.03
C ASN C 268 15.62 29.03 -9.48
N THR C 269 14.88 30.05 -9.93
CA THR C 269 15.25 31.42 -9.51
C THR C 269 14.66 31.69 -8.14
N GLN C 270 13.58 31.01 -7.77
CA GLN C 270 13.06 31.20 -6.43
C GLN C 270 14.07 30.81 -5.37
N ALA C 271 15.06 29.99 -5.72
CA ALA C 271 16.05 29.53 -4.77
C ALA C 271 17.43 30.11 -4.98
N ILE C 272 17.76 30.57 -6.19
CA ILE C 272 19.14 31.08 -6.43
C ILE C 272 19.28 32.43 -5.74
N PHE C 273 18.17 33.14 -5.54
CA PHE C 273 18.21 34.49 -4.99
C PHE C 273 17.67 34.54 -3.56
N ALA C 274 18.00 33.55 -2.74
CA ALA C 274 17.54 33.49 -1.36
C ALA C 274 18.74 33.40 -0.42
N LYS C 275 18.52 33.83 0.82
CA LYS C 275 19.59 33.83 1.81
C LYS C 275 19.78 32.44 2.43
N CYS C 276 18.74 31.92 3.08
CA CYS C 276 18.78 30.58 3.67
C CYS C 276 17.50 29.84 3.29
N THR C 277 17.62 28.52 3.16
CA THR C 277 16.52 27.68 2.69
C THR C 277 16.32 26.53 3.66
N GLY C 278 15.23 25.79 3.44
CA GLY C 278 14.92 24.62 4.24
C GLY C 278 14.03 23.68 3.47
N MET C 279 13.88 22.47 4.01
CA MET C 279 13.10 21.43 3.34
C MET C 279 12.25 20.67 4.36
N ILE C 280 11.02 20.38 3.97
CA ILE C 280 10.15 19.48 4.71
C ILE C 280 9.42 18.61 3.70
N ILE C 281 9.88 17.37 3.54
CA ILE C 281 9.38 16.46 2.52
C ILE C 281 8.60 15.35 3.19
N LEU C 282 7.40 15.06 2.68
CA LEU C 282 6.59 13.94 3.12
C LEU C 282 6.43 12.98 1.96
N GLY C 283 6.66 11.70 2.22
CA GLY C 283 6.58 10.71 1.17
C GLY C 283 7.79 10.72 0.26
N GLY C 284 7.65 10.04 -0.87
CA GLY C 284 8.75 9.95 -1.83
C GLY C 284 8.22 9.83 -3.24
N GLY C 285 9.13 10.05 -4.19
CA GLY C 285 8.78 9.99 -5.60
C GLY C 285 9.38 11.13 -6.39
N VAL C 286 8.67 11.60 -7.42
CA VAL C 286 9.15 12.72 -8.21
C VAL C 286 9.21 13.98 -7.37
N VAL C 287 8.32 14.10 -6.37
CA VAL C 287 8.29 15.31 -5.55
C VAL C 287 9.61 15.50 -4.81
N LYS C 288 10.23 14.41 -4.37
CA LYS C 288 11.49 14.52 -3.66
C LYS C 288 12.61 14.93 -4.60
N HIS C 289 12.70 14.28 -5.76
CA HIS C 289 13.80 14.54 -6.69
C HIS C 289 13.73 15.96 -7.24
N HIS C 290 12.52 16.44 -7.52
CA HIS C 290 12.38 17.81 -8.04
C HIS C 290 12.92 18.82 -7.04
N ILE C 291 12.53 18.68 -5.77
CA ILE C 291 12.98 19.62 -4.75
C ILE C 291 14.49 19.53 -4.58
N ALA C 292 15.01 18.30 -4.54
CA ALA C 292 16.44 18.13 -4.33
C ALA C 292 17.24 18.75 -5.46
N ASN C 293 16.82 18.55 -6.70
CA ASN C 293 17.52 19.15 -7.83
C ASN C 293 17.38 20.66 -7.82
N ALA C 294 16.23 21.17 -7.40
CA ALA C 294 16.05 22.62 -7.32
C ALA C 294 17.03 23.24 -6.32
N ASN C 295 17.24 22.58 -5.19
CA ASN C 295 18.12 23.15 -4.18
C ASN C 295 19.60 23.04 -4.54
N LEU C 296 19.94 22.33 -5.62
CA LEU C 296 21.35 22.08 -5.94
C LEU C 296 22.07 23.37 -6.34
N MET C 297 21.37 24.31 -6.97
CA MET C 297 22.05 25.45 -7.58
C MET C 297 22.79 26.30 -6.55
N ARG C 298 22.31 26.33 -5.30
CA ARG C 298 22.95 27.13 -4.26
C ARG C 298 23.89 26.31 -3.39
N ASN C 299 24.51 25.28 -3.97
CA ASN C 299 25.42 24.40 -3.25
C ASN C 299 24.74 23.69 -2.09
N GLY C 300 23.46 23.38 -2.25
CA GLY C 300 22.76 22.57 -1.28
C GLY C 300 22.01 23.39 -0.25
N ALA C 301 20.96 22.80 0.32
CA ALA C 301 20.18 23.45 1.34
C ALA C 301 20.88 23.34 2.69
N ASP C 302 20.29 23.96 3.71
CA ASP C 302 20.87 23.98 5.04
C ASP C 302 20.15 23.06 6.02
N TYR C 303 18.84 23.23 6.19
CA TYR C 303 18.07 22.47 7.16
C TYR C 303 17.08 21.58 6.43
N ALA C 304 16.98 20.32 6.85
CA ALA C 304 16.13 19.37 6.17
C ALA C 304 15.54 18.37 7.17
N VAL C 305 14.32 17.92 6.89
CA VAL C 305 13.63 16.91 7.67
C VAL C 305 12.81 16.04 6.73
N TYR C 306 12.99 14.73 6.80
CA TYR C 306 12.32 13.78 5.93
C TYR C 306 11.37 12.91 6.75
N ILE C 307 10.20 12.61 6.18
CA ILE C 307 9.21 11.76 6.82
C ILE C 307 8.64 10.84 5.76
N ASN C 308 9.04 9.56 5.78
CA ASN C 308 8.57 8.60 4.80
C ASN C 308 8.77 7.20 5.36
N THR C 309 8.38 6.19 4.57
CA THR C 309 8.46 4.82 5.04
C THR C 309 9.00 3.85 3.99
N ALA C 310 9.78 4.33 3.02
CA ALA C 310 10.30 3.44 2.00
C ALA C 310 11.50 2.66 2.52
N GLN C 311 11.95 1.70 1.73
CA GLN C 311 13.10 0.88 2.03
C GLN C 311 14.24 1.22 1.09
N GLU C 312 15.46 0.96 1.53
CA GLU C 312 16.66 1.39 0.81
C GLU C 312 17.41 0.28 0.12
N PHE C 313 16.97 -0.98 0.25
CA PHE C 313 17.73 -2.07 -0.36
C PHE C 313 17.58 -2.14 -1.87
N ASP C 314 16.53 -1.53 -2.43
CA ASP C 314 16.26 -1.60 -3.85
C ASP C 314 16.87 -0.42 -4.62
N GLY C 315 17.55 0.48 -3.94
CA GLY C 315 18.18 1.60 -4.61
C GLY C 315 17.25 2.56 -5.28
N SER C 316 15.97 2.54 -4.93
CA SER C 316 15.02 3.49 -5.50
C SER C 316 15.35 4.90 -5.03
N ASP C 317 14.96 5.88 -5.86
CA ASP C 317 15.19 7.28 -5.52
C ASP C 317 14.51 7.67 -4.22
N SER C 318 13.49 6.93 -3.81
CA SER C 318 12.82 7.17 -2.53
C SER C 318 13.67 6.61 -1.39
N ARG C 321 18.45 7.59 1.88
CA ARG C 321 19.13 8.10 3.07
C ARG C 321 19.66 9.51 2.82
N PRO C 322 19.76 10.31 3.89
CA PRO C 322 20.30 11.67 3.74
C PRO C 322 21.74 11.70 3.27
N ASP C 323 22.50 10.62 3.45
CA ASP C 323 23.89 10.62 3.04
C ASP C 323 24.02 10.78 1.52
N GLU C 324 23.09 10.21 0.76
CA GLU C 324 23.14 10.34 -0.68
C GLU C 324 22.99 11.79 -1.12
N ALA C 325 22.18 12.57 -0.41
CA ALA C 325 22.00 13.97 -0.77
C ALA C 325 23.29 14.75 -0.64
N VAL C 326 24.10 14.43 0.37
CA VAL C 326 25.39 15.09 0.53
C VAL C 326 26.31 14.75 -0.63
N SER C 327 26.21 13.53 -1.16
CA SER C 327 27.09 13.09 -2.23
C SER C 327 26.93 13.96 -3.46
N TRP C 328 25.74 13.97 -4.03
CA TRP C 328 25.54 14.70 -5.28
C TRP C 328 25.61 16.20 -5.05
N GLY C 329 25.29 16.65 -3.84
CA GLY C 329 25.29 18.08 -3.55
C GLY C 329 23.94 18.65 -3.18
N LYS C 330 22.97 17.79 -2.93
CA LYS C 330 21.65 18.25 -2.55
C LYS C 330 21.68 19.05 -1.26
N ILE C 331 22.48 18.62 -0.30
CA ILE C 331 22.50 19.29 1.00
C ILE C 331 23.92 19.66 1.39
N ARG C 332 24.07 20.61 2.31
CA ARG C 332 25.39 21.07 2.70
C ARG C 332 26.12 20.07 3.58
N VAL C 333 27.44 20.23 3.69
CA VAL C 333 28.24 19.32 4.49
C VAL C 333 28.01 19.53 5.97
N ASP C 334 28.00 20.77 6.41
CA ASP C 334 27.86 21.07 7.83
C ASP C 334 26.47 20.76 8.37
N ALA C 335 25.51 20.44 7.50
CA ALA C 335 24.15 20.22 7.96
C ALA C 335 24.03 18.91 8.74
N GLN C 336 22.91 18.78 9.45
CA GLN C 336 22.62 17.58 10.24
C GLN C 336 21.21 17.11 9.90
N PRO C 337 21.02 16.49 8.75
CA PRO C 337 19.68 16.02 8.37
C PRO C 337 19.22 14.88 9.27
N VAL C 338 17.90 14.78 9.42
CA VAL C 338 17.28 13.72 10.20
C VAL C 338 16.23 13.03 9.35
N LYS C 339 15.95 11.78 9.68
CA LYS C 339 14.98 10.99 8.95
C LYS C 339 14.17 10.16 9.94
N VAL C 340 12.86 10.14 9.77
CA VAL C 340 11.95 9.42 10.66
C VAL C 340 11.22 8.37 9.86
N TYR C 341 11.31 7.12 10.30
CA TYR C 341 10.65 6.01 9.63
C TYR C 341 9.33 5.74 10.33
N ALA C 342 8.28 6.41 9.87
CA ALA C 342 6.94 6.22 10.43
C ALA C 342 5.93 6.69 9.40
N ASP C 343 4.68 6.29 9.60
CA ASP C 343 3.61 6.73 8.72
C ASP C 343 3.41 8.23 8.90
N ALA C 344 3.10 8.91 7.80
CA ALA C 344 2.96 10.36 7.84
C ALA C 344 1.69 10.79 8.56
N SER C 345 0.73 9.90 8.74
CA SER C 345 -0.55 10.25 9.34
C SER C 345 -0.55 10.13 10.86
N LEU C 346 0.57 9.76 11.47
CA LEU C 346 0.67 9.64 12.92
C LEU C 346 1.70 10.54 13.55
N VAL C 347 2.64 11.09 12.77
CA VAL C 347 3.69 11.92 13.31
C VAL C 347 3.52 13.40 12.96
N PHE C 348 2.97 13.71 11.80
CA PHE C 348 2.90 15.12 11.39
C PHE C 348 2.05 15.98 12.31
N PRO C 349 0.82 15.59 12.69
CA PRO C 349 0.07 16.45 13.62
C PRO C 349 0.80 16.68 14.93
N LEU C 350 1.57 15.71 15.40
CA LEU C 350 2.37 15.92 16.59
C LEU C 350 3.56 16.84 16.30
N LEU C 351 4.16 16.69 15.13
CA LEU C 351 5.31 17.52 14.79
C LEU C 351 4.93 18.99 14.64
N VAL C 352 3.69 19.26 14.26
CA VAL C 352 3.20 20.63 14.19
C VAL C 352 2.67 21.10 15.54
N ALA C 353 2.34 20.17 16.44
CA ALA C 353 1.90 20.55 17.77
C ALA C 353 3.00 21.27 18.54
N GLU C 354 4.25 21.04 18.18
CA GLU C 354 5.37 21.82 18.67
C GLU C 354 6.06 22.49 17.49
N THR C 355 6.81 23.56 17.77
CA THR C 355 7.49 24.40 16.80
C THR C 355 6.52 25.13 15.88
N PHE C 356 5.23 24.89 16.01
CA PHE C 356 4.20 25.59 15.26
C PHE C 356 2.98 25.69 16.17
N ALA C 357 2.09 26.61 15.83
CA ALA C 357 0.85 26.80 16.58
C ALA C 357 1.13 27.21 18.03
N GLN C 358 2.41 27.40 18.36
CA GLN C 358 2.82 27.97 19.64
C GLN C 358 3.31 29.40 19.50
N LYS C 359 4.12 29.67 18.49
CA LYS C 359 4.52 31.04 18.17
C LYS C 359 3.57 31.65 17.14
N MET C 360 2.27 31.55 17.39
CA MET C 360 1.28 32.08 16.45
C MET C 360 1.21 33.58 16.52
N ASP C 361 1.21 34.14 17.74
CA ASP C 361 1.16 35.58 17.90
C ASP C 361 2.44 36.26 17.44
N ALA C 362 3.54 35.50 17.31
CA ALA C 362 4.80 36.09 16.89
C ALA C 362 4.78 36.53 15.43
N PHE C 363 3.80 36.08 14.65
CA PHE C 363 3.71 36.46 13.25
C PHE C 363 2.91 37.75 13.10
N THR D 30 36.35 -2.14 -11.46
CA THR D 30 35.51 -3.00 -12.30
C THR D 30 34.27 -2.26 -12.78
N GLN D 31 34.01 -2.33 -14.08
CA GLN D 31 32.87 -1.65 -14.68
C GLN D 31 31.59 -2.45 -14.39
N VAL D 32 30.49 -2.07 -15.03
CA VAL D 32 29.21 -2.75 -14.87
C VAL D 32 28.78 -3.32 -16.21
N ARG D 33 28.37 -4.58 -16.20
CA ARG D 33 27.99 -5.27 -17.43
C ARG D 33 27.06 -6.42 -17.07
N GLY D 34 26.18 -6.77 -18.01
CA GLY D 34 25.24 -7.85 -17.79
C GLY D 34 25.50 -9.07 -18.63
N TYR D 35 24.45 -9.74 -19.07
CA TYR D 35 24.56 -10.94 -19.90
C TYR D 35 23.89 -10.66 -21.24
N ASP D 36 24.66 -10.77 -22.32
CA ASP D 36 24.17 -10.49 -23.66
C ASP D 36 23.48 -11.73 -24.20
N PHE D 37 22.15 -11.69 -24.30
CA PHE D 37 21.39 -12.86 -24.70
C PHE D 37 21.50 -13.17 -26.18
N ASN D 38 22.07 -12.27 -26.98
CA ASN D 38 22.18 -12.53 -28.42
C ASN D 38 23.05 -13.72 -28.74
N ARG D 39 23.89 -14.16 -27.81
CA ARG D 39 24.76 -15.31 -28.01
C ARG D 39 24.04 -16.62 -27.73
N GLY D 40 22.86 -16.56 -27.12
CA GLY D 40 22.14 -17.76 -26.73
C GLY D 40 21.95 -17.83 -25.24
N VAL D 41 21.42 -18.97 -24.80
CA VAL D 41 21.20 -19.24 -23.39
C VAL D 41 22.15 -20.34 -22.95
N ASN D 42 22.95 -20.05 -21.91
CA ASN D 42 23.81 -21.04 -21.29
C ASN D 42 23.83 -20.71 -19.80
N TYR D 43 23.12 -21.51 -19.01
CA TYR D 43 22.84 -21.13 -17.63
C TYR D 43 24.10 -20.99 -16.79
N ARG D 44 25.20 -21.62 -17.19
CA ARG D 44 26.45 -21.48 -16.45
C ARG D 44 26.92 -20.03 -16.47
N ALA D 45 26.85 -19.37 -17.63
CA ALA D 45 27.27 -17.98 -17.70
C ALA D 45 26.30 -17.06 -16.99
N LEU D 46 25.00 -17.33 -17.10
CA LEU D 46 24.01 -16.42 -16.52
C LEU D 46 24.16 -16.34 -15.00
N LEU D 47 24.36 -17.48 -14.35
CA LEU D 47 24.49 -17.47 -12.90
C LEU D 47 25.82 -16.89 -12.44
N GLU D 48 26.79 -16.73 -13.34
CA GLU D 48 28.06 -16.11 -12.99
C GLU D 48 28.05 -14.61 -13.27
N ALA D 49 27.39 -14.19 -14.35
CA ALA D 49 27.36 -12.78 -14.71
C ALA D 49 26.62 -11.93 -13.68
N PHE D 50 25.89 -12.55 -12.75
CA PHE D 50 25.21 -11.80 -11.71
C PHE D 50 26.18 -11.00 -10.85
N GLY D 51 27.44 -11.41 -10.78
CA GLY D 51 28.39 -10.67 -9.98
C GLY D 51 28.70 -9.29 -10.54
N THR D 52 28.84 -9.20 -11.85
CA THR D 52 29.21 -7.92 -12.47
C THR D 52 28.12 -6.88 -12.27
N THR D 53 26.86 -7.26 -12.48
CA THR D 53 25.77 -6.34 -12.23
C THR D 53 25.63 -6.07 -10.73
N GLY D 54 25.24 -4.85 -10.40
CA GLY D 54 25.26 -4.38 -9.03
C GLY D 54 24.00 -4.70 -8.27
N PHE D 55 23.73 -3.89 -7.27
CA PHE D 55 22.48 -3.92 -6.50
C PHE D 55 22.44 -5.25 -5.75
N GLN D 56 21.27 -5.88 -5.63
CA GLN D 56 21.15 -7.12 -4.87
C GLN D 56 21.72 -8.33 -5.59
N ALA D 57 22.39 -8.13 -6.73
CA ALA D 57 22.99 -9.25 -7.43
C ALA D 57 24.47 -9.43 -7.08
N THR D 58 25.18 -8.33 -6.83
CA THR D 58 26.58 -8.45 -6.45
C THR D 58 26.74 -9.16 -5.12
N ASN D 59 25.81 -8.91 -4.19
CA ASN D 59 25.86 -9.61 -2.91
C ASN D 59 25.71 -11.11 -3.09
N PHE D 60 24.98 -11.53 -4.12
CA PHE D 60 24.92 -12.94 -4.45
C PHE D 60 26.29 -13.48 -4.82
N GLY D 61 27.05 -12.70 -5.59
CA GLY D 61 28.40 -13.12 -5.94
C GLY D 61 29.32 -13.19 -4.73
N ARG D 62 29.20 -12.23 -3.82
CA ARG D 62 29.98 -12.30 -2.60
C ARG D 62 29.61 -13.54 -1.80
N ALA D 63 28.31 -13.87 -1.75
CA ALA D 63 27.87 -15.05 -1.03
C ALA D 63 28.44 -16.32 -1.65
N VAL D 64 28.43 -16.41 -2.98
CA VAL D 64 28.92 -17.63 -3.61
C VAL D 64 30.42 -17.76 -3.41
N GLN D 65 31.15 -16.66 -3.46
CA GLN D 65 32.58 -16.72 -3.18
C GLN D 65 32.84 -17.19 -1.75
N GLN D 66 32.06 -16.67 -0.79
CA GLN D 66 32.25 -17.06 0.60
C GLN D 66 31.99 -18.55 0.81
N VAL D 67 30.88 -19.05 0.25
CA VAL D 67 30.57 -20.47 0.47
C VAL D 67 31.58 -21.36 -0.25
N ASN D 68 32.07 -20.93 -1.42
CA ASN D 68 33.12 -21.68 -2.09
C ASN D 68 34.39 -21.73 -1.24
N ALA D 69 34.72 -20.62 -0.59
CA ALA D 69 35.87 -20.62 0.31
C ALA D 69 35.65 -21.57 1.47
N MET D 70 34.44 -21.60 2.02
CA MET D 70 34.12 -22.56 3.07
C MET D 70 34.36 -23.98 2.61
N ILE D 71 33.85 -24.32 1.41
CA ILE D 71 34.01 -25.67 0.88
C ILE D 71 35.49 -26.00 0.73
N GLU D 72 36.27 -25.07 0.17
CA GLU D 72 37.68 -25.33 -0.07
C GLU D 72 38.42 -25.55 1.25
N LYS D 73 38.13 -24.74 2.26
CA LYS D 73 38.80 -24.90 3.55
C LYS D 73 38.41 -26.23 4.19
N LYS D 74 37.15 -26.64 4.05
CA LYS D 74 36.71 -27.87 4.70
C LYS D 74 37.44 -29.09 4.15
N LEU D 75 37.61 -29.16 2.83
CA LEU D 75 38.25 -30.30 2.21
C LEU D 75 39.75 -30.34 2.50
N PRO D 94 33.69 -37.10 14.14
CA PRO D 94 35.12 -36.84 13.96
C PRO D 94 35.41 -35.37 13.68
N LEU D 95 36.61 -34.91 14.05
CA LEU D 95 36.96 -33.53 13.80
C LEU D 95 37.18 -33.28 12.32
N THR D 96 36.85 -32.07 11.88
CA THR D 96 36.98 -31.68 10.48
C THR D 96 37.74 -30.35 10.42
N SER D 97 38.29 -30.06 9.24
CA SER D 97 39.05 -28.83 9.08
C SER D 97 38.18 -27.60 9.27
N CYS D 98 36.87 -27.71 9.04
CA CYS D 98 35.96 -26.61 9.23
C CYS D 98 34.59 -27.14 9.61
N THR D 99 33.98 -26.53 10.62
CA THR D 99 32.64 -26.89 11.06
C THR D 99 31.65 -25.83 10.60
N ILE D 100 30.56 -26.26 9.99
CA ILE D 100 29.59 -25.37 9.38
C ILE D 100 28.27 -25.51 10.12
N PHE D 101 27.74 -24.39 10.61
CA PHE D 101 26.45 -24.37 11.27
C PHE D 101 25.36 -24.08 10.26
N LEU D 102 24.15 -24.56 10.57
CA LEU D 102 22.99 -24.34 9.71
C LEU D 102 21.75 -24.16 10.56
N GLY D 103 20.91 -23.22 10.18
CA GLY D 103 19.68 -22.96 10.92
C GLY D 103 18.58 -22.53 9.98
N TYR D 104 17.34 -22.80 10.40
CA TYR D 104 16.20 -22.43 9.58
C TYR D 104 15.00 -22.14 10.46
N THR D 105 14.06 -21.36 9.92
CA THR D 105 12.81 -21.01 10.57
C THR D 105 11.72 -21.96 10.10
N SER D 106 10.79 -22.25 11.00
CA SER D 106 9.84 -23.34 10.78
C SER D 106 9.03 -23.17 9.49
N ASN D 107 8.83 -21.94 9.03
CA ASN D 107 8.01 -21.74 7.85
C ASN D 107 8.70 -22.25 6.58
N LEU D 108 10.03 -22.29 6.58
CA LEU D 108 10.74 -22.88 5.44
C LEU D 108 10.43 -24.36 5.29
N ILE D 109 10.39 -25.09 6.41
CA ILE D 109 10.31 -26.55 6.35
C ILE D 109 9.01 -27.00 5.71
N SER D 110 7.93 -26.28 5.97
CA SER D 110 6.63 -26.65 5.40
C SER D 110 6.56 -26.40 3.89
N SER D 111 7.65 -25.99 3.25
CA SER D 111 7.68 -25.65 1.84
C SER D 111 8.61 -26.61 1.10
N GLY D 112 8.86 -26.29 -0.17
CA GLY D 112 9.66 -27.17 -1.02
C GLY D 112 11.15 -27.13 -0.73
N ILE D 113 11.62 -26.21 0.10
CA ILE D 113 13.03 -26.16 0.46
C ILE D 113 13.43 -27.34 1.34
N ARG D 114 12.45 -28.10 1.84
CA ARG D 114 12.74 -29.20 2.73
C ARG D 114 13.61 -30.25 2.04
N GLU D 115 13.37 -30.49 0.75
CA GLU D 115 14.15 -31.49 0.03
C GLU D 115 15.61 -31.09 -0.08
N THR D 116 15.88 -29.80 -0.30
CA THR D 116 17.27 -29.34 -0.41
C THR D 116 18.03 -29.58 0.87
N ILE D 117 17.40 -29.31 2.01
CA ILE D 117 18.03 -29.58 3.30
C ILE D 117 18.34 -31.06 3.44
N ARG D 118 17.45 -31.91 2.92
CA ARG D 118 17.70 -33.35 2.96
C ARG D 118 18.96 -33.71 2.17
N TYR D 119 19.12 -33.13 0.99
CA TYR D 119 20.32 -33.39 0.21
C TYR D 119 21.56 -32.90 0.94
N LEU D 120 21.47 -31.73 1.56
CA LEU D 120 22.62 -31.20 2.28
C LEU D 120 23.01 -32.12 3.44
N VAL D 121 22.02 -32.67 4.15
CA VAL D 121 22.32 -33.55 5.27
C VAL D 121 22.69 -34.95 4.79
N GLN D 122 22.27 -35.33 3.59
CA GLN D 122 22.51 -36.68 3.07
C GLN D 122 23.99 -37.06 3.12
N HIS D 123 24.85 -36.21 2.57
CA HIS D 123 26.23 -36.58 2.31
C HIS D 123 27.20 -35.94 3.31
N ASN D 124 26.76 -35.75 4.55
CA ASN D 124 27.63 -35.32 5.63
C ASN D 124 28.33 -34.01 5.30
N MET D 125 27.58 -33.08 4.72
CA MET D 125 28.13 -31.78 4.34
C MET D 125 28.02 -30.73 5.43
N VAL D 126 27.15 -30.94 6.43
CA VAL D 126 26.98 -30.01 7.53
C VAL D 126 27.10 -30.80 8.83
N ASP D 127 27.39 -30.08 9.91
CA ASP D 127 27.68 -30.74 11.18
C ASP D 127 26.67 -30.46 12.29
N VAL D 128 26.17 -29.24 12.40
CA VAL D 128 25.27 -28.86 13.50
C VAL D 128 24.04 -28.19 12.91
N LEU D 129 22.87 -28.61 13.37
CA LEU D 129 21.59 -28.05 12.95
C LEU D 129 20.87 -27.46 14.16
N VAL D 130 20.37 -26.24 14.01
CA VAL D 130 19.58 -25.57 15.05
C VAL D 130 18.27 -25.12 14.44
N THR D 131 17.15 -25.54 15.03
CA THR D 131 15.84 -25.28 14.47
C THR D 131 14.90 -24.63 15.46
N THR D 132 13.63 -24.52 15.08
CA THR D 132 12.57 -24.00 15.93
C THR D 132 11.58 -25.12 16.19
N ALA D 133 10.80 -24.97 17.26
CA ALA D 133 9.89 -26.04 17.68
C ALA D 133 9.01 -26.52 16.54
N GLY D 134 8.53 -25.60 15.72
CA GLY D 134 7.68 -26.00 14.60
C GLY D 134 8.41 -26.84 13.58
N GLY D 135 9.71 -26.60 13.40
CA GLY D 135 10.44 -27.32 12.37
C GLY D 135 10.48 -28.81 12.61
N VAL D 136 10.73 -29.22 13.85
CA VAL D 136 10.75 -30.64 14.18
C VAL D 136 9.37 -31.27 14.14
N GLU D 137 8.32 -30.46 14.23
CA GLU D 137 6.96 -30.98 14.25
C GLU D 137 6.41 -31.22 12.85
N GLU D 138 6.86 -30.49 11.85
CA GLU D 138 6.24 -30.56 10.54
C GLU D 138 6.87 -31.64 9.66
N ASP D 139 8.16 -31.89 9.81
CA ASP D 139 8.82 -32.89 8.98
C ASP D 139 8.23 -34.26 9.19
N LEU D 140 7.91 -34.61 10.43
CA LEU D 140 7.33 -35.92 10.72
C LEU D 140 5.94 -36.05 10.10
N ILE D 141 5.16 -34.97 10.10
CA ILE D 141 3.82 -35.03 9.55
C ILE D 141 3.87 -35.37 8.07
N LYS D 142 4.77 -34.72 7.33
CA LYS D 142 4.84 -34.92 5.89
C LYS D 142 5.10 -36.37 5.53
N CYS D 143 5.81 -37.10 6.39
CA CYS D 143 6.07 -38.51 6.15
C CYS D 143 4.85 -39.38 6.44
N LEU D 144 3.78 -38.79 6.95
CA LEU D 144 2.53 -39.50 7.21
C LEU D 144 1.38 -39.03 6.34
N ALA D 145 1.22 -37.72 6.17
CA ALA D 145 0.17 -37.15 5.33
C ALA D 145 0.74 -35.96 4.56
N PRO D 146 0.22 -35.69 3.37
CA PRO D 146 0.75 -34.59 2.56
C PRO D 146 0.04 -33.28 2.83
N THR D 147 0.62 -32.20 2.31
CA THR D 147 0.08 -30.86 2.42
C THR D 147 -0.17 -30.29 1.03
N TYR D 148 -1.32 -29.65 0.87
CA TYR D 148 -1.73 -29.10 -0.41
C TYR D 148 -1.49 -27.59 -0.43
N LEU D 149 -1.77 -26.98 -1.58
CA LEU D 149 -1.61 -25.53 -1.72
C LEU D 149 -2.89 -24.81 -1.32
N GLU D 151 -4.14 -19.35 -1.65
CA GLU D 151 -4.07 -17.91 -1.87
C GLU D 151 -3.97 -17.16 -0.55
N PHE D 152 -3.38 -15.96 -0.60
CA PHE D 152 -3.24 -15.15 0.60
C PHE D 152 -4.56 -14.55 1.07
N SER D 153 -5.55 -14.45 0.19
CA SER D 153 -6.77 -13.70 0.47
C SER D 153 -7.88 -14.55 1.05
N LEU D 154 -7.63 -15.82 1.32
CA LEU D 154 -8.68 -16.68 1.89
C LEU D 154 -8.94 -16.29 3.34
N ARG D 155 -10.22 -16.07 3.64
CA ARG D 155 -10.61 -15.66 4.99
C ARG D 155 -10.53 -16.84 5.96
N GLY D 156 -10.14 -16.56 7.20
CA GLY D 156 -10.02 -17.62 8.18
C GLY D 156 -11.36 -18.13 8.66
N LYS D 157 -12.38 -17.27 8.68
CA LYS D 157 -13.70 -17.68 9.16
C LYS D 157 -14.29 -18.77 8.28
N GLU D 158 -14.18 -18.62 6.96
CA GLU D 158 -14.71 -19.63 6.06
C GLU D 158 -13.95 -20.93 6.18
N LEU D 159 -12.63 -20.86 6.31
CA LEU D 159 -11.81 -22.09 6.36
C LEU D 159 -12.03 -22.77 7.72
N ARG D 160 -12.49 -22.02 8.72
CA ARG D 160 -12.65 -22.57 10.10
C ARG D 160 -13.71 -23.68 10.11
N GLU D 161 -14.81 -23.50 9.36
CA GLU D 161 -15.90 -24.50 9.45
C GLU D 161 -15.59 -25.70 8.55
N ASN D 162 -14.66 -25.53 7.60
CA ASN D 162 -14.26 -26.65 6.78
C ASN D 162 -13.08 -27.43 7.35
N GLY D 163 -12.44 -26.94 8.41
CA GLY D 163 -11.32 -27.63 9.00
C GLY D 163 -10.04 -27.54 8.20
N ILE D 164 -9.61 -26.32 7.90
CA ILE D 164 -8.37 -26.06 7.16
C ILE D 164 -7.55 -25.04 7.93
N ASN D 165 -6.26 -25.32 8.09
CA ASN D 165 -5.34 -24.43 8.77
C ASN D 165 -4.43 -23.75 7.74
N ARG D 166 -4.11 -22.49 7.99
CA ARG D 166 -3.37 -21.67 7.03
C ARG D 166 -2.01 -21.28 7.58
N ILE D 167 -0.96 -21.58 6.83
CA ILE D 167 0.40 -21.12 7.11
C ILE D 167 0.93 -20.55 5.80
N GLY D 168 1.05 -19.24 5.72
CA GLY D 168 1.43 -18.61 4.47
C GLY D 168 0.35 -18.83 3.43
N ASN D 169 0.75 -19.35 2.26
CA ASN D 169 -0.17 -19.68 1.19
C ASN D 169 -0.40 -21.18 1.07
N LEU D 170 -0.04 -21.94 2.09
CA LEU D 170 -0.22 -23.38 2.12
C LEU D 170 -1.34 -23.77 3.08
N LEU D 171 -1.89 -24.95 2.87
CA LEU D 171 -2.99 -25.46 3.68
C LEU D 171 -2.66 -26.83 4.24
N VAL D 172 -2.98 -27.05 5.50
CA VAL D 172 -2.79 -28.35 6.15
C VAL D 172 -4.11 -28.80 6.76
N PRO D 173 -4.57 -30.01 6.45
CA PRO D 173 -5.87 -30.46 6.98
C PRO D 173 -5.86 -30.63 8.48
N ASN D 174 -7.03 -30.44 9.08
CA ASN D 174 -7.16 -30.61 10.53
C ASN D 174 -7.13 -32.08 10.92
N GLU D 175 -7.57 -32.97 10.04
CA GLU D 175 -7.56 -34.39 10.33
C GLU D 175 -6.15 -34.97 10.39
N ASN D 176 -5.14 -34.23 9.93
CA ASN D 176 -3.78 -34.76 9.90
C ASN D 176 -3.26 -35.02 11.31
N TYR D 177 -3.57 -34.12 12.25
CA TYR D 177 -2.98 -34.21 13.58
C TYR D 177 -3.53 -35.39 14.39
N CYS D 178 -4.67 -35.96 14.00
CA CYS D 178 -5.17 -37.14 14.68
C CYS D 178 -4.19 -38.31 14.53
N LYS D 179 -3.65 -38.49 13.33
CA LYS D 179 -2.65 -39.53 13.12
C LYS D 179 -1.40 -39.27 13.95
N PHE D 180 -0.99 -38.01 14.02
CA PHE D 180 0.17 -37.64 14.85
C PHE D 180 -0.07 -38.05 16.30
N GLU D 181 -1.24 -37.70 16.83
CA GLU D 181 -1.55 -38.06 18.21
C GLU D 181 -1.52 -39.56 18.41
N ASP D 182 -2.18 -40.31 17.52
CA ASP D 182 -2.27 -41.75 17.68
C ASP D 182 -0.89 -42.40 17.62
N TRP D 183 -0.01 -41.91 16.74
CA TRP D 183 1.30 -42.50 16.63
C TRP D 183 2.23 -42.09 17.76
N LEU D 184 2.13 -40.86 18.23
CA LEU D 184 3.04 -40.36 19.26
C LEU D 184 2.67 -40.83 20.66
N MET D 185 1.42 -41.21 20.88
CA MET D 185 1.02 -41.60 22.23
C MET D 185 1.83 -42.78 22.78
N PRO D 186 2.02 -43.90 22.07
CA PRO D 186 2.69 -45.05 22.70
C PRO D 186 4.15 -44.82 23.04
N ILE D 187 4.88 -44.01 22.27
CA ILE D 187 6.33 -43.95 22.44
C ILE D 187 6.69 -43.27 23.76
N LEU D 188 5.98 -42.20 24.11
CA LEU D 188 6.27 -41.52 25.37
C LEU D 188 6.03 -42.42 26.58
N ASP D 189 5.17 -43.43 26.46
CA ASP D 189 4.97 -44.34 27.59
C ASP D 189 6.25 -45.09 27.91
N GLN D 190 6.86 -45.72 26.90
CA GLN D 190 8.15 -46.37 27.11
C GLN D 190 9.21 -45.35 27.49
N MET D 191 9.06 -44.11 27.01
CA MET D 191 10.02 -43.06 27.35
C MET D 191 10.03 -42.84 28.86
N VAL D 192 8.85 -42.62 29.43
CA VAL D 192 8.73 -42.40 30.87
C VAL D 192 9.15 -43.66 31.64
N MET D 193 8.80 -44.84 31.12
CA MET D 193 9.21 -46.07 31.80
C MET D 193 10.73 -46.18 31.90
N GLU D 194 11.42 -45.86 30.81
CA GLU D 194 12.88 -45.87 30.83
C GLU D 194 13.42 -44.84 31.81
N GLN D 195 12.80 -43.66 31.86
CA GLN D 195 13.27 -42.64 32.78
C GLN D 195 13.17 -43.14 34.22
N ASN D 196 12.04 -43.75 34.58
CA ASN D 196 11.84 -44.17 35.95
C ASN D 196 12.69 -45.38 36.33
N THR D 197 12.95 -46.29 35.39
CA THR D 197 13.66 -47.52 35.72
C THR D 197 15.15 -47.43 35.43
N GLU D 198 15.53 -47.13 34.18
CA GLU D 198 16.95 -47.12 33.81
C GLU D 198 17.68 -45.97 34.48
N GLY D 199 17.10 -44.78 34.47
CA GLY D 199 17.73 -43.63 35.11
C GLY D 199 18.63 -42.84 34.17
N VAL D 200 18.07 -42.40 33.04
CA VAL D 200 18.82 -41.70 32.01
C VAL D 200 18.28 -40.28 31.91
N LYS D 201 19.12 -39.30 32.23
CA LYS D 201 18.72 -37.91 32.15
C LYS D 201 18.58 -37.47 30.69
N TRP D 202 17.60 -36.61 30.44
CA TRP D 202 17.14 -36.31 29.09
C TRP D 202 17.09 -34.83 28.81
N THR D 203 17.43 -34.48 27.57
CA THR D 203 17.48 -33.13 27.03
C THR D 203 16.80 -33.13 25.68
N PRO D 204 16.42 -31.96 25.16
CA PRO D 204 15.73 -31.93 23.87
C PRO D 204 16.48 -32.62 22.74
N SER D 205 17.81 -32.53 22.72
CA SER D 205 18.57 -33.13 21.62
C SER D 205 18.39 -34.64 21.58
N LYS D 206 18.52 -35.29 22.74
CA LYS D 206 18.43 -36.75 22.75
C LYS D 206 17.02 -37.21 22.43
N MET D 207 16.00 -36.47 22.88
CA MET D 207 14.63 -36.87 22.56
C MET D 207 14.34 -36.68 21.07
N ILE D 208 14.89 -35.63 20.46
CA ILE D 208 14.75 -35.47 19.02
C ILE D 208 15.41 -36.62 18.29
N ALA D 209 16.61 -37.01 18.72
CA ALA D 209 17.29 -38.14 18.08
C ALA D 209 16.50 -39.43 18.22
N ARG D 210 15.97 -39.69 19.42
CA ARG D 210 15.20 -40.91 19.63
C ARG D 210 13.95 -40.90 18.77
N LEU D 211 13.28 -39.75 18.67
CA LEU D 211 12.09 -39.65 17.84
C LEU D 211 12.45 -39.94 16.38
N GLY D 212 13.57 -39.41 15.93
CA GLY D 212 13.97 -39.65 14.55
C GLY D 212 14.31 -41.10 14.27
N LYS D 213 14.91 -41.77 15.24
CA LYS D 213 15.40 -43.13 15.01
C LYS D 213 14.28 -44.10 14.65
N GLU D 214 13.05 -43.82 15.06
CA GLU D 214 11.98 -44.81 14.95
C GLU D 214 11.14 -44.65 13.69
N ILE D 215 11.13 -43.47 13.07
CA ILE D 215 10.19 -43.22 11.98
C ILE D 215 10.50 -44.13 10.79
N ASN D 216 11.79 -44.29 10.44
CA ASN D 216 12.24 -45.19 9.39
C ASN D 216 11.52 -44.86 8.08
N ASN D 217 11.88 -43.69 7.55
CA ASN D 217 11.38 -43.22 6.27
C ASN D 217 12.42 -42.32 5.63
N PRO D 218 12.96 -42.70 4.47
CA PRO D 218 14.10 -41.94 3.90
C PRO D 218 13.77 -40.49 3.58
N GLU D 219 12.51 -40.15 3.40
CA GLU D 219 12.17 -38.76 3.09
C GLU D 219 12.30 -37.86 4.31
N SER D 220 12.35 -38.44 5.51
CA SER D 220 12.42 -37.64 6.72
C SER D 220 13.82 -37.10 6.94
N VAL D 221 13.93 -35.78 7.09
CA VAL D 221 15.25 -35.18 7.28
C VAL D 221 15.87 -35.60 8.60
N TYR D 222 15.07 -36.02 9.56
CA TYR D 222 15.58 -36.48 10.85
C TYR D 222 15.93 -37.95 10.85
N TYR D 223 15.59 -38.70 9.78
CA TYR D 223 16.11 -40.06 9.66
C TYR D 223 17.62 -40.03 9.54
N TRP D 224 18.11 -39.38 8.49
CA TRP D 224 19.55 -39.33 8.26
C TRP D 224 20.28 -38.55 9.34
N ALA D 225 19.56 -37.78 10.15
CA ALA D 225 20.21 -37.10 11.26
C ALA D 225 20.78 -38.09 12.26
N GLN D 226 20.01 -39.12 12.60
CA GLN D 226 20.48 -40.09 13.59
C GLN D 226 21.50 -41.06 13.02
N LYS D 227 21.46 -41.30 11.71
CA LYS D 227 22.36 -42.29 11.12
C LYS D 227 23.79 -41.78 11.03
N ASN D 228 23.96 -40.51 10.67
CA ASN D 228 25.28 -39.93 10.47
C ASN D 228 25.82 -39.25 11.72
N HIS D 229 25.15 -39.40 12.86
CA HIS D 229 25.58 -38.80 14.12
C HIS D 229 25.69 -37.28 14.00
N ILE D 230 24.63 -36.67 13.47
CA ILE D 230 24.57 -35.21 13.36
C ILE D 230 23.54 -34.68 14.35
N PRO D 231 23.97 -34.02 15.41
CA PRO D 231 23.02 -33.56 16.43
C PRO D 231 22.12 -32.44 15.91
N VAL D 232 20.93 -32.35 16.52
CA VAL D 232 19.98 -31.28 16.24
C VAL D 232 19.59 -30.65 17.56
N PHE D 233 19.72 -29.32 17.66
CA PHE D 233 19.45 -28.58 18.87
C PHE D 233 18.28 -27.62 18.65
N SER D 234 17.55 -27.36 19.73
CA SER D 234 16.43 -26.45 19.70
C SER D 234 16.28 -25.84 21.09
N PRO D 235 16.20 -24.53 21.21
CA PRO D 235 16.14 -23.92 22.53
C PRO D 235 14.78 -24.10 23.20
N ALA D 236 13.71 -23.90 22.45
CA ALA D 236 12.35 -23.99 22.97
C ALA D 236 11.57 -24.96 22.09
N LEU D 237 11.16 -26.09 22.66
CA LEU D 237 10.40 -27.08 21.94
C LEU D 237 8.93 -27.10 22.35
N THR D 238 8.61 -26.65 23.55
CA THR D 238 7.25 -26.67 24.05
C THR D 238 6.33 -25.68 23.34
N ASP D 239 6.87 -24.80 22.50
CA ASP D 239 6.03 -23.81 21.84
C ASP D 239 5.03 -24.45 20.88
N GLY D 240 5.45 -25.47 20.15
CA GLY D 240 4.64 -26.06 19.12
C GLY D 240 3.63 -27.05 19.66
N SER D 241 3.01 -27.79 18.74
CA SER D 241 1.98 -28.75 19.11
C SER D 241 2.53 -29.90 19.95
N LEU D 242 3.85 -30.14 19.90
CA LEU D 242 4.44 -31.15 20.76
C LEU D 242 4.19 -30.82 22.22
N GLY D 243 4.24 -29.54 22.58
CA GLY D 243 3.91 -29.15 23.93
C GLY D 243 2.48 -29.50 24.31
N ASP D 244 1.55 -29.30 23.37
CA ASP D 244 0.17 -29.69 23.62
C ASP D 244 0.05 -31.20 23.84
N MET D 245 0.79 -31.96 23.04
CA MET D 245 0.80 -33.41 23.22
C MET D 245 1.35 -33.80 24.59
N ILE D 246 2.41 -33.12 25.04
CA ILE D 246 2.94 -33.39 26.38
C ILE D 246 1.90 -33.05 27.43
N PHE D 247 1.20 -31.92 27.27
CA PHE D 247 0.15 -31.57 28.23
C PHE D 247 -0.87 -32.69 28.32
N PHE D 248 -1.42 -33.11 27.18
CA PHE D 248 -2.43 -34.16 27.22
C PHE D 248 -1.89 -35.46 27.81
N HIS D 249 -0.57 -35.63 27.83
CA HIS D 249 0.04 -36.80 28.43
C HIS D 249 0.54 -36.53 29.84
N SER D 250 0.36 -35.32 30.35
CA SER D 250 0.85 -35.01 31.69
C SER D 250 0.01 -35.70 32.76
N TYR D 251 -1.31 -35.76 32.56
CA TYR D 251 -2.20 -36.25 33.61
C TYR D 251 -2.02 -37.74 33.83
N LYS D 252 -1.90 -38.51 32.74
CA LYS D 252 -1.66 -39.94 32.83
C LYS D 252 -0.17 -40.22 32.72
N ASN D 253 0.36 -41.02 33.65
CA ASN D 253 1.78 -41.32 33.73
C ASN D 253 2.59 -40.04 33.85
N PRO D 254 2.50 -39.32 34.97
CA PRO D 254 3.21 -38.05 35.12
C PRO D 254 4.63 -38.23 35.63
N GLY D 255 5.49 -37.27 35.27
CA GLY D 255 6.84 -37.27 35.79
C GLY D 255 7.93 -37.14 34.74
N LEU D 256 7.56 -36.79 33.51
CA LEU D 256 8.56 -36.56 32.48
C LEU D 256 9.39 -35.34 32.81
N VAL D 257 10.70 -35.45 32.67
CA VAL D 257 11.64 -34.41 33.06
C VAL D 257 12.49 -34.04 31.86
N LEU D 258 12.59 -32.74 31.57
CA LEU D 258 13.47 -32.23 30.53
C LEU D 258 14.39 -31.19 31.14
N ASP D 259 15.61 -31.11 30.60
CA ASP D 259 16.63 -30.22 31.12
C ASP D 259 17.09 -29.31 29.99
N ILE D 260 17.64 -28.16 30.36
CA ILE D 260 18.04 -27.14 29.40
C ILE D 260 19.49 -26.71 29.55
N VAL D 261 20.17 -27.09 30.63
CA VAL D 261 21.56 -26.66 30.78
C VAL D 261 22.52 -27.61 30.06
N GLU D 262 22.20 -28.90 30.02
CA GLU D 262 23.10 -29.85 29.37
C GLU D 262 23.23 -29.58 27.88
N ASP D 263 22.13 -29.21 27.22
CA ASP D 263 22.21 -28.88 25.81
C ASP D 263 23.09 -27.65 25.58
N LEU D 264 22.98 -26.65 26.45
CA LEU D 264 23.83 -25.47 26.32
C LEU D 264 25.29 -25.87 26.47
N ARG D 265 25.60 -26.71 27.46
CA ARG D 265 26.98 -27.15 27.64
C ARG D 265 27.48 -27.88 26.40
N LEU D 266 26.62 -28.73 25.82
CA LEU D 266 27.03 -29.50 24.65
C LEU D 266 27.33 -28.58 23.46
N ILE D 267 26.44 -27.61 23.19
CA ILE D 267 26.66 -26.76 22.02
C ILE D 267 27.90 -25.90 22.23
N ASN D 268 28.08 -25.37 23.44
CA ASN D 268 29.26 -24.55 23.69
C ASN D 268 30.54 -25.35 23.54
N THR D 269 30.57 -26.59 24.05
CA THR D 269 31.81 -27.37 23.95
C THR D 269 32.04 -27.85 22.52
N GLN D 270 30.98 -28.03 21.74
CA GLN D 270 31.18 -28.34 20.32
C GLN D 270 31.77 -27.14 19.59
N ALA D 271 31.30 -25.94 19.91
CA ALA D 271 31.77 -24.75 19.19
C ALA D 271 33.20 -24.40 19.59
N ILE D 272 33.56 -24.58 20.85
CA ILE D 272 34.83 -24.06 21.34
C ILE D 272 36.00 -24.83 20.74
N PHE D 273 35.89 -26.17 20.68
CA PHE D 273 36.95 -27.00 20.11
C PHE D 273 36.72 -27.14 18.62
N ALA D 274 37.30 -26.22 17.83
CA ALA D 274 37.14 -26.27 16.38
C ALA D 274 38.19 -25.39 15.73
N LYS D 275 38.78 -25.87 14.64
CA LYS D 275 39.80 -25.10 13.94
C LYS D 275 39.20 -23.93 13.17
N CYS D 276 38.12 -24.18 12.43
CA CYS D 276 37.51 -23.15 11.60
C CYS D 276 36.00 -23.30 11.66
N THR D 277 35.29 -22.17 11.75
CA THR D 277 33.86 -22.16 11.92
C THR D 277 33.19 -21.30 10.85
N GLY D 278 31.98 -21.66 10.49
CA GLY D 278 31.20 -20.91 9.52
C GLY D 278 29.73 -20.98 9.86
N MET D 279 28.99 -19.95 9.44
CA MET D 279 27.59 -19.82 9.79
C MET D 279 26.75 -19.58 8.53
N ILE D 280 25.66 -20.33 8.40
CA ILE D 280 24.63 -20.10 7.40
C ILE D 280 23.30 -20.02 8.12
N ILE D 281 22.63 -18.88 8.02
CA ILE D 281 21.39 -18.63 8.74
C ILE D 281 20.32 -18.23 7.72
N LEU D 282 19.18 -18.90 7.76
CA LEU D 282 18.06 -18.64 6.87
C LEU D 282 16.89 -18.19 7.74
N GLY D 283 16.72 -16.88 7.86
CA GLY D 283 15.66 -16.31 8.66
C GLY D 283 16.23 -15.62 9.88
N GLY D 284 15.32 -15.21 10.78
CA GLY D 284 15.72 -14.53 11.99
C GLY D 284 14.82 -14.93 13.15
N GLY D 285 15.34 -14.71 14.33
CA GLY D 285 14.62 -15.04 15.55
C GLY D 285 15.58 -15.50 16.63
N VAL D 286 15.09 -16.41 17.46
CA VAL D 286 15.90 -16.94 18.55
C VAL D 286 17.09 -17.71 18.01
N VAL D 287 16.94 -18.32 16.83
CA VAL D 287 18.00 -19.15 16.27
C VAL D 287 19.27 -18.35 16.01
N LYS D 288 19.12 -17.16 15.43
CA LYS D 288 20.29 -16.35 15.10
C LYS D 288 21.03 -15.92 16.36
N HIS D 289 20.30 -15.44 17.36
CA HIS D 289 20.94 -15.04 18.61
C HIS D 289 21.61 -16.23 19.28
N HIS D 290 20.98 -17.40 19.22
CA HIS D 290 21.56 -18.60 19.81
C HIS D 290 22.87 -18.96 19.14
N ILE D 291 22.90 -18.93 17.81
CA ILE D 291 24.14 -19.24 17.09
C ILE D 291 25.22 -18.23 17.43
N ALA D 292 24.86 -16.95 17.44
CA ALA D 292 25.84 -15.91 17.72
C ALA D 292 26.43 -16.09 19.11
N ASN D 293 25.60 -16.38 20.11
CA ASN D 293 26.12 -16.61 21.44
C ASN D 293 26.94 -17.89 21.50
N ALA D 294 26.59 -18.89 20.70
CA ALA D 294 27.37 -20.11 20.67
C ALA D 294 28.79 -19.86 20.16
N ASN D 295 28.91 -19.02 19.13
CA ASN D 295 30.23 -18.76 18.55
C ASN D 295 30.98 -17.63 19.23
N LEU D 296 30.34 -16.92 20.16
CA LEU D 296 30.97 -15.75 20.77
C LEU D 296 32.15 -16.14 21.64
N MET D 297 32.05 -17.28 22.32
CA MET D 297 33.04 -17.63 23.33
C MET D 297 34.40 -18.03 22.75
N ARG D 298 34.65 -17.92 21.45
CA ARG D 298 35.98 -18.19 20.88
C ARG D 298 36.51 -16.99 20.12
N ASN D 299 36.11 -15.79 20.54
CA ASN D 299 36.52 -14.50 20.00
C ASN D 299 35.93 -14.21 18.62
N GLY D 300 35.16 -15.13 18.05
CA GLY D 300 34.46 -14.82 16.81
C GLY D 300 34.41 -15.94 15.79
N ALA D 301 33.72 -15.68 14.67
CA ALA D 301 33.62 -16.62 13.57
C ALA D 301 34.36 -16.07 12.36
N ASP D 302 34.66 -16.96 11.41
CA ASP D 302 35.47 -16.59 10.26
C ASP D 302 34.63 -16.19 9.05
N TYR D 303 33.74 -17.06 8.58
CA TYR D 303 32.85 -16.73 7.47
C TYR D 303 31.41 -16.88 7.90
N ALA D 304 30.54 -16.07 7.28
CA ALA D 304 29.12 -16.10 7.61
C ALA D 304 28.32 -15.60 6.43
N VAL D 305 27.11 -16.14 6.28
CA VAL D 305 26.17 -15.74 5.24
C VAL D 305 24.79 -15.60 5.86
N TYR D 306 24.13 -14.47 5.63
CA TYR D 306 22.78 -14.23 6.12
C TYR D 306 21.85 -14.09 4.92
N ILE D 307 20.70 -14.76 4.98
CA ILE D 307 19.64 -14.62 3.98
C ILE D 307 18.34 -14.42 4.74
N ASN D 308 17.96 -13.16 4.96
CA ASN D 308 16.73 -12.83 5.66
C ASN D 308 16.05 -11.69 4.90
N THR D 309 14.96 -11.18 5.47
CA THR D 309 14.20 -10.15 4.77
C THR D 309 13.68 -9.05 5.70
N ALA D 310 14.22 -8.93 6.91
CA ALA D 310 13.74 -7.94 7.85
C ALA D 310 14.46 -6.61 7.62
N GLN D 311 14.07 -5.60 8.39
CA GLN D 311 14.67 -4.28 8.31
C GLN D 311 15.26 -3.89 9.66
N GLU D 312 16.24 -2.99 9.62
CA GLU D 312 16.99 -2.59 10.80
C GLU D 312 16.45 -1.32 11.44
N PHE D 313 15.33 -0.79 10.95
CA PHE D 313 14.80 0.43 11.54
C PHE D 313 14.13 0.17 12.89
N ASP D 314 13.54 -1.01 13.07
CA ASP D 314 12.89 -1.32 14.34
C ASP D 314 13.90 -1.64 15.44
N GLY D 315 15.14 -1.94 15.08
CA GLY D 315 16.17 -2.24 16.04
C GLY D 315 16.19 -3.65 16.56
N SER D 316 15.29 -4.51 16.10
CA SER D 316 15.23 -5.88 16.58
C SER D 316 16.45 -6.67 16.12
N ASP D 317 16.54 -7.91 16.60
CA ASP D 317 17.63 -8.78 16.20
C ASP D 317 17.63 -9.05 14.70
N SER D 318 16.46 -8.96 14.07
CA SER D 318 16.36 -9.18 12.63
C SER D 318 16.21 -7.85 11.89
N GLU D 324 27.31 -5.39 12.69
CA GLU D 324 26.88 -5.13 14.07
C GLU D 324 27.33 -6.27 14.98
N ALA D 325 27.55 -7.44 14.39
CA ALA D 325 28.03 -8.57 15.16
C ALA D 325 29.43 -8.34 15.71
N VAL D 326 30.19 -7.44 15.10
CA VAL D 326 31.54 -7.15 15.59
C VAL D 326 31.46 -6.47 16.96
N SER D 327 30.39 -5.73 17.23
CA SER D 327 30.26 -5.02 18.49
C SER D 327 30.17 -5.97 19.69
N TRP D 328 29.87 -7.23 19.40
CA TRP D 328 29.82 -8.22 20.47
C TRP D 328 30.87 -9.28 20.21
N GLY D 329 31.69 -9.07 19.18
CA GLY D 329 32.76 -10.00 18.90
C GLY D 329 32.31 -11.31 18.30
N LYS D 330 31.02 -11.40 17.97
CA LYS D 330 30.51 -12.60 17.34
C LYS D 330 31.26 -12.87 16.05
N ILE D 331 31.45 -11.83 15.24
CA ILE D 331 32.18 -11.98 13.99
C ILE D 331 33.58 -11.40 14.15
N ARG D 332 34.58 -12.06 13.58
CA ARG D 332 35.96 -11.62 13.75
C ARG D 332 36.24 -10.34 12.98
N VAL D 333 37.25 -9.59 13.45
CA VAL D 333 37.59 -8.31 12.85
C VAL D 333 38.11 -8.50 11.42
N ASP D 334 38.83 -9.59 11.17
CA ASP D 334 39.46 -9.82 9.88
C ASP D 334 38.54 -10.57 8.91
N ALA D 335 37.23 -10.43 9.07
CA ALA D 335 36.25 -11.08 8.22
C ALA D 335 35.46 -10.05 7.42
N GLN D 336 34.80 -10.52 6.37
CA GLN D 336 33.96 -9.69 5.52
C GLN D 336 32.60 -10.35 5.40
N PRO D 337 31.73 -10.15 6.40
CA PRO D 337 30.41 -10.80 6.37
C PRO D 337 29.57 -10.30 5.22
N VAL D 338 28.78 -11.20 4.65
CA VAL D 338 27.90 -10.88 3.53
C VAL D 338 26.46 -11.04 3.99
N LYS D 339 25.55 -10.47 3.21
CA LYS D 339 24.15 -10.38 3.61
C LYS D 339 23.30 -10.07 2.38
N VAL D 340 22.23 -10.84 2.21
CA VAL D 340 21.38 -10.77 1.03
C VAL D 340 19.95 -10.53 1.45
N TYR D 341 19.29 -9.58 0.81
CA TYR D 341 17.88 -9.29 1.04
C TYR D 341 17.04 -9.89 -0.07
N ALA D 342 16.37 -10.99 0.23
CA ALA D 342 15.44 -11.65 -0.67
C ALA D 342 14.80 -12.81 0.08
N ASP D 343 13.68 -13.28 -0.44
CA ASP D 343 13.03 -14.44 0.15
C ASP D 343 13.91 -15.67 -0.02
N ALA D 344 13.95 -16.50 1.02
CA ALA D 344 14.82 -17.68 0.98
C ALA D 344 14.39 -18.65 -0.12
N SER D 345 13.08 -18.75 -0.34
CA SER D 345 12.56 -19.72 -1.30
C SER D 345 13.03 -19.46 -2.71
N LEU D 346 13.44 -18.24 -3.03
CA LEU D 346 13.82 -17.88 -4.39
C LEU D 346 15.32 -17.79 -4.58
N VAL D 347 16.11 -17.83 -3.50
CA VAL D 347 17.55 -17.66 -3.59
C VAL D 347 18.30 -18.91 -3.13
N PHE D 348 17.83 -19.57 -2.07
CA PHE D 348 18.57 -20.71 -1.54
C PHE D 348 18.77 -21.83 -2.54
N PRO D 349 17.77 -22.29 -3.29
CA PRO D 349 18.03 -23.39 -4.24
C PRO D 349 19.09 -23.04 -5.27
N LEU D 350 19.17 -21.78 -5.70
CA LEU D 350 20.19 -21.39 -6.66
C LEU D 350 21.57 -21.38 -6.02
N LEU D 351 21.66 -21.10 -4.72
CA LEU D 351 22.95 -21.11 -4.06
C LEU D 351 23.55 -22.51 -4.04
N VAL D 352 22.72 -23.53 -3.84
CA VAL D 352 23.22 -24.89 -3.86
C VAL D 352 23.59 -25.34 -5.27
N ALA D 353 23.17 -24.60 -6.30
CA ALA D 353 23.52 -24.97 -7.66
C ALA D 353 24.99 -24.69 -7.95
N GLU D 354 25.47 -23.51 -7.59
CA GLU D 354 26.86 -23.15 -7.89
C GLU D 354 27.84 -23.78 -6.91
N THR D 355 27.45 -23.92 -5.65
CA THR D 355 28.30 -24.52 -4.63
C THR D 355 27.55 -25.66 -3.96
N PHE D 356 28.30 -26.63 -3.44
CA PHE D 356 27.83 -27.84 -2.76
C PHE D 356 27.31 -28.89 -3.72
N ALA D 357 27.29 -28.63 -5.01
CA ALA D 357 26.76 -29.63 -5.94
C ALA D 357 27.73 -29.99 -7.05
N GLN D 358 28.54 -29.04 -7.49
CA GLN D 358 29.46 -29.28 -8.60
C GLN D 358 30.75 -29.97 -8.19
N LYS D 359 30.93 -30.24 -6.90
CA LYS D 359 32.18 -30.82 -6.41
C LYS D 359 32.07 -32.28 -6.02
N MET D 360 30.86 -32.81 -5.84
CA MET D 360 30.69 -34.22 -5.52
C MET D 360 29.26 -34.67 -5.77
N SER E 29 -20.67 4.51 7.93
CA SER E 29 -21.00 5.72 7.19
C SER E 29 -20.54 6.96 7.92
N THR E 30 -19.23 7.21 7.92
CA THR E 30 -18.64 8.34 8.59
C THR E 30 -17.67 9.05 7.64
N GLN E 31 -17.63 10.37 7.76
CA GLN E 31 -16.80 11.19 6.89
C GLN E 31 -15.35 11.18 7.40
N VAL E 32 -14.50 11.99 6.76
CA VAL E 32 -13.10 12.10 7.13
C VAL E 32 -12.84 13.55 7.54
N ARG E 33 -12.27 13.75 8.72
CA ARG E 33 -12.02 15.08 9.24
C ARG E 33 -10.81 15.04 10.16
N GLY E 34 -10.08 16.16 10.21
CA GLY E 34 -8.93 16.31 11.07
C GLY E 34 -9.11 17.43 12.06
N TYR E 35 -8.10 17.61 12.89
CA TYR E 35 -8.13 18.67 13.89
C TYR E 35 -7.87 20.02 13.23
N ASP E 36 -8.71 21.00 13.53
CA ASP E 36 -8.55 22.36 13.03
C ASP E 36 -7.79 23.15 14.08
N PHE E 37 -6.53 23.48 13.78
CA PHE E 37 -5.67 24.12 14.76
C PHE E 37 -6.12 25.53 15.11
N ASN E 38 -7.06 26.11 14.38
CA ASN E 38 -7.51 27.45 14.68
C ASN E 38 -8.10 27.55 16.08
N ARG E 39 -8.67 26.45 16.59
CA ARG E 39 -9.24 26.47 17.94
C ARG E 39 -8.17 26.72 18.98
N GLY E 40 -7.01 26.12 18.82
CA GLY E 40 -5.94 26.23 19.78
C GLY E 40 -5.16 24.92 19.83
N VAL E 41 -4.62 24.63 21.00
CA VAL E 41 -3.87 23.39 21.24
C VAL E 41 -4.56 22.69 22.40
N ASN E 42 -5.49 21.80 22.10
CA ASN E 42 -6.19 21.01 23.10
C ASN E 42 -5.79 19.55 22.89
N TYR E 43 -4.87 19.07 23.71
CA TYR E 43 -4.28 17.76 23.47
C TYR E 43 -5.31 16.65 23.56
N ARG E 44 -6.23 16.73 24.52
CA ARG E 44 -7.19 15.65 24.72
C ARG E 44 -8.07 15.48 23.49
N ALA E 45 -8.51 16.58 22.89
CA ALA E 45 -9.28 16.48 21.66
C ALA E 45 -8.41 16.00 20.51
N LEU E 46 -7.15 16.41 20.48
CA LEU E 46 -6.26 16.03 19.40
C LEU E 46 -6.05 14.52 19.36
N LEU E 47 -5.87 13.90 20.52
CA LEU E 47 -5.64 12.46 20.56
C LEU E 47 -6.87 11.70 20.09
N GLU E 48 -8.06 12.21 20.38
CA GLU E 48 -9.29 11.57 19.91
C GLU E 48 -9.51 11.80 18.42
N ALA E 49 -8.99 12.91 17.89
CA ALA E 49 -9.24 13.25 16.49
C ALA E 49 -8.61 12.25 15.53
N PHE E 50 -7.68 11.42 15.99
CA PHE E 50 -7.08 10.43 15.10
C PHE E 50 -8.09 9.42 14.59
N GLY E 51 -9.23 9.27 15.27
CA GLY E 51 -10.16 8.22 14.91
C GLY E 51 -10.70 8.35 13.50
N THR E 52 -10.91 9.59 13.05
CA THR E 52 -11.40 9.85 11.71
C THR E 52 -10.32 10.38 10.77
N THR E 53 -9.06 10.41 11.22
CA THR E 53 -7.98 10.89 10.37
C THR E 53 -7.79 9.99 9.16
N GLY E 54 -7.83 8.68 9.36
CA GLY E 54 -7.70 7.73 8.28
C GLY E 54 -6.34 7.08 8.25
N PHE E 55 -6.22 6.09 7.36
CA PHE E 55 -4.99 5.34 7.13
C PHE E 55 -4.60 4.69 8.45
N GLN E 56 -3.39 4.89 8.96
CA GLN E 56 -2.93 4.20 10.16
C GLN E 56 -3.26 4.96 11.43
N ALA E 57 -4.27 5.81 11.41
CA ALA E 57 -4.79 6.41 12.63
C ALA E 57 -6.11 5.78 13.06
N THR E 58 -6.92 5.33 12.10
CA THR E 58 -8.15 4.63 12.45
C THR E 58 -7.85 3.34 13.22
N ASN E 59 -6.76 2.67 12.85
CA ASN E 59 -6.35 1.48 13.60
C ASN E 59 -5.96 1.85 15.03
N PHE E 60 -5.29 3.00 15.19
CA PHE E 60 -4.96 3.47 16.53
C PHE E 60 -6.22 3.71 17.35
N GLY E 61 -7.23 4.33 16.74
CA GLY E 61 -8.48 4.56 17.45
C GLY E 61 -9.16 3.26 17.83
N ARG E 62 -9.16 2.28 16.92
CA ARG E 62 -9.74 0.99 17.23
C ARG E 62 -9.02 0.31 18.37
N ALA E 63 -7.69 0.42 18.40
CA ALA E 63 -6.92 -0.14 19.49
C ALA E 63 -7.29 0.52 20.81
N VAL E 64 -7.44 1.84 20.81
CA VAL E 64 -7.81 2.55 22.03
C VAL E 64 -9.16 2.06 22.53
N GLN E 65 -10.13 1.96 21.64
CA GLN E 65 -11.47 1.52 22.03
C GLN E 65 -11.43 0.10 22.57
N GLN E 66 -10.69 -0.80 21.92
CA GLN E 66 -10.64 -2.18 22.38
C GLN E 66 -10.01 -2.29 23.76
N VAL E 67 -8.91 -1.57 24.00
CA VAL E 67 -8.27 -1.63 25.31
C VAL E 67 -9.19 -1.06 26.38
N ASN E 68 -9.90 0.03 26.06
CA ASN E 68 -10.84 0.59 27.02
C ASN E 68 -11.94 -0.41 27.36
N ALA E 69 -12.46 -1.11 26.36
CA ALA E 69 -13.49 -2.11 26.61
C ALA E 69 -12.96 -3.22 27.51
N MET E 70 -11.73 -3.65 27.26
CA MET E 70 -11.13 -4.71 28.08
C MET E 70 -11.00 -4.27 29.54
N ILE E 71 -10.52 -3.04 29.77
CA ILE E 71 -10.38 -2.57 31.14
C ILE E 71 -11.75 -2.42 31.80
N GLU E 72 -12.76 -2.00 31.04
CA GLU E 72 -14.10 -1.89 31.61
C GLU E 72 -14.63 -3.25 32.02
N LYS E 73 -14.38 -4.28 31.20
CA LYS E 73 -14.78 -5.63 31.59
C LYS E 73 -14.02 -6.11 32.82
N LYS E 74 -12.77 -5.70 32.97
CA LYS E 74 -12.03 -6.04 34.19
C LYS E 74 -12.62 -5.36 35.42
N LEU E 75 -13.15 -4.15 35.26
CA LEU E 75 -13.65 -3.40 36.42
C LEU E 75 -14.79 -4.13 37.10
N GLU E 76 -15.70 -4.71 36.33
CA GLU E 76 -16.91 -5.31 36.90
C GLU E 76 -16.55 -6.49 37.80
N PRO E 77 -17.21 -6.63 38.96
CA PRO E 77 -16.88 -7.73 39.87
C PRO E 77 -17.59 -9.01 39.46
N LEU E 78 -17.24 -10.09 40.16
CA LEU E 78 -17.77 -11.41 39.86
C LEU E 78 -19.20 -11.57 40.35
N ARG E 93 -3.32 -16.27 44.64
CA ARG E 93 -3.77 -15.14 43.83
C ARG E 93 -5.27 -15.19 43.59
N PRO E 94 -5.96 -14.10 43.91
CA PRO E 94 -7.41 -14.06 43.67
C PRO E 94 -7.73 -13.92 42.21
N LEU E 95 -8.89 -14.46 41.83
CA LEU E 95 -9.34 -14.39 40.46
C LEU E 95 -9.81 -12.98 40.12
N THR E 96 -9.95 -12.73 38.82
CA THR E 96 -10.43 -11.46 38.31
C THR E 96 -11.37 -11.74 37.15
N SER E 97 -12.36 -10.86 36.95
CA SER E 97 -13.35 -11.06 35.91
C SER E 97 -12.69 -11.30 34.54
N CYS E 98 -11.60 -10.61 34.28
CA CYS E 98 -10.85 -10.81 33.04
C CYS E 98 -9.36 -10.81 33.35
N THR E 99 -8.65 -11.79 32.82
CA THR E 99 -7.20 -11.90 32.99
C THR E 99 -6.52 -11.42 31.71
N ILE E 100 -5.66 -10.42 31.83
CA ILE E 100 -4.99 -9.83 30.69
C ILE E 100 -3.58 -10.40 30.58
N PHE E 101 -3.05 -10.42 29.36
CA PHE E 101 -1.72 -10.90 29.07
C PHE E 101 -0.88 -9.76 28.52
N LEU E 102 0.44 -9.90 28.62
CA LEU E 102 1.34 -8.87 28.10
C LEU E 102 2.69 -9.50 27.81
N GLY E 103 3.27 -9.14 26.66
CA GLY E 103 4.58 -9.64 26.28
C GLY E 103 5.36 -8.59 25.53
N TYR E 104 6.66 -8.80 25.45
CA TYR E 104 7.52 -7.83 24.80
C TYR E 104 8.81 -8.50 24.36
N THR E 105 9.57 -7.79 23.52
CA THR E 105 10.86 -8.23 23.04
C THR E 105 11.97 -7.53 23.82
N SER E 106 13.19 -8.03 23.67
CA SER E 106 14.31 -7.55 24.47
C SER E 106 14.65 -6.09 24.17
N ASN E 107 14.18 -5.56 23.05
CA ASN E 107 14.48 -4.17 22.71
C ASN E 107 13.84 -3.20 23.70
N LEU E 108 12.54 -3.38 23.95
CA LEU E 108 11.77 -2.36 24.65
C LEU E 108 12.27 -2.16 26.08
N ILE E 109 12.78 -3.21 26.71
CA ILE E 109 13.26 -3.07 28.08
C ILE E 109 14.53 -2.22 28.11
N SER E 110 15.40 -2.40 27.13
CA SER E 110 16.62 -1.59 27.06
C SER E 110 16.34 -0.14 26.71
N SER E 111 15.19 0.15 26.14
CA SER E 111 14.83 1.51 25.74
C SER E 111 14.08 2.20 26.87
N GLY E 112 13.48 3.35 26.57
CA GLY E 112 12.78 4.12 27.58
C GLY E 112 11.44 3.57 28.00
N ILE E 113 10.89 2.60 27.24
CA ILE E 113 9.61 2.00 27.60
C ILE E 113 9.68 1.25 28.91
N ARG E 114 10.87 1.15 29.51
CA ARG E 114 11.01 0.47 30.79
C ARG E 114 10.24 1.20 31.88
N GLU E 115 10.25 2.53 31.86
CA GLU E 115 9.56 3.29 32.90
C GLU E 115 8.06 3.07 32.84
N THR E 116 7.48 3.06 31.64
CA THR E 116 6.03 2.96 31.55
C THR E 116 5.51 1.56 31.83
N ILE E 117 6.28 0.53 31.46
CA ILE E 117 5.86 -0.82 31.78
C ILE E 117 6.01 -1.11 33.26
N ARG E 118 6.85 -0.34 33.95
CA ARG E 118 6.91 -0.42 35.40
C ARG E 118 5.64 0.10 36.05
N TYR E 119 5.00 1.09 35.43
CA TYR E 119 3.78 1.66 35.98
C TYR E 119 2.66 0.63 35.99
N LEU E 120 2.61 -0.23 34.98
CA LEU E 120 1.52 -1.19 34.89
C LEU E 120 1.60 -2.22 36.02
N VAL E 121 2.78 -2.79 36.24
CA VAL E 121 2.92 -3.80 37.29
C VAL E 121 2.93 -3.20 38.67
N GLN E 122 3.08 -1.88 38.78
CA GLN E 122 3.08 -1.23 40.09
C GLN E 122 1.74 -1.41 40.79
N HIS E 123 0.65 -1.24 40.05
CA HIS E 123 -0.68 -1.19 40.64
C HIS E 123 -1.57 -2.34 40.18
N ASN E 124 -0.97 -3.51 39.96
CA ASN E 124 -1.70 -4.74 39.67
C ASN E 124 -2.65 -4.56 38.48
N MET E 125 -2.11 -3.98 37.42
CA MET E 125 -2.88 -3.76 36.19
C MET E 125 -2.95 -4.98 35.30
N VAL E 126 -1.99 -5.89 35.40
CA VAL E 126 -1.92 -7.02 34.48
C VAL E 126 -1.86 -8.33 35.27
N ASP E 127 -1.93 -9.45 34.57
CA ASP E 127 -1.96 -10.75 35.23
C ASP E 127 -0.75 -11.63 34.92
N VAL E 128 -0.42 -11.84 33.65
CA VAL E 128 0.70 -12.69 33.26
C VAL E 128 1.58 -11.94 32.28
N LEU E 129 2.90 -12.05 32.48
CA LEU E 129 3.89 -11.46 31.58
C LEU E 129 4.78 -12.56 31.00
N VAL E 130 5.18 -12.36 29.74
CA VAL E 130 6.13 -13.24 29.07
C VAL E 130 7.23 -12.38 28.48
N THR E 131 8.42 -12.96 28.37
CA THR E 131 9.59 -12.20 27.94
C THR E 131 10.57 -13.12 27.24
N THR E 132 11.45 -12.52 26.45
CA THR E 132 12.54 -13.25 25.82
C THR E 132 13.73 -13.31 26.78
N ALA E 133 14.83 -13.91 26.31
CA ALA E 133 15.99 -14.09 27.17
C ALA E 133 16.60 -12.76 27.58
N GLY E 134 16.69 -11.82 26.66
CA GLY E 134 17.31 -10.55 26.98
C GLY E 134 16.43 -9.64 27.81
N GLY E 135 15.16 -9.99 27.99
CA GLY E 135 14.27 -9.14 28.76
C GLY E 135 14.50 -9.21 30.26
N VAL E 136 15.23 -10.20 30.72
CA VAL E 136 15.52 -10.37 32.14
C VAL E 136 16.89 -9.82 32.50
N GLU E 137 17.91 -10.15 31.71
CA GLU E 137 19.26 -9.70 32.00
C GLU E 137 19.37 -8.18 31.91
N GLU E 138 18.75 -7.58 30.89
CA GLU E 138 18.92 -6.15 30.67
C GLU E 138 18.36 -5.33 31.83
N ASP E 139 17.17 -5.68 32.31
CA ASP E 139 16.53 -4.90 33.37
C ASP E 139 17.34 -4.98 34.67
N LEU E 140 17.93 -6.14 34.93
CA LEU E 140 18.74 -6.30 36.14
C LEU E 140 19.94 -5.38 36.10
N ILE E 141 20.54 -5.21 34.91
CA ILE E 141 21.73 -4.38 34.79
C ILE E 141 21.43 -2.93 35.13
N LYS E 142 20.30 -2.42 34.63
CA LYS E 142 19.99 -1.01 34.76
C LYS E 142 19.93 -0.56 36.22
N CYS E 143 19.58 -1.47 37.13
CA CYS E 143 19.53 -1.12 38.53
C CYS E 143 20.92 -0.88 39.13
N LEU E 144 21.97 -1.41 38.51
CA LEU E 144 23.32 -1.28 39.03
C LEU E 144 24.12 -0.18 38.36
N ALA E 145 24.27 -0.22 37.04
CA ALA E 145 25.03 0.78 36.31
C ALA E 145 24.23 1.28 35.12
N PRO E 146 24.48 2.53 34.69
CA PRO E 146 23.60 3.13 33.67
C PRO E 146 23.97 2.79 32.23
N THR E 147 23.24 3.39 31.29
CA THR E 147 23.46 3.23 29.87
C THR E 147 23.42 4.60 29.20
N TYR E 148 24.22 4.76 28.14
CA TYR E 148 24.34 6.02 27.43
C TYR E 148 23.94 5.87 25.97
N LEU E 149 23.30 6.90 25.43
CA LEU E 149 22.84 6.91 24.04
C LEU E 149 23.99 7.06 23.06
N ASN E 165 28.78 -4.30 22.43
CA ASN E 165 28.54 -3.14 23.28
C ASN E 165 27.46 -2.24 22.70
N ARG E 166 26.88 -2.67 21.57
CA ARG E 166 25.85 -1.91 20.87
C ARG E 166 24.59 -2.75 20.74
N ILE E 167 23.46 -2.18 21.17
CA ILE E 167 22.16 -2.79 20.91
C ILE E 167 21.49 -2.15 19.70
N GLY E 168 21.85 -0.92 19.35
CA GLY E 168 21.22 -0.19 18.27
C GLY E 168 20.60 1.10 18.77
N ASN E 169 21.20 2.22 18.38
CA ASN E 169 20.81 3.55 18.83
C ASN E 169 21.02 3.72 20.33
N LEU E 170 21.65 2.73 20.97
CA LEU E 170 22.03 2.81 22.37
C LEU E 170 23.30 1.99 22.56
N LEU E 171 24.14 2.45 23.48
CA LEU E 171 25.45 1.85 23.69
C LEU E 171 25.62 1.47 25.16
N VAL E 172 26.05 0.23 25.40
CA VAL E 172 26.30 -0.26 26.75
C VAL E 172 27.80 -0.48 26.93
N PRO E 173 28.39 0.00 28.03
CA PRO E 173 29.83 -0.19 28.23
C PRO E 173 30.16 -1.66 28.46
N ASN E 174 31.38 -2.03 28.06
CA ASN E 174 31.85 -3.39 28.32
C ASN E 174 32.05 -3.61 29.82
N GLU E 175 32.53 -2.60 30.53
CA GLU E 175 32.74 -2.71 31.97
C GLU E 175 31.43 -2.89 32.73
N ASN E 176 30.31 -2.50 32.13
CA ASN E 176 29.02 -2.70 32.78
C ASN E 176 28.75 -4.17 33.08
N TYR E 177 29.20 -5.06 32.20
CA TYR E 177 28.93 -6.47 32.39
C TYR E 177 29.82 -7.10 33.46
N CYS E 178 30.92 -6.44 33.83
CA CYS E 178 31.79 -6.97 34.87
C CYS E 178 31.09 -6.97 36.22
N LYS E 179 30.31 -5.93 36.53
CA LYS E 179 29.67 -5.85 37.82
C LYS E 179 28.64 -6.95 38.01
N PHE E 180 27.93 -7.33 36.94
CA PHE E 180 26.97 -8.43 37.04
C PHE E 180 27.67 -9.73 37.41
N GLU E 181 28.90 -9.92 36.95
CA GLU E 181 29.65 -11.12 37.29
C GLU E 181 29.80 -11.26 38.80
N ASP E 182 30.30 -10.21 39.46
CA ASP E 182 30.63 -10.31 40.87
C ASP E 182 29.40 -10.47 41.76
N TRP E 183 28.20 -10.37 41.21
CA TRP E 183 26.97 -10.48 41.97
C TRP E 183 26.19 -11.77 41.70
N LEU E 184 26.43 -12.43 40.56
CA LEU E 184 25.61 -13.58 40.20
C LEU E 184 26.04 -14.88 40.89
N MET E 185 27.34 -15.10 41.09
CA MET E 185 27.75 -16.34 41.74
C MET E 185 27.23 -16.48 43.17
N PRO E 186 27.28 -15.46 44.03
CA PRO E 186 26.78 -15.66 45.40
C PRO E 186 25.34 -16.19 45.46
N ILE E 187 24.45 -15.72 44.59
CA ILE E 187 23.08 -16.23 44.61
C ILE E 187 23.01 -17.61 43.94
N LEU E 188 23.75 -17.79 42.83
CA LEU E 188 23.74 -19.09 42.17
C LEU E 188 24.42 -20.15 43.01
N ASP E 189 25.46 -19.78 43.77
CA ASP E 189 26.14 -20.75 44.60
C ASP E 189 25.21 -21.34 45.65
N GLN E 190 24.34 -20.51 46.22
CA GLN E 190 23.39 -21.01 47.21
C GLN E 190 22.33 -21.88 46.58
N MET E 191 21.94 -21.58 45.33
CA MET E 191 20.80 -22.27 44.71
C MET E 191 21.05 -23.77 44.60
N VAL E 192 22.24 -24.16 44.16
CA VAL E 192 22.55 -25.58 44.03
C VAL E 192 22.54 -26.26 45.39
N MET E 193 22.95 -25.54 46.43
CA MET E 193 22.97 -26.12 47.78
C MET E 193 21.56 -26.49 48.24
N GLU E 194 20.57 -25.66 47.90
CA GLU E 194 19.19 -25.96 48.32
C GLU E 194 18.69 -27.25 47.68
N GLN E 195 19.00 -27.47 46.40
CA GLN E 195 18.49 -28.66 45.73
C GLN E 195 19.04 -29.94 46.36
N ASN E 196 20.32 -29.94 46.73
CA ASN E 196 20.92 -31.14 47.29
C ASN E 196 20.32 -31.49 48.65
N THR E 197 20.09 -30.49 49.50
CA THR E 197 19.72 -30.74 50.89
C THR E 197 18.30 -30.33 51.24
N GLU E 198 17.47 -29.99 50.26
CA GLU E 198 16.07 -29.69 50.57
C GLU E 198 15.08 -30.30 49.58
N GLY E 199 15.53 -30.80 48.44
CA GLY E 199 14.61 -31.45 47.51
C GLY E 199 13.58 -30.53 46.91
N VAL E 200 14.00 -29.36 46.45
CA VAL E 200 13.14 -28.41 45.79
C VAL E 200 13.42 -28.44 44.29
N LYS E 201 12.37 -28.46 43.49
CA LYS E 201 12.53 -28.44 42.05
C LYS E 201 12.60 -27.00 41.55
N TRP E 202 13.25 -26.83 40.40
CA TRP E 202 13.51 -25.50 39.86
C TRP E 202 12.93 -25.37 38.47
N THR E 203 12.30 -24.24 38.21
CA THR E 203 11.70 -23.90 36.93
C THR E 203 12.10 -22.47 36.61
N PRO E 204 12.10 -22.09 35.32
CA PRO E 204 12.47 -20.72 34.98
C PRO E 204 11.64 -19.66 35.70
N SER E 205 10.35 -19.92 35.89
CA SER E 205 9.50 -18.95 36.56
C SER E 205 9.99 -18.68 37.98
N LYS E 206 10.25 -19.74 38.74
CA LYS E 206 10.70 -19.57 40.11
C LYS E 206 12.07 -18.91 40.15
N MET E 207 12.96 -19.26 39.21
CA MET E 207 14.29 -18.66 39.20
C MET E 207 14.20 -17.17 38.94
N ILE E 208 13.33 -16.76 38.01
CA ILE E 208 13.13 -15.32 37.80
C ILE E 208 12.56 -14.68 39.05
N ALA E 209 11.58 -15.34 39.69
CA ALA E 209 11.01 -14.79 40.91
C ALA E 209 12.03 -14.67 42.03
N ARG E 210 12.96 -15.63 42.11
CA ARG E 210 14.00 -15.55 43.13
C ARG E 210 14.90 -14.35 42.91
N LEU E 211 15.22 -14.05 41.65
CA LEU E 211 16.16 -12.97 41.37
C LEU E 211 15.66 -11.63 41.87
N GLY E 212 14.35 -11.41 41.84
CA GLY E 212 13.81 -10.13 42.28
C GLY E 212 14.02 -9.88 43.75
N LYS E 213 13.94 -10.94 44.57
CA LYS E 213 14.01 -10.77 46.02
C LYS E 213 15.38 -10.36 46.51
N GLU E 214 16.42 -10.43 45.67
CA GLU E 214 17.75 -10.08 46.10
C GLU E 214 18.16 -8.66 45.74
N ILE E 215 17.47 -8.02 44.80
CA ILE E 215 17.82 -6.64 44.44
C ILE E 215 17.43 -5.70 45.57
N ASN E 216 16.17 -5.75 46.00
CA ASN E 216 15.63 -4.86 47.01
C ASN E 216 15.87 -3.40 46.61
N ASN E 217 15.25 -3.02 45.48
CA ASN E 217 15.34 -1.66 44.99
C ASN E 217 14.04 -1.41 44.24
N PRO E 218 13.41 -0.25 44.43
CA PRO E 218 12.08 0.00 43.87
C PRO E 218 12.08 0.49 42.43
N GLU E 219 13.18 0.38 41.69
CA GLU E 219 13.21 0.82 40.30
C GLU E 219 13.38 -0.33 39.32
N SER E 220 13.25 -1.58 39.77
CA SER E 220 13.40 -2.75 38.92
C SER E 220 12.05 -3.39 38.71
N VAL E 221 11.73 -3.72 37.45
CA VAL E 221 10.40 -4.24 37.14
C VAL E 221 10.17 -5.57 37.85
N TYR E 222 11.17 -6.45 37.82
CA TYR E 222 10.97 -7.78 38.38
C TYR E 222 10.93 -7.79 39.90
N TYR E 223 11.44 -6.75 40.54
CA TYR E 223 11.24 -6.65 41.99
C TYR E 223 9.77 -6.48 42.31
N TRP E 224 9.07 -5.68 41.53
CA TRP E 224 7.64 -5.47 41.76
C TRP E 224 6.80 -6.63 41.24
N ALA E 225 7.40 -7.56 40.51
CA ALA E 225 6.66 -8.75 40.08
C ALA E 225 6.32 -9.64 41.27
N GLN E 226 7.25 -9.78 42.21
CA GLN E 226 7.03 -10.68 43.34
C GLN E 226 6.11 -10.08 44.39
N LYS E 227 6.04 -8.74 44.50
CA LYS E 227 5.24 -8.13 45.54
C LYS E 227 3.75 -8.31 45.28
N ASN E 228 3.35 -8.78 44.10
CA ASN E 228 1.95 -9.03 43.80
C ASN E 228 1.71 -10.42 43.25
N HIS E 229 2.71 -11.30 43.29
CA HIS E 229 2.59 -12.67 42.78
C HIS E 229 2.14 -12.69 41.32
N ILE E 230 2.90 -11.97 40.49
CA ILE E 230 2.67 -11.90 39.05
C ILE E 230 3.75 -12.74 38.37
N PRO E 231 3.43 -13.91 37.85
CA PRO E 231 4.47 -14.76 37.26
C PRO E 231 5.08 -14.17 36.00
N VAL E 232 6.35 -14.47 35.79
CA VAL E 232 7.06 -14.10 34.56
C VAL E 232 7.57 -15.38 33.92
N PHE E 233 7.21 -15.58 32.65
CA PHE E 233 7.52 -16.81 31.93
C PHE E 233 8.47 -16.52 30.78
N SER E 234 9.38 -17.44 30.53
CA SER E 234 10.33 -17.31 29.44
C SER E 234 10.80 -18.68 29.01
N PRO E 235 10.48 -19.12 27.79
CA PRO E 235 10.82 -20.49 27.40
C PRO E 235 12.30 -20.70 27.14
N ALA E 236 12.94 -19.77 26.45
CA ALA E 236 14.36 -19.89 26.08
C ALA E 236 15.16 -18.93 26.95
N LEU E 237 15.65 -19.44 28.08
CA LEU E 237 16.44 -18.64 29.00
C LEU E 237 17.93 -18.88 28.89
N THR E 238 18.34 -19.98 28.27
CA THR E 238 19.77 -20.24 28.10
C THR E 238 20.43 -19.27 27.14
N ASP E 239 19.67 -18.66 26.24
CA ASP E 239 20.23 -17.67 25.34
C ASP E 239 20.57 -16.40 26.11
N GLY E 240 21.42 -15.58 25.50
CA GLY E 240 21.80 -14.33 26.12
C GLY E 240 22.87 -14.50 27.17
N SER E 241 23.19 -13.37 27.83
CA SER E 241 24.28 -13.36 28.78
C SER E 241 24.01 -14.22 30.01
N LEU E 242 22.75 -14.45 30.36
CA LEU E 242 22.45 -15.25 31.54
C LEU E 242 22.96 -16.68 31.37
N GLY E 243 22.75 -17.27 30.20
CA GLY E 243 23.25 -18.62 29.97
C GLY E 243 24.76 -18.68 29.95
N ASP E 244 25.40 -17.64 29.41
CA ASP E 244 26.85 -17.60 29.41
C ASP E 244 27.40 -17.61 30.82
N MET E 245 26.77 -16.87 31.73
CA MET E 245 27.20 -16.89 33.12
C MET E 245 26.90 -18.23 33.78
N ILE E 246 25.78 -18.87 33.41
CA ILE E 246 25.44 -20.15 33.99
C ILE E 246 26.47 -21.20 33.59
N PHE E 247 26.99 -21.10 32.36
CA PHE E 247 27.95 -22.08 31.87
C PHE E 247 29.15 -22.19 32.79
N PHE E 248 29.69 -21.06 33.25
CA PHE E 248 30.88 -21.08 34.07
C PHE E 248 30.65 -21.80 35.39
N HIS E 249 29.49 -21.56 36.01
CA HIS E 249 29.17 -22.24 37.26
C HIS E 249 29.08 -23.76 37.06
N SER E 250 28.73 -24.19 35.85
CA SER E 250 28.51 -25.60 35.60
C SER E 250 29.77 -26.44 35.80
N TYR E 251 30.95 -25.81 35.82
CA TYR E 251 32.18 -26.56 36.04
C TYR E 251 32.61 -26.56 37.50
N LYS E 252 32.51 -25.41 38.18
CA LYS E 252 32.98 -25.33 39.55
C LYS E 252 32.11 -26.17 40.49
N ASN E 253 30.80 -26.01 40.41
CA ASN E 253 29.86 -26.72 41.27
C ASN E 253 28.76 -27.29 40.39
N PRO E 254 28.97 -28.45 39.78
CA PRO E 254 27.98 -29.00 38.85
C PRO E 254 26.76 -29.52 39.58
N GLY E 255 25.63 -29.50 38.86
CA GLY E 255 24.44 -30.12 39.39
C GLY E 255 23.13 -29.40 39.12
N LEU E 256 23.18 -28.19 38.59
CA LEU E 256 21.95 -27.43 38.39
C LEU E 256 21.11 -28.07 37.29
N VAL E 257 19.80 -28.17 37.53
CA VAL E 257 18.87 -28.72 36.56
C VAL E 257 17.64 -27.80 36.51
N LEU E 258 17.21 -27.47 35.30
CA LEU E 258 16.06 -26.61 35.09
C LEU E 258 15.06 -27.33 34.19
N ASP E 259 13.80 -27.39 34.61
CA ASP E 259 12.77 -28.10 33.89
C ASP E 259 11.89 -27.14 33.11
N ILE E 260 11.42 -27.58 31.95
CA ILE E 260 10.52 -26.78 31.14
C ILE E 260 9.13 -27.38 31.01
N VAL E 261 8.93 -28.62 31.45
CA VAL E 261 7.61 -29.25 31.31
C VAL E 261 6.61 -28.60 32.27
N GLU E 262 7.08 -28.11 33.41
CA GLU E 262 6.16 -27.50 34.38
C GLU E 262 5.72 -26.11 33.94
N ASP E 263 6.57 -25.38 33.21
CA ASP E 263 6.20 -24.04 32.77
C ASP E 263 5.00 -24.08 31.83
N LEU E 264 4.99 -25.04 30.91
CA LEU E 264 3.84 -25.20 30.03
C LEU E 264 2.58 -25.49 30.83
N ARG E 265 2.71 -26.36 31.83
CA ARG E 265 1.56 -26.67 32.67
C ARG E 265 1.03 -25.42 33.36
N LEU E 266 1.93 -24.63 33.96
CA LEU E 266 1.49 -23.45 34.67
C LEU E 266 0.77 -22.48 33.74
N ILE E 267 1.38 -22.18 32.58
CA ILE E 267 0.77 -21.21 31.68
C ILE E 267 -0.58 -21.70 31.17
N ASN E 268 -0.68 -23.00 30.86
CA ASN E 268 -1.91 -23.47 30.26
C ASN E 268 -3.04 -23.56 31.29
N THR E 269 -2.75 -23.98 32.52
CA THR E 269 -3.78 -23.94 33.54
C THR E 269 -4.16 -22.51 33.92
N GLN E 270 -3.23 -21.57 33.81
CA GLN E 270 -3.63 -20.17 33.98
C GLN E 270 -4.56 -19.73 32.86
N ALA E 271 -4.37 -20.28 31.66
CA ALA E 271 -5.22 -19.89 30.53
C ALA E 271 -6.62 -20.49 30.63
N ILE E 272 -6.74 -21.76 31.00
CA ILE E 272 -8.03 -22.45 30.85
C ILE E 272 -9.06 -21.98 31.87
N PHE E 273 -8.65 -21.62 33.09
CA PHE E 273 -9.57 -21.33 34.18
C PHE E 273 -9.92 -19.86 34.29
N ALA E 274 -10.02 -19.15 33.18
CA ALA E 274 -10.33 -17.72 33.18
C ALA E 274 -11.64 -17.48 32.45
N LYS E 275 -12.47 -16.60 33.02
CA LYS E 275 -13.76 -16.30 32.39
C LYS E 275 -13.57 -15.52 31.09
N CYS E 276 -12.77 -14.46 31.12
CA CYS E 276 -12.48 -13.66 29.93
C CYS E 276 -10.99 -13.40 29.86
N THR E 277 -10.48 -13.33 28.63
CA THR E 277 -9.05 -13.20 28.39
C THR E 277 -8.78 -12.05 27.43
N GLY E 278 -7.56 -11.53 27.50
CA GLY E 278 -7.16 -10.44 26.63
C GLY E 278 -5.69 -10.55 26.29
N MET E 279 -5.35 -10.10 25.09
CA MET E 279 -3.99 -10.22 24.57
C MET E 279 -3.48 -8.85 24.15
N ILE E 280 -2.32 -8.47 24.67
CA ILE E 280 -1.64 -7.26 24.25
C ILE E 280 -0.16 -7.60 24.13
N ILE E 281 0.31 -7.84 22.91
CA ILE E 281 1.69 -8.27 22.68
C ILE E 281 2.39 -7.24 21.81
N LEU E 282 3.57 -6.81 22.26
CA LEU E 282 4.36 -5.80 21.58
C LEU E 282 5.57 -6.48 20.98
N GLY E 283 5.60 -6.56 19.65
CA GLY E 283 6.70 -7.19 18.97
C GLY E 283 6.40 -8.64 18.61
N GLY E 284 7.07 -9.11 17.56
CA GLY E 284 6.90 -10.48 17.11
C GLY E 284 8.05 -11.39 17.53
N GLY E 285 7.87 -12.67 17.27
CA GLY E 285 8.88 -13.65 17.60
C GLY E 285 8.33 -14.88 18.30
N VAL E 286 9.11 -15.43 19.23
CA VAL E 286 8.68 -16.62 19.96
C VAL E 286 7.50 -16.29 20.86
N VAL E 287 7.47 -15.08 21.44
CA VAL E 287 6.43 -14.72 22.38
C VAL E 287 5.05 -14.80 21.72
N LYS E 288 4.94 -14.35 20.48
CA LYS E 288 3.66 -14.36 19.78
C LYS E 288 3.09 -15.76 19.70
N HIS E 289 3.88 -16.70 19.17
CA HIS E 289 3.40 -18.06 19.02
C HIS E 289 3.18 -18.73 20.36
N HIS E 290 4.00 -18.38 21.36
CA HIS E 290 3.83 -18.99 22.68
C HIS E 290 2.49 -18.61 23.28
N ILE E 291 2.15 -17.32 23.26
CA ILE E 291 0.87 -16.90 23.80
C ILE E 291 -0.27 -17.48 22.98
N ALA E 292 -0.12 -17.50 21.65
CA ALA E 292 -1.19 -18.02 20.81
C ALA E 292 -1.47 -19.48 21.11
N ASN E 293 -0.42 -20.30 21.24
CA ASN E 293 -0.63 -21.72 21.51
C ASN E 293 -1.09 -21.96 22.93
N ALA E 294 -0.67 -21.11 23.88
CA ALA E 294 -1.18 -21.24 25.23
C ALA E 294 -2.67 -20.97 25.27
N ASN E 295 -3.14 -20.01 24.47
CA ASN E 295 -4.54 -19.69 24.39
C ASN E 295 -5.26 -20.49 23.31
N LEU E 296 -4.59 -21.47 22.71
CA LEU E 296 -5.24 -22.30 21.69
C LEU E 296 -6.38 -23.10 22.30
N MET E 297 -6.20 -23.62 23.50
CA MET E 297 -7.32 -24.17 24.24
C MET E 297 -8.29 -23.05 24.64
N ARG E 298 -9.37 -23.41 25.32
CA ARG E 298 -10.41 -22.41 25.70
C ARG E 298 -11.12 -21.90 24.45
N ASN E 299 -10.87 -22.55 23.31
CA ASN E 299 -11.59 -22.20 22.05
C ASN E 299 -11.41 -20.73 21.68
N GLY E 300 -10.21 -20.17 21.85
CA GLY E 300 -9.96 -18.80 21.35
C GLY E 300 -10.00 -17.71 22.41
N ALA E 301 -9.34 -16.58 22.13
CA ALA E 301 -9.32 -15.45 23.07
C ALA E 301 -10.39 -14.44 22.68
N ASP E 302 -10.69 -13.50 23.57
CA ASP E 302 -11.74 -12.52 23.29
C ASP E 302 -11.19 -11.27 22.62
N TYR E 303 -10.30 -10.55 23.30
CA TYR E 303 -9.80 -9.27 22.84
C TYR E 303 -8.30 -9.34 22.60
N ALA E 304 -7.84 -8.72 21.52
CA ALA E 304 -6.43 -8.82 21.16
C ALA E 304 -6.00 -7.58 20.38
N VAL E 305 -4.82 -7.06 20.72
CA VAL E 305 -4.21 -5.94 20.04
C VAL E 305 -2.76 -6.28 19.74
N TYR E 306 -2.35 -6.12 18.49
CA TYR E 306 -0.98 -6.38 18.05
C TYR E 306 -0.32 -5.04 17.70
N ILE E 307 0.97 -4.93 18.00
CA ILE E 307 1.76 -3.77 17.60
C ILE E 307 3.13 -4.27 17.14
N ASN E 308 3.38 -4.19 15.84
CA ASN E 308 4.63 -4.67 15.25
C ASN E 308 4.78 -4.04 13.88
N THR E 309 5.94 -4.28 13.26
CA THR E 309 6.25 -3.68 11.96
C THR E 309 6.61 -4.73 10.92
N ALA E 310 6.23 -5.98 11.11
CA ALA E 310 6.60 -7.05 10.19
C ALA E 310 5.69 -7.04 8.96
N GLN E 311 6.02 -7.90 8.00
CA GLN E 311 5.25 -8.00 6.77
C GLN E 311 4.88 -9.45 6.51
N GLU E 312 3.84 -9.65 5.70
CA GLU E 312 3.22 -10.95 5.54
C GLU E 312 3.65 -11.70 4.29
N PHE E 313 4.64 -11.20 3.55
CA PHE E 313 5.06 -11.92 2.37
C PHE E 313 5.75 -13.24 2.71
N ASP E 314 6.25 -13.38 3.93
CA ASP E 314 6.82 -14.63 4.42
C ASP E 314 6.20 -14.93 5.78
N GLY E 315 6.05 -16.22 6.07
CA GLY E 315 5.43 -16.66 7.31
C GLY E 315 6.18 -16.20 8.54
N GLY E 319 4.80 -13.25 12.34
CA GLY E 319 4.58 -12.00 11.65
C GLY E 319 3.52 -12.10 10.57
N ALA E 320 2.26 -12.17 10.99
CA ALA E 320 1.14 -12.33 10.06
C ALA E 320 -0.02 -11.49 10.55
N ARG E 321 -1.01 -11.30 9.67
CA ARG E 321 -2.16 -10.51 10.00
C ARG E 321 -2.99 -11.20 11.09
N PRO E 322 -3.69 -10.42 11.92
CA PRO E 322 -4.51 -11.03 12.97
C PRO E 322 -5.62 -11.92 12.45
N ASP E 323 -6.08 -11.71 11.22
CA ASP E 323 -7.16 -12.52 10.68
C ASP E 323 -6.73 -13.96 10.47
N GLU E 324 -5.45 -14.20 10.21
CA GLU E 324 -4.99 -15.58 9.91
C GLU E 324 -5.10 -16.44 11.17
N ALA E 325 -4.97 -15.82 12.33
CA ALA E 325 -5.01 -16.57 13.61
C ALA E 325 -6.38 -17.24 13.76
N VAL E 326 -7.44 -16.60 13.26
CA VAL E 326 -8.82 -17.13 13.42
C VAL E 326 -8.92 -18.51 12.78
N SER E 327 -8.21 -18.74 11.68
CA SER E 327 -8.33 -20.04 10.96
C SER E 327 -7.94 -21.18 11.90
N TRP E 328 -6.89 -20.97 12.70
CA TRP E 328 -6.42 -22.02 13.66
C TRP E 328 -7.39 -22.10 14.85
N GLY E 329 -8.26 -21.11 15.02
CA GLY E 329 -9.16 -21.09 16.20
C GLY E 329 -8.51 -20.42 17.40
N LYS E 330 -7.33 -19.83 17.20
CA LYS E 330 -6.60 -19.14 18.30
C LYS E 330 -7.41 -17.95 18.82
N ILE E 331 -8.10 -17.21 17.94
CA ILE E 331 -8.97 -16.08 18.37
C ILE E 331 -10.42 -16.41 17.98
N ARG E 332 -11.40 -16.04 18.81
CA ARG E 332 -12.83 -16.41 18.57
C ARG E 332 -13.32 -15.89 17.21
N VAL E 333 -14.38 -16.52 16.68
CA VAL E 333 -14.92 -16.10 15.39
C VAL E 333 -15.73 -14.82 15.48
N ASP E 334 -16.20 -14.45 16.66
CA ASP E 334 -16.99 -13.24 16.85
C ASP E 334 -16.16 -12.05 17.34
N ALA E 335 -14.85 -12.18 17.36
CA ALA E 335 -13.98 -11.12 17.84
C ALA E 335 -13.51 -10.25 16.69
N GLN E 336 -12.96 -9.08 17.03
CA GLN E 336 -12.48 -8.10 16.07
C GLN E 336 -11.08 -7.65 16.47
N PRO E 337 -10.05 -8.40 16.07
CA PRO E 337 -8.68 -8.02 16.42
C PRO E 337 -8.26 -6.74 15.70
N VAL E 338 -7.28 -6.06 16.29
CA VAL E 338 -6.80 -4.78 15.79
C VAL E 338 -5.30 -4.86 15.57
N LYS E 339 -4.85 -4.39 14.42
CA LYS E 339 -3.46 -4.38 14.01
C LYS E 339 -2.97 -2.95 13.87
N VAL E 340 -1.71 -2.71 14.26
CA VAL E 340 -1.08 -1.41 14.13
C VAL E 340 0.33 -1.62 13.60
N TYR E 341 0.70 -0.87 12.57
CA TYR E 341 1.97 -1.06 11.88
C TYR E 341 2.92 0.12 12.07
N ALA E 342 3.00 0.62 13.30
CA ALA E 342 3.96 1.66 13.65
C ALA E 342 4.94 1.12 14.69
N ASP E 343 6.03 1.85 14.88
CA ASP E 343 7.03 1.45 15.85
C ASP E 343 6.48 1.54 17.27
N ALA E 344 6.98 0.68 18.14
CA ALA E 344 6.42 0.57 19.49
C ALA E 344 6.73 1.81 20.32
N SER E 345 7.93 2.37 20.18
CA SER E 345 8.36 3.45 21.05
C SER E 345 7.50 4.69 20.87
N LEU E 346 7.09 4.99 19.64
CA LEU E 346 6.38 6.22 19.34
C LEU E 346 4.87 6.07 19.53
N VAL E 347 4.38 4.88 19.89
CA VAL E 347 2.96 4.63 19.99
C VAL E 347 2.55 4.20 21.40
N PHE E 348 3.32 3.32 22.03
CA PHE E 348 2.87 2.73 23.29
C PHE E 348 2.66 3.75 24.40
N PRO E 349 3.56 4.71 24.66
CA PRO E 349 3.29 5.67 25.73
C PRO E 349 2.00 6.45 25.53
N LEU E 350 1.67 6.79 24.28
CA LEU E 350 0.41 7.48 24.03
C LEU E 350 -0.78 6.60 24.38
N LEU E 351 -0.70 5.32 24.00
CA LEU E 351 -1.82 4.41 24.29
C LEU E 351 -2.00 4.23 25.79
N VAL E 352 -0.90 4.10 26.53
CA VAL E 352 -1.00 3.94 27.98
C VAL E 352 -1.50 5.22 28.62
N ALA E 353 -1.04 6.36 28.14
CA ALA E 353 -1.39 7.65 28.73
C ALA E 353 -2.83 8.07 28.44
N GLU E 354 -3.54 7.35 27.58
CA GLU E 354 -4.92 7.71 27.24
C GLU E 354 -5.95 6.79 27.85
N THR E 355 -5.68 5.48 27.92
CA THR E 355 -6.65 4.51 28.41
C THR E 355 -6.42 4.16 29.88
N PHE E 356 -5.25 3.62 30.21
CA PHE E 356 -5.00 3.16 31.58
C PHE E 356 -4.87 4.34 32.53
N ALA E 357 -4.13 5.37 32.14
CA ALA E 357 -3.75 6.43 33.07
C ALA E 357 -4.95 7.21 33.57
N GLN E 358 -6.04 7.26 32.80
CA GLN E 358 -7.20 8.02 33.22
C GLN E 358 -7.87 7.45 34.46
N LYS E 359 -7.65 6.16 34.74
CA LYS E 359 -8.25 5.49 35.89
C LYS E 359 -7.14 5.00 36.81
N MET E 360 -6.90 5.72 37.90
CA MET E 360 -5.91 5.33 38.89
C MET E 360 -6.53 5.10 40.26
N ASP E 361 -7.41 5.98 40.70
CA ASP E 361 -8.07 5.81 41.99
C ASP E 361 -9.08 4.67 41.97
N ALA E 362 -9.50 4.22 40.79
CA ALA E 362 -10.43 3.11 40.71
C ALA E 362 -9.79 1.80 41.14
N PHE E 363 -8.46 1.74 41.13
CA PHE E 363 -7.74 0.55 41.55
C PHE E 363 -6.84 0.84 42.73
#